data_9MGE
#
_entry.id   9MGE
#
_cell.length_a   1.00
_cell.length_b   1.00
_cell.length_c   1.00
_cell.angle_alpha   90.00
_cell.angle_beta   90.00
_cell.angle_gamma   90.00
#
_symmetry.space_group_name_H-M   'P 1'
#
loop_
_entity.id
_entity.type
_entity.pdbx_description
1 polymer 'Outer membrane protein assembly factor BamA'
2 polymer 'Outer membrane protein assembly factor BamB'
3 polymer 'Outer membrane protein assembly factor BamC'
4 polymer 'Outer membrane protein assembly factor BamD'
5 polymer 'Outer membrane protein assembly factor BamE'
6 polymer 'Outer membrane protein assembly factor BamA'
7 polymer 'Unknown peptide'
#
loop_
_entity_poly.entity_id
_entity_poly.type
_entity_poly.pdbx_seq_one_letter_code
_entity_poly.pdbx_strand_id
1 'polypeptide(L)'
;AEGHHHHHHHHFVVKDIHFEGLQRVAVGAALLSMPVRTGDTVNDEDISNTIRALFATGNFEDVRVLRDGDTLLVQVKERP
TIASITFSGNKSVKDDMLKQNLEASGVRVGESLDRTTIADIEKGLEDFYYSVGKYSASVKAVVTPLPRNRVDLKLVFQEG
VSAEIQQINIVGNHAFTTDELISHFQLRDEVPWWNVVGDRKYQKQKLAGDLETLRSYYLDRGYARFNIDSTQVSLTPDKK
GIYVTVNITEGDQYKLSGVEVSGNLAGHSAEIEQLTKIEPGELYNGTKVTKMEDDIKKLLGRYGYAYPRVQSMPEINDAD
KTVKLRVNVDAGNRFYVRKIRFEGNDTSKDAVLRREMRQMEGAWLGSDLVDQGKERLNRLGFFETVDTDTQRVPGSPDQV
DVVYKVKERNTGSFNFGIGYGTESGVSFQAGVQQDNWLGTGYAVGINGTKNDYQTYAELSVTNPYFTVDGVSLGGRLFYN
DFQADDADLSDYTNKSYGTCVTLGFPINEYNSLRAGLGYVHNSLSNMQPQVAMWRYLYSMGEHPSTSDQDNSFKTDDFTF
NYGWTYNKLDRGYFPTDGSRVNLTGKVTIPGSDNEYYKVTLDTATYVPIDDDHKWVVLGRTRWGYGDGLGGKEMPFYENF
YAGGSSTVRGFQSNTIGPKAVYFPHQASNYDPDYDYECATQDGAKDLCKSDDAVGGNAMAVASLEFITPTPFISDKYANS
VRTSFFWDMGTVWDTNWDSSQYSGYPDYSDPSNIRMSAGIALQWMSPLGPLVFSYAQPFKKYDGDKAEQFQFNIGKTW
;
A
2 'polypeptide(L)'
;MQLRKLLLPGLLSVTLLSGCSLFNSEEDVVKMSPLPTVENQFTPTTAWSTSVGSGIGNFYSNLHPALADNVVYAADRAGL
VKALNADDGKEIWSVSLAEKDGWFSKEPALLSGGVTVSGGHVYIGSEKAQVYALNTSDGTVAWQTKVAGEALSRPVVSDG
LVLIHTSNGQLQALNEADGAVKWTVNLDMPSLSLRGESAPTTAFGAAVVGGDNGRVSAVLMEQGQMIWQQRISQATGSTE
IDRLSDVDTTPVVVNGVVFALAYNGNLTALDLRSGQIMWKRELGSVNDFIVDGNRIYLVDQNDRVMALTIDGGVTLWTQS
DLLHRLLTSPVLYNGNLVVGDSEGYLHWINVEDGRFVAQQKVDSSGFQTEPVAADGKLLIQAKDGTVYSITR
;
B
3 'polypeptide(L)'
;CSSDSRYKRQVSGDEAYLEAAPLAELHAPAGMILPVTSGDYAIPVTNGSGAVGKALDIRPPAQPLALVSGARTQFTGDTA
SLLVENGRGNTLWPQVVSVLQAKNYTITQRDDAGQTLTTDWVQWNRLDEDEQYRGRYQISVKPQGYQQAVTVKLLNLEQA
GKPVADAASMQRYSTEMMNVISAGLDKSATDAANAAQNRASTTMDVQSAADDTGLPMLVVRGPFNVVWQRLPAALEKVGM
KVTDSTRSQGNMAVTYKPLSDSDWQELGASDPGLASGDYKLQVGDLDNRSSLQFIDPKGHTLTQSQNDALVAVFQAAFSK
;
C
4 'polypeptide(L)'
;CSGSKEEVPDNPPNEIYATAQQKLQDGNWRQAITQLEALDNRYPFGPYSQQVQLDLIYAYYKNADLPLAQAAIDRFIRLN
PTHPNIDYVMYMRGLTNMALDDSALQGFFGVDRSDRDPQHARAAFSDFSKLVRGYPNSQYTTDATKRLVFLKDRLAKYEY
SVAEYYTERGAWVAVVNRVEGMLRDYPDTQATRDALPLMENAYRQMQMNAQAEKVAKIIAANSSNT
;
D
5 'polypeptide(L)'
;CSTLERVVYRPDINQGNYLTANDVSKIRVGMTQQQVAYALGTPLMSDPFGTNTWFYVFRQQPGHEGVTQQTLTLTFNSSG
VLTNIDNKPALSGN
;
E
6 'polypeptide(L)'
;AWSHPQFEKGGGSGGGSGGSAWSHPQFEKEGFVVKDIHFEGLQRVAVGAALLSMPVRTGDTVNDEDISNTIRALFATGNF
EDVRVLRDGDTLLVQVKERPTIASITFSGNKSVKDDMLKQNLEASGVRVGESLDRTTIADIEKGLEDFYYSVGKYSASVK
AVVTPLPRNRVDLKLVFQENTGSFNFGIGYGTESGVSFQAGVQQDNWLGTGYAVGINGTKNDYQTYAELSVTNPYFTVDG
VSLGGRLFYNDFQADDADLSDYTNKSYGTDVTLGFPINEYNSLRAGLGYVHNSLSNMQPQVAMWRYLYSMGEHPSTSDQD
NSFKTDDFTFNYGWTYNKLDRGYFPTDGSRVNLTGKVTIPGSDNEYYKVTLDTATYVPIDDDHKWVVLGRTRWGCGDGLG
GKEMPFYENFYAGGSSTVRGFQSNTIGPKAVYFPHQASNYDPDYDYECATQDGAKDLCKSDDAVGGNAMAVASLEFITPT
PFISDKYANSVRTSFFWDMGTVWDTNWDSSQYSGYPDYSDPSNIRMSAGIALQWMSPLGPLVFSYAQPFKKYDGDKAEQF
QFNIGKTW
;
F
7 'polypeptide(L)' (UNK)(UNK)(UNK)(UNK)(UNK)(UNK) G
#
# COMPACT_ATOMS: atom_id res chain seq x y z
N PHE A 12 -14.35 -33.42 59.10
CA PHE A 12 -15.21 -34.15 58.11
C PHE A 12 -14.37 -34.64 56.93
N VAL A 13 -14.75 -35.79 56.38
CA VAL A 13 -14.07 -36.38 55.24
C VAL A 13 -15.13 -36.76 54.20
N VAL A 14 -14.84 -36.48 52.94
CA VAL A 14 -15.76 -36.74 51.83
C VAL A 14 -15.29 -37.97 51.08
N LYS A 15 -16.19 -38.93 50.91
CA LYS A 15 -15.86 -40.20 50.27
C LYS A 15 -16.22 -40.27 48.80
N ASP A 16 -17.15 -39.44 48.34
CA ASP A 16 -17.53 -39.42 46.93
C ASP A 16 -18.07 -38.06 46.55
N ILE A 17 -17.94 -37.72 45.27
CA ILE A 17 -18.40 -36.44 44.72
C ILE A 17 -19.33 -36.73 43.56
N HIS A 18 -20.48 -36.07 43.54
CA HIS A 18 -21.50 -36.25 42.51
C HIS A 18 -21.54 -35.05 41.58
N PHE A 19 -21.58 -35.33 40.27
CA PHE A 19 -21.78 -34.31 39.25
C PHE A 19 -22.71 -34.86 38.18
N GLU A 20 -23.46 -33.96 37.55
CA GLU A 20 -24.24 -34.29 36.36
C GLU A 20 -24.16 -33.15 35.36
N GLY A 21 -24.34 -33.49 34.09
CA GLY A 21 -24.11 -32.55 33.00
C GLY A 21 -22.75 -32.68 32.37
N LEU A 22 -21.79 -31.89 32.83
CA LEU A 22 -20.41 -31.95 32.37
C LEU A 22 -20.31 -31.74 30.87
N GLN A 23 -21.15 -30.86 30.33
CA GLN A 23 -21.27 -30.75 28.89
C GLN A 23 -19.96 -30.26 28.27
N ARG A 24 -19.34 -29.25 28.88
CA ARG A 24 -18.07 -28.72 28.42
C ARG A 24 -16.86 -29.49 28.97
N VAL A 25 -16.91 -29.93 30.23
CA VAL A 25 -15.72 -30.46 30.91
C VAL A 25 -16.11 -31.63 31.79
N ALA A 26 -15.32 -32.70 31.71
CA ALA A 26 -15.55 -33.94 32.45
C ALA A 26 -15.32 -33.76 33.95
N VAL A 27 -15.94 -34.67 34.72
CA VAL A 27 -15.81 -34.65 36.17
C VAL A 27 -14.34 -34.74 36.58
N GLY A 28 -13.60 -35.67 35.96
CA GLY A 28 -12.21 -35.85 36.32
C GLY A 28 -11.37 -34.61 36.09
N ALA A 29 -11.64 -33.88 35.00
CA ALA A 29 -10.93 -32.63 34.76
C ALA A 29 -11.29 -31.57 35.80
N ALA A 30 -12.54 -31.53 36.22
CA ALA A 30 -12.93 -30.67 37.34
C ALA A 30 -12.23 -31.08 38.63
N LEU A 31 -12.28 -32.37 38.97
CA LEU A 31 -11.69 -32.83 40.23
C LEU A 31 -10.19 -32.58 40.29
N LEU A 32 -9.48 -32.76 39.17
CA LEU A 32 -8.06 -32.41 39.17
C LEU A 32 -7.85 -30.90 39.22
N SER A 33 -8.77 -30.12 38.64
CA SER A 33 -8.68 -28.68 38.75
C SER A 33 -9.03 -28.21 40.16
N MET A 34 -9.93 -28.90 40.84
CA MET A 34 -10.33 -28.49 42.18
C MET A 34 -9.18 -28.72 43.16
N PRO A 35 -9.06 -27.86 44.18
CA PRO A 35 -7.94 -28.02 45.13
C PRO A 35 -8.09 -29.20 46.06
N VAL A 36 -9.31 -29.51 46.50
CA VAL A 36 -9.57 -30.65 47.37
C VAL A 36 -10.41 -31.66 46.61
N ARG A 37 -10.15 -32.95 46.87
CA ARG A 37 -10.63 -34.02 46.03
C ARG A 37 -11.16 -35.15 46.91
N THR A 38 -11.80 -36.11 46.25
CA THR A 38 -12.36 -37.27 46.94
C THR A 38 -11.34 -37.91 47.88
N GLY A 39 -11.76 -38.13 49.12
CA GLY A 39 -10.89 -38.66 50.16
C GLY A 39 -10.19 -37.64 51.02
N ASP A 40 -10.27 -36.35 50.67
CA ASP A 40 -9.62 -35.32 51.46
C ASP A 40 -10.47 -34.95 52.67
N THR A 41 -9.81 -34.47 53.72
CA THR A 41 -10.49 -33.72 54.76
C THR A 41 -10.95 -32.37 54.21
N VAL A 42 -12.24 -32.08 54.33
CA VAL A 42 -12.82 -30.88 53.76
C VAL A 42 -13.88 -30.33 54.70
N ASN A 43 -14.16 -29.03 54.55
CA ASN A 43 -15.32 -28.39 55.17
C ASN A 43 -15.90 -27.40 54.16
N ASP A 44 -17.00 -26.75 54.56
CA ASP A 44 -17.73 -25.89 53.63
C ASP A 44 -16.84 -24.81 53.04
N GLU A 45 -15.84 -24.34 53.78
CA GLU A 45 -14.88 -23.41 53.20
C GLU A 45 -14.09 -24.05 52.07
N ASP A 46 -13.66 -25.30 52.25
CA ASP A 46 -12.95 -26.00 51.18
C ASP A 46 -13.87 -26.27 50.01
N ILE A 47 -15.12 -26.66 50.27
CA ILE A 47 -16.08 -26.89 49.20
C ILE A 47 -16.33 -25.60 48.43
N SER A 48 -16.46 -24.48 49.14
CA SER A 48 -16.58 -23.19 48.46
C SER A 48 -15.35 -22.87 47.62
N ASN A 49 -14.16 -23.25 48.11
CA ASN A 49 -12.95 -23.09 47.29
C ASN A 49 -12.99 -23.95 46.03
N THR A 50 -13.59 -25.14 46.10
CA THR A 50 -13.81 -25.91 44.88
C THR A 50 -14.76 -25.18 43.93
N ILE A 51 -15.80 -24.55 44.47
CA ILE A 51 -16.70 -23.76 43.63
C ILE A 51 -15.98 -22.59 43.00
N ARG A 52 -15.08 -21.94 43.75
CA ARG A 52 -14.22 -20.93 43.16
C ARG A 52 -13.34 -21.51 42.07
N ALA A 53 -12.86 -22.74 42.25
CA ALA A 53 -12.08 -23.39 41.21
C ALA A 53 -12.94 -23.69 39.98
N LEU A 54 -14.21 -24.04 40.18
CA LEU A 54 -15.13 -24.16 39.05
C LEU A 54 -15.29 -22.83 38.33
N PHE A 55 -15.42 -21.74 39.09
CA PHE A 55 -15.48 -20.42 38.48
C PHE A 55 -14.17 -20.04 37.80
N ALA A 56 -13.04 -20.48 38.35
CA ALA A 56 -11.75 -20.17 37.73
C ALA A 56 -11.58 -20.88 36.40
N THR A 57 -11.96 -22.15 36.31
CA THR A 57 -12.04 -22.79 34.99
C THR A 57 -13.16 -22.21 34.16
N GLY A 58 -14.21 -21.69 34.80
CA GLY A 58 -15.17 -20.86 34.12
C GLY A 58 -16.28 -21.60 33.40
N ASN A 59 -16.91 -22.57 34.06
CA ASN A 59 -18.11 -23.16 33.50
C ASN A 59 -19.31 -22.21 33.65
N PHE A 60 -19.91 -22.14 34.84
CA PHE A 60 -21.03 -21.24 35.08
C PHE A 60 -21.01 -20.83 36.55
N GLU A 61 -21.61 -19.66 36.82
CA GLU A 61 -21.62 -19.10 38.17
C GLU A 61 -22.73 -19.66 39.04
N ASP A 62 -23.81 -20.16 38.45
CA ASP A 62 -24.97 -20.63 39.21
C ASP A 62 -24.79 -22.10 39.57
N VAL A 63 -24.73 -22.37 40.87
CA VAL A 63 -24.47 -23.71 41.38
C VAL A 63 -25.30 -23.92 42.64
N ARG A 64 -25.62 -25.18 42.94
CA ARG A 64 -26.15 -25.57 44.23
C ARG A 64 -25.30 -26.68 44.82
N VAL A 65 -25.15 -26.66 46.14
CA VAL A 65 -24.30 -27.61 46.88
C VAL A 65 -25.06 -28.07 48.11
N LEU A 66 -24.94 -29.37 48.41
CA LEU A 66 -25.57 -29.96 49.58
C LEU A 66 -24.62 -30.94 50.24
N ARG A 67 -24.54 -30.89 51.57
CA ARG A 67 -23.95 -31.94 52.38
C ARG A 67 -25.05 -32.62 53.17
N ASP A 68 -25.16 -33.95 53.01
CA ASP A 68 -26.09 -34.73 53.80
C ASP A 68 -25.49 -36.06 54.24
N GLY A 69 -24.18 -36.26 54.08
CA GLY A 69 -23.57 -37.51 54.46
C GLY A 69 -22.09 -37.47 54.16
N ASP A 70 -21.50 -38.65 54.01
CA ASP A 70 -20.10 -38.75 53.61
C ASP A 70 -19.88 -38.43 52.13
N THR A 71 -20.90 -38.02 51.40
CA THR A 71 -20.78 -37.61 50.01
C THR A 71 -21.38 -36.22 49.83
N LEU A 72 -20.82 -35.46 48.89
CA LEU A 72 -21.30 -34.14 48.55
C LEU A 72 -22.00 -34.16 47.19
N LEU A 73 -23.11 -33.44 47.09
CA LEU A 73 -23.81 -33.23 45.83
C LEU A 73 -23.59 -31.79 45.37
N VAL A 74 -23.22 -31.62 44.10
CA VAL A 74 -23.10 -30.31 43.48
C VAL A 74 -23.71 -30.38 42.08
N GLN A 75 -24.46 -29.33 41.70
CA GLN A 75 -25.01 -29.20 40.37
C GLN A 75 -24.75 -27.79 39.84
N VAL A 76 -24.37 -27.71 38.56
CA VAL A 76 -24.18 -26.45 37.87
C VAL A 76 -25.34 -26.21 36.91
N LYS A 77 -25.86 -24.99 36.91
CA LYS A 77 -26.97 -24.60 36.04
C LYS A 77 -26.44 -24.20 34.67
N GLU A 78 -26.15 -25.22 33.85
CA GLU A 78 -25.63 -24.99 32.50
C GLU A 78 -26.59 -24.12 31.70
N ARG A 79 -26.05 -23.12 31.00
CA ARG A 79 -26.84 -22.18 30.22
C ARG A 79 -26.13 -21.86 28.91
N PRO A 80 -26.90 -21.63 27.83
CA PRO A 80 -26.30 -21.43 26.50
C PRO A 80 -25.12 -20.46 26.49
N THR A 81 -24.00 -20.91 25.93
CA THR A 81 -22.76 -20.15 25.94
C THR A 81 -21.93 -20.26 24.66
N ILE A 82 -22.18 -21.23 23.80
CA ILE A 82 -21.28 -21.59 22.70
C ILE A 82 -21.75 -20.84 21.45
N ALA A 83 -21.07 -19.74 21.12
CA ALA A 83 -21.64 -18.64 20.35
C ALA A 83 -21.18 -18.68 18.90
N SER A 84 -22.13 -18.50 17.98
CA SER A 84 -21.86 -18.11 16.60
C SER A 84 -21.96 -16.59 16.45
N ILE A 85 -21.03 -16.01 15.68
CA ILE A 85 -20.90 -14.57 15.52
C ILE A 85 -21.23 -14.15 14.09
N THR A 86 -22.00 -13.07 13.99
CA THR A 86 -22.40 -12.46 12.73
C THR A 86 -22.54 -10.98 12.97
N PHE A 87 -22.26 -10.18 11.94
CA PHE A 87 -22.40 -8.74 11.95
C PHE A 87 -23.19 -8.24 10.74
N SER A 88 -24.01 -7.22 10.98
CA SER A 88 -25.03 -6.73 10.06
C SER A 88 -24.47 -5.95 8.87
N GLY A 89 -23.27 -6.29 8.41
CA GLY A 89 -22.53 -5.44 7.50
C GLY A 89 -21.92 -4.19 8.09
N ASN A 90 -21.04 -3.58 7.30
CA ASN A 90 -20.08 -2.59 7.80
C ASN A 90 -19.73 -1.62 6.68
N LYS A 91 -20.29 -0.41 6.72
CA LYS A 91 -20.14 0.56 5.61
C LYS A 91 -18.81 1.32 5.63
N SER A 92 -17.93 1.10 6.60
CA SER A 92 -16.72 1.93 6.70
C SER A 92 -15.51 1.14 7.20
N VAL A 93 -15.61 -0.18 7.28
CA VAL A 93 -14.50 -1.04 7.64
C VAL A 93 -14.65 -2.33 6.82
N LYS A 94 -13.52 -2.95 6.52
CA LYS A 94 -13.53 -4.21 5.77
C LYS A 94 -13.95 -5.40 6.62
N ASP A 95 -14.66 -6.32 5.95
CA ASP A 95 -15.20 -7.51 6.61
C ASP A 95 -14.13 -8.32 7.32
N ASP A 96 -12.98 -8.54 6.68
CA ASP A 96 -11.93 -9.32 7.31
C ASP A 96 -11.29 -8.58 8.49
N MET A 97 -11.13 -7.26 8.37
CA MET A 97 -10.63 -6.48 9.50
C MET A 97 -11.62 -6.50 10.67
N LEU A 98 -12.91 -6.36 10.37
CA LEU A 98 -13.93 -6.43 11.42
C LEU A 98 -13.87 -7.76 12.17
N LYS A 99 -13.91 -8.87 11.44
CA LYS A 99 -13.91 -10.18 12.08
C LYS A 99 -12.61 -10.46 12.82
N GLN A 100 -11.47 -10.05 12.27
CA GLN A 100 -10.22 -10.27 12.99
C GLN A 100 -10.10 -9.39 14.22
N ASN A 101 -10.63 -8.17 14.16
CA ASN A 101 -10.71 -7.34 15.35
C ASN A 101 -11.61 -7.97 16.41
N LEU A 102 -12.76 -8.51 15.99
CA LEU A 102 -13.62 -9.23 16.93
C LEU A 102 -12.91 -10.40 17.57
N GLU A 103 -12.24 -11.23 16.76
CA GLU A 103 -11.56 -12.40 17.32
C GLU A 103 -10.40 -11.99 18.22
N ALA A 104 -9.66 -10.95 17.83
CA ALA A 104 -8.59 -10.45 18.69
C ALA A 104 -9.15 -9.82 19.96
N SER A 105 -10.29 -9.13 19.85
CA SER A 105 -10.95 -8.59 21.03
C SER A 105 -11.36 -9.69 22.00
N GLY A 106 -11.78 -10.84 21.50
CA GLY A 106 -11.85 -12.02 22.33
C GLY A 106 -12.95 -13.01 22.01
N VAL A 107 -13.89 -12.66 21.14
CA VAL A 107 -15.04 -13.52 20.93
C VAL A 107 -14.66 -14.65 19.97
N ARG A 108 -13.83 -15.58 20.45
CA ARG A 108 -13.54 -16.81 19.73
C ARG A 108 -14.82 -17.56 19.40
N VAL A 109 -15.10 -17.71 18.11
CA VAL A 109 -16.29 -18.44 17.67
C VAL A 109 -16.32 -19.84 18.28
N GLY A 110 -17.45 -20.19 18.87
CA GLY A 110 -17.67 -21.49 19.49
C GLY A 110 -16.90 -21.78 20.75
N GLU A 111 -16.27 -20.78 21.38
CA GLU A 111 -15.61 -21.02 22.65
C GLU A 111 -16.59 -20.79 23.81
N SER A 112 -16.81 -19.53 24.16
CA SER A 112 -17.79 -19.17 25.18
C SER A 112 -18.22 -17.73 24.94
N LEU A 113 -19.47 -17.40 25.32
CA LEU A 113 -20.00 -16.00 25.19
C LEU A 113 -20.96 -15.75 26.35
N ASP A 114 -20.95 -14.54 26.89
CA ASP A 114 -21.78 -14.18 28.03
C ASP A 114 -22.26 -12.75 27.87
N ARG A 115 -23.33 -12.41 28.58
CA ARG A 115 -23.87 -11.05 28.57
C ARG A 115 -22.83 -10.01 28.96
N THR A 116 -21.92 -10.36 29.88
CA THR A 116 -20.82 -9.48 30.21
C THR A 116 -19.83 -9.35 29.06
N THR A 117 -19.51 -10.47 28.41
CA THR A 117 -18.65 -10.41 27.23
C THR A 117 -19.33 -9.67 26.08
N ILE A 118 -20.66 -9.77 25.98
CA ILE A 118 -21.39 -9.01 24.97
C ILE A 118 -21.23 -7.51 25.20
N ALA A 119 -21.37 -7.07 26.45
CA ALA A 119 -21.08 -5.67 26.77
C ALA A 119 -19.64 -5.32 26.43
N ASP A 120 -18.69 -6.17 26.82
CA ASP A 120 -17.28 -5.92 26.53
C ASP A 120 -17.01 -5.75 25.03
N ILE A 121 -17.49 -6.69 24.22
CA ILE A 121 -17.25 -6.62 22.79
C ILE A 121 -17.93 -5.41 22.16
N GLU A 122 -19.15 -5.08 22.60
CA GLU A 122 -19.76 -3.82 22.20
C GLU A 122 -18.84 -2.62 22.44
N LYS A 123 -18.37 -2.45 23.67
CA LYS A 123 -17.47 -1.35 23.98
C LYS A 123 -16.15 -1.43 23.22
N GLY A 124 -15.60 -2.64 23.07
CA GLY A 124 -14.39 -2.79 22.27
C GLY A 124 -14.54 -2.36 20.82
N LEU A 125 -15.62 -2.79 20.18
CA LEU A 125 -15.90 -2.32 18.82
C LEU A 125 -16.20 -0.82 18.75
N GLU A 126 -16.95 -0.31 19.72
CA GLU A 126 -17.11 1.13 19.85
C GLU A 126 -15.76 1.85 19.89
N ASP A 127 -14.88 1.42 20.81
CA ASP A 127 -13.59 2.11 20.95
C ASP A 127 -12.75 1.96 19.69
N PHE A 128 -12.78 0.80 19.04
CA PHE A 128 -12.17 0.67 17.72
C PHE A 128 -12.73 1.69 16.74
N TYR A 129 -14.06 1.70 16.59
CA TYR A 129 -14.71 2.69 15.72
C TYR A 129 -14.27 4.11 16.05
N TYR A 130 -14.11 4.41 17.34
CA TYR A 130 -13.63 5.74 17.72
C TYR A 130 -12.16 5.91 17.37
N SER A 131 -11.36 4.85 17.50
CA SER A 131 -9.95 4.91 17.12
C SER A 131 -9.75 5.18 15.63
N VAL A 132 -10.57 4.57 14.76
CA VAL A 132 -10.52 4.93 13.35
C VAL A 132 -11.01 6.35 13.12
N GLY A 133 -11.90 6.85 13.96
CA GLY A 133 -12.29 8.26 13.94
C GLY A 133 -13.76 8.54 13.70
N LYS A 134 -14.64 7.53 13.64
CA LYS A 134 -16.08 7.77 13.57
C LYS A 134 -16.65 7.80 14.99
N TYR A 135 -16.17 8.79 15.74
CA TYR A 135 -16.45 8.94 17.17
C TYR A 135 -17.93 8.93 17.50
N SER A 136 -18.80 9.24 16.54
CA SER A 136 -20.25 9.20 16.77
C SER A 136 -20.84 7.79 16.77
N ALA A 137 -20.07 6.78 16.39
CA ALA A 137 -20.63 5.47 16.09
C ALA A 137 -21.18 4.78 17.35
N SER A 138 -22.13 3.86 17.13
CA SER A 138 -22.76 3.06 18.16
C SER A 138 -22.77 1.60 17.72
N VAL A 139 -22.53 0.69 18.67
CA VAL A 139 -22.57 -0.75 18.42
C VAL A 139 -23.57 -1.44 19.35
N LYS A 140 -24.47 -2.23 18.77
CA LYS A 140 -25.46 -3.02 19.49
C LYS A 140 -25.31 -4.50 19.14
N ALA A 141 -25.24 -5.35 20.16
CA ALA A 141 -25.06 -6.80 20.02
C ALA A 141 -26.22 -7.54 20.66
N VAL A 142 -26.78 -8.51 19.93
CA VAL A 142 -27.92 -9.31 20.37
C VAL A 142 -27.63 -10.78 20.13
N VAL A 143 -28.08 -11.63 21.06
CA VAL A 143 -27.88 -13.08 20.98
C VAL A 143 -29.23 -13.80 21.07
N THR A 144 -29.30 -14.96 20.42
CA THR A 144 -30.40 -15.90 20.56
C THR A 144 -29.88 -17.28 20.91
N PRO A 145 -30.67 -18.10 21.63
CA PRO A 145 -30.16 -19.40 22.09
C PRO A 145 -30.56 -20.58 21.21
N LEU A 146 -29.74 -21.64 21.22
CA LEU A 146 -29.85 -22.77 20.31
C LEU A 146 -29.60 -24.06 21.08
N PRO A 147 -30.23 -25.16 20.68
CA PRO A 147 -30.02 -26.43 21.38
C PRO A 147 -28.58 -26.90 21.37
N ARG A 148 -28.23 -27.67 22.40
CA ARG A 148 -26.86 -28.08 22.72
C ARG A 148 -26.00 -26.87 23.12
N ASN A 149 -26.53 -26.07 24.03
CA ASN A 149 -25.80 -24.99 24.70
C ASN A 149 -25.35 -23.89 23.75
N ARG A 150 -25.94 -23.79 22.57
CA ARG A 150 -25.44 -22.90 21.52
C ARG A 150 -26.21 -21.58 21.54
N VAL A 151 -25.53 -20.51 21.13
CA VAL A 151 -26.18 -19.23 20.86
C VAL A 151 -25.71 -18.69 19.51
N ASP A 152 -26.54 -17.85 18.92
CA ASP A 152 -26.18 -17.08 17.73
C ASP A 152 -26.15 -15.59 18.09
N LEU A 153 -25.06 -14.91 17.79
CA LEU A 153 -24.82 -13.50 18.21
C LEU A 153 -24.77 -12.60 16.98
N LYS A 154 -25.65 -11.62 16.85
CA LYS A 154 -25.64 -10.57 15.84
C LYS A 154 -25.27 -9.25 16.50
N LEU A 155 -24.36 -8.50 15.88
CA LEU A 155 -24.09 -7.12 16.25
C LEU A 155 -24.25 -6.17 15.06
N VAL A 156 -24.74 -4.96 15.35
CA VAL A 156 -25.17 -4.01 14.34
C VAL A 156 -24.64 -2.63 14.71
N PHE A 157 -24.32 -1.84 13.68
CA PHE A 157 -23.57 -0.60 13.82
C PHE A 157 -24.36 0.59 13.28
N GLN A 158 -24.22 1.74 13.96
CA GLN A 158 -24.66 3.02 13.45
C GLN A 158 -23.50 4.00 13.53
N GLU A 159 -23.35 4.84 12.51
CA GLU A 159 -22.30 5.85 12.53
C GLU A 159 -22.71 7.06 11.70
N GLY A 160 -22.16 8.22 12.07
CA GLY A 160 -22.16 9.38 11.19
C GLY A 160 -20.97 9.38 10.25
N VAL A 161 -20.92 10.42 9.41
CA VAL A 161 -19.69 10.73 8.68
C VAL A 161 -18.56 10.98 9.66
N SER A 162 -17.41 10.37 9.40
CA SER A 162 -16.23 10.59 10.23
C SER A 162 -15.81 12.06 10.23
N ALA A 163 -15.35 12.51 11.41
CA ALA A 163 -15.33 13.94 11.73
C ALA A 163 -14.38 14.72 10.81
N GLU A 164 -14.80 15.92 10.43
CA GLU A 164 -13.98 16.83 9.64
C GLU A 164 -13.01 17.56 10.57
N ILE A 165 -11.71 17.47 10.28
CA ILE A 165 -10.75 18.37 10.91
C ILE A 165 -11.04 19.81 10.50
N GLN A 166 -11.22 20.68 11.49
CA GLN A 166 -11.25 22.11 11.29
C GLN A 166 -9.83 22.67 11.11
N GLN A 167 -9.64 23.95 11.42
CA GLN A 167 -8.35 24.61 11.24
C GLN A 167 -7.21 23.92 12.00
N ILE A 168 -6.29 23.34 11.24
CA ILE A 168 -4.94 23.10 11.74
C ILE A 168 -4.30 24.45 12.02
N ASN A 169 -3.77 24.62 13.24
CA ASN A 169 -3.08 25.86 13.57
C ASN A 169 -1.75 25.56 14.21
N ILE A 170 -0.73 26.31 13.79
CA ILE A 170 0.62 26.29 14.35
C ILE A 170 0.78 27.56 15.16
N VAL A 171 1.38 27.46 16.34
CA VAL A 171 1.56 28.63 17.19
C VAL A 171 2.98 28.68 17.72
N GLY A 172 3.48 29.91 17.88
CA GLY A 172 4.86 30.18 18.23
C GLY A 172 5.79 30.25 17.03
N ASN A 173 5.32 29.96 15.83
CA ASN A 173 6.13 30.14 14.64
C ASN A 173 6.27 31.60 14.27
N HIS A 174 7.44 31.95 13.72
CA HIS A 174 7.72 33.28 13.19
C HIS A 174 8.54 33.29 11.92
N ALA A 175 9.37 32.28 11.67
CA ALA A 175 10.16 32.21 10.44
C ALA A 175 9.30 32.04 9.21
N PHE A 176 8.15 31.38 9.34
CA PHE A 176 7.30 31.06 8.20
C PHE A 176 5.83 31.23 8.56
N THR A 177 5.04 31.64 7.56
CA THR A 177 3.61 31.84 7.76
C THR A 177 2.86 30.52 7.90
N THR A 178 1.81 30.54 8.72
CA THR A 178 1.09 29.33 9.09
C THR A 178 0.54 28.59 7.88
N ASP A 179 0.02 29.33 6.90
CA ASP A 179 -0.55 28.70 5.71
C ASP A 179 0.49 27.95 4.88
N GLU A 180 1.75 28.36 4.94
CA GLU A 180 2.78 27.60 4.23
C GLU A 180 3.17 26.31 4.96
N LEU A 181 3.10 26.30 6.29
CA LEU A 181 3.45 25.11 7.12
C LEU A 181 2.37 24.04 6.94
N ILE A 182 1.09 24.37 7.11
CA ILE A 182 0.01 23.40 7.05
C ILE A 182 -0.25 22.93 5.63
N SER A 183 0.12 23.73 4.62
CA SER A 183 -0.08 23.28 3.24
C SER A 183 0.75 22.05 2.92
N HIS A 184 1.87 21.84 3.61
CA HIS A 184 2.67 20.64 3.43
C HIS A 184 2.14 19.45 4.22
N PHE A 185 1.14 19.65 5.06
CA PHE A 185 0.54 18.52 5.75
C PHE A 185 -0.28 17.66 4.79
N GLN A 186 -0.47 16.41 5.17
CA GLN A 186 -1.39 15.53 4.47
C GLN A 186 -2.79 15.59 5.03
N LEU A 187 -2.93 15.99 6.29
CA LEU A 187 -4.18 16.57 6.76
C LEU A 187 -4.38 17.91 6.07
N ARG A 188 -5.64 18.31 5.93
CA ARG A 188 -5.94 19.57 5.26
C ARG A 188 -6.98 20.36 6.03
N ASP A 189 -6.77 21.68 6.08
CA ASP A 189 -7.78 22.60 6.58
C ASP A 189 -8.91 22.74 5.57
N GLU A 190 -8.59 23.09 4.33
CA GLU A 190 -9.57 23.35 3.28
C GLU A 190 -9.33 22.46 2.08
N VAL A 191 -10.43 22.04 1.46
CA VAL A 191 -10.41 21.46 0.11
C VAL A 191 -10.95 22.52 -0.84
N PRO A 192 -10.16 23.01 -1.80
CA PRO A 192 -10.68 24.06 -2.70
C PRO A 192 -11.84 23.62 -3.56
N TRP A 193 -12.37 24.57 -4.33
CA TRP A 193 -13.33 24.30 -5.41
C TRP A 193 -12.77 23.37 -6.47
N TRP A 194 -11.47 23.11 -6.46
CA TRP A 194 -10.79 22.31 -7.48
C TRP A 194 -9.84 21.34 -6.80
N ASN A 195 -9.56 20.23 -7.48
CA ASN A 195 -8.99 19.04 -6.86
C ASN A 195 -9.82 18.62 -5.64
N VAL A 196 -11.14 18.64 -5.82
CA VAL A 196 -12.12 18.34 -4.78
C VAL A 196 -12.05 16.90 -4.29
N VAL A 197 -11.16 16.10 -4.89
CA VAL A 197 -10.87 14.77 -4.38
C VAL A 197 -10.23 14.75 -3.00
N GLY A 198 -9.64 15.87 -2.56
CA GLY A 198 -9.17 15.94 -1.19
C GLY A 198 -10.28 15.77 -0.17
N ASP A 199 -9.89 15.44 1.05
CA ASP A 199 -10.84 15.16 2.12
C ASP A 199 -10.25 15.55 3.47
N ARG A 200 -11.15 15.87 4.41
CA ARG A 200 -10.81 16.30 5.76
C ARG A 200 -10.74 15.14 6.77
N LYS A 201 -10.37 13.95 6.31
CA LYS A 201 -10.30 12.77 7.16
C LYS A 201 -9.08 12.85 8.09
N TYR A 202 -9.32 13.03 9.38
CA TYR A 202 -8.27 12.87 10.39
C TYR A 202 -7.78 11.43 10.45
N GLN A 203 -6.46 11.26 10.58
CA GLN A 203 -5.85 9.93 10.81
C GLN A 203 -4.84 10.20 11.92
N LYS A 204 -4.79 9.38 12.96
CA LYS A 204 -3.86 9.57 14.07
C LYS A 204 -2.41 9.33 13.63
N GLN A 205 -2.19 8.24 12.88
CA GLN A 205 -0.84 7.85 12.42
C GLN A 205 -0.34 8.88 11.41
N LYS A 206 -1.21 9.53 10.62
CA LYS A 206 -0.78 10.52 9.65
C LYS A 206 -0.51 11.87 10.31
N LEU A 207 -1.27 12.23 11.35
CA LEU A 207 -0.93 13.40 12.16
C LEU A 207 0.49 13.30 12.71
N ALA A 208 0.85 12.16 13.27
CA ALA A 208 2.22 11.97 13.76
C ALA A 208 3.25 12.10 12.64
N GLY A 209 2.95 11.55 11.47
CA GLY A 209 3.82 11.73 10.32
C GLY A 209 3.93 13.17 9.88
N ASP A 210 2.86 13.95 10.08
CA ASP A 210 2.79 15.38 9.71
C ASP A 210 3.63 16.21 10.68
N LEU A 211 3.71 15.82 11.96
CA LEU A 211 4.66 16.42 12.89
C LEU A 211 6.10 16.14 12.50
N GLU A 212 6.39 14.91 12.07
CA GLU A 212 7.71 14.61 11.54
C GLU A 212 7.99 15.43 10.29
N THR A 213 6.97 15.72 9.49
CA THR A 213 7.17 16.57 8.31
C THR A 213 7.43 18.01 8.72
N LEU A 214 6.71 18.50 9.73
CA LEU A 214 6.97 19.84 10.25
C LEU A 214 8.37 19.95 10.85
N ARG A 215 8.75 18.98 11.68
CA ARG A 215 10.10 18.95 12.23
C ARG A 215 11.16 18.93 11.13
N SER A 216 11.00 18.05 10.14
CA SER A 216 11.99 17.96 9.07
C SER A 216 12.07 19.26 8.26
N TYR A 217 10.93 19.89 7.99
CA TYR A 217 10.95 21.15 7.26
C TYR A 217 11.78 22.21 7.98
N TYR A 218 11.58 22.38 9.28
CA TYR A 218 12.36 23.36 10.02
C TYR A 218 13.85 22.99 10.09
N LEU A 219 14.16 21.70 10.26
CA LEU A 219 15.55 21.28 10.23
C LEU A 219 16.16 21.48 8.84
N ASP A 220 15.38 21.21 7.79
CA ASP A 220 15.88 21.44 6.44
C ASP A 220 16.07 22.92 6.17
N ARG A 221 15.22 23.78 6.74
CA ARG A 221 15.45 25.22 6.67
C ARG A 221 16.58 25.68 7.59
N GLY A 222 17.12 24.79 8.41
CA GLY A 222 18.33 25.06 9.15
C GLY A 222 18.17 25.55 10.58
N TYR A 223 17.00 25.38 11.18
CA TYR A 223 16.79 25.75 12.59
C TYR A 223 17.21 24.59 13.50
N ALA A 224 18.53 24.41 13.60
CA ALA A 224 19.10 23.25 14.27
C ALA A 224 18.63 23.14 15.72
N ARG A 225 18.33 24.27 16.36
CA ARG A 225 17.88 24.27 17.75
C ARG A 225 16.38 23.95 17.88
N PHE A 226 15.70 23.79 16.76
CA PHE A 226 14.24 23.65 16.73
C PHE A 226 13.76 22.54 17.66
N ASN A 227 12.54 22.73 18.20
CA ASN A 227 11.90 21.71 19.02
C ASN A 227 10.38 21.88 18.88
N ILE A 228 9.69 20.79 18.54
CA ILE A 228 8.24 20.68 18.73
C ILE A 228 7.95 20.35 20.20
N ASP A 229 7.78 21.39 21.02
CA ASP A 229 7.70 21.16 22.45
C ASP A 229 6.40 20.49 22.88
N SER A 230 5.30 20.65 22.13
CA SER A 230 4.06 20.02 22.57
C SER A 230 3.01 20.07 21.45
N THR A 231 2.00 19.20 21.59
CA THR A 231 0.89 19.12 20.65
C THR A 231 -0.33 18.56 21.38
N GLN A 232 -1.52 18.97 20.91
CA GLN A 232 -2.75 18.34 21.39
C GLN A 232 -3.82 18.41 20.30
N VAL A 233 -4.75 17.45 20.36
CA VAL A 233 -5.86 17.32 19.42
C VAL A 233 -7.16 17.40 20.22
N SER A 234 -8.19 18.01 19.63
CA SER A 234 -9.45 18.19 20.35
C SER A 234 -10.65 17.94 19.45
N LEU A 235 -11.77 17.56 20.07
CA LEU A 235 -12.99 17.13 19.39
C LEU A 235 -14.15 17.99 19.88
N THR A 236 -14.97 18.48 18.95
CA THR A 236 -16.08 19.36 19.32
C THR A 236 -17.19 18.62 20.08
N PRO A 237 -18.02 19.36 20.83
CA PRO A 237 -19.04 18.72 21.67
C PRO A 237 -20.01 17.85 20.91
N ASP A 238 -20.43 18.25 19.71
CA ASP A 238 -21.29 17.40 18.91
C ASP A 238 -20.49 16.32 18.20
N LYS A 239 -19.24 16.16 18.60
CA LYS A 239 -18.46 14.95 18.37
C LYS A 239 -18.24 14.65 16.89
N LYS A 240 -18.26 15.71 16.06
CA LYS A 240 -18.20 15.56 14.61
C LYS A 240 -17.14 16.46 13.97
N GLY A 241 -16.40 17.24 14.76
CA GLY A 241 -15.35 18.08 14.22
C GLY A 241 -14.14 18.08 15.13
N ILE A 242 -12.96 18.17 14.51
CA ILE A 242 -11.68 18.00 15.18
C ILE A 242 -10.84 19.25 14.99
N TYR A 243 -10.08 19.62 16.03
CA TYR A 243 -9.05 20.65 15.96
C TYR A 243 -7.69 20.04 16.22
N VAL A 244 -6.67 20.55 15.52
CA VAL A 244 -5.28 20.12 15.72
C VAL A 244 -4.44 21.37 15.94
N THR A 245 -3.69 21.41 17.05
CA THR A 245 -2.84 22.54 17.37
C THR A 245 -1.45 22.06 17.78
N VAL A 246 -0.41 22.76 17.31
CA VAL A 246 0.98 22.36 17.47
C VAL A 246 1.79 23.57 17.95
N ASN A 247 2.58 23.38 19.00
CA ASN A 247 3.45 24.42 19.55
C ASN A 247 4.88 24.25 19.04
N ILE A 248 5.46 25.32 18.50
CA ILE A 248 6.84 25.35 18.05
C ILE A 248 7.67 26.27 18.94
N THR A 249 8.84 25.80 19.37
CA THR A 249 9.95 26.66 19.78
C THR A 249 10.99 26.66 18.65
N GLU A 250 11.14 27.79 17.96
CA GLU A 250 11.96 27.83 16.75
C GLU A 250 13.46 27.85 17.04
N GLY A 251 13.87 28.39 18.18
CA GLY A 251 15.27 28.71 18.37
C GLY A 251 15.76 29.76 17.38
N ASP A 252 16.87 29.45 16.70
CA ASP A 252 17.48 30.36 15.74
C ASP A 252 17.89 29.61 14.48
N GLN A 253 18.10 30.36 13.40
CA GLN A 253 18.72 29.83 12.19
C GLN A 253 20.23 29.66 12.40
N TYR A 254 20.76 28.52 11.94
CA TYR A 254 22.15 28.14 12.21
C TYR A 254 22.98 27.97 10.93
N LYS A 255 24.28 28.26 11.07
CA LYS A 255 25.28 28.07 10.02
C LYS A 255 26.12 26.82 10.31
N LEU A 256 26.38 26.02 9.27
CA LEU A 256 27.11 24.77 9.39
C LEU A 256 28.63 24.97 9.27
N SER A 257 29.36 24.56 10.31
CA SER A 257 30.81 24.42 10.27
C SER A 257 31.25 23.08 9.68
N GLY A 258 32.51 23.05 9.25
CA GLY A 258 33.03 21.89 8.53
C GLY A 258 32.96 20.59 9.33
N VAL A 259 32.58 19.52 8.62
CA VAL A 259 32.43 18.19 9.21
C VAL A 259 33.79 17.59 9.54
N GLU A 260 33.96 17.11 10.77
CA GLU A 260 35.10 16.29 11.15
C GLU A 260 34.68 14.83 11.28
N VAL A 261 35.39 13.94 10.60
CA VAL A 261 35.09 12.51 10.56
C VAL A 261 36.17 11.74 11.32
N SER A 262 35.75 10.76 12.11
CA SER A 262 36.67 9.99 12.94
C SER A 262 36.14 8.58 13.15
N GLY A 263 37.04 7.71 13.61
CA GLY A 263 36.76 6.30 13.86
C GLY A 263 37.45 5.37 12.88
N ASN A 264 37.14 4.08 13.05
CA ASN A 264 37.80 2.99 12.33
C ASN A 264 37.28 2.89 10.89
N LEU A 265 37.61 3.91 10.09
CA LEU A 265 37.46 3.80 8.64
C LEU A 265 38.50 2.82 8.09
N ALA A 266 38.02 1.73 7.50
CA ALA A 266 38.90 0.73 6.90
C ALA A 266 39.38 1.21 5.53
N GLY A 267 40.27 2.19 5.56
CA GLY A 267 40.63 2.92 4.35
C GLY A 267 39.54 3.84 3.85
N HIS A 268 39.63 4.13 2.55
CA HIS A 268 38.67 4.98 1.86
C HIS A 268 38.64 6.41 2.40
N SER A 269 39.51 6.72 3.37
CA SER A 269 39.41 7.98 4.08
C SER A 269 39.50 9.18 3.15
N ALA A 270 40.28 9.08 2.07
CA ALA A 270 40.34 10.16 1.10
C ALA A 270 39.01 10.37 0.39
N GLU A 271 38.26 9.30 0.14
CA GLU A 271 36.94 9.44 -0.47
C GLU A 271 35.91 9.90 0.56
N ILE A 272 36.01 9.40 1.79
CA ILE A 272 35.14 9.87 2.86
C ILE A 272 35.32 11.36 3.09
N GLU A 273 36.57 11.85 3.05
CA GLU A 273 36.81 13.29 3.10
C GLU A 273 36.09 14.03 1.99
N GLN A 274 36.31 13.61 0.74
CA GLN A 274 35.68 14.28 -0.39
C GLN A 274 34.17 14.30 -0.27
N LEU A 275 33.59 13.22 0.25
CA LEU A 275 32.14 13.16 0.42
C LEU A 275 31.62 14.06 1.53
N THR A 276 32.47 14.45 2.48
CA THR A 276 32.04 15.27 3.59
C THR A 276 32.50 16.73 3.53
N LYS A 277 33.33 17.11 2.56
CA LYS A 277 33.63 18.51 2.34
C LYS A 277 32.36 19.33 2.06
N ILE A 278 32.19 20.42 2.83
CA ILE A 278 31.05 21.37 2.68
C ILE A 278 31.62 22.77 2.95
N GLU A 279 31.26 23.80 2.16
CA GLU A 279 31.71 25.16 2.34
C GLU A 279 31.20 25.75 3.66
N PRO A 280 32.02 26.54 4.37
CA PRO A 280 31.61 27.04 5.69
C PRO A 280 30.54 28.12 5.67
N GLY A 281 30.03 28.52 4.50
CA GLY A 281 28.97 29.50 4.45
C GLY A 281 27.56 28.96 4.45
N GLU A 282 27.39 27.65 4.27
CA GLU A 282 26.06 27.09 4.11
C GLU A 282 25.31 27.07 5.44
N LEU A 283 23.99 27.18 5.35
CA LEU A 283 23.08 26.89 6.47
C LEU A 283 23.18 25.44 6.91
N TYR A 284 22.83 25.19 8.19
CA TYR A 284 22.51 23.83 8.61
C TYR A 284 21.34 23.28 7.81
N ASN A 285 21.28 21.95 7.69
CA ASN A 285 20.21 21.34 6.91
C ASN A 285 20.05 19.88 7.33
N GLY A 286 18.86 19.55 7.84
CA GLY A 286 18.61 18.20 8.32
C GLY A 286 18.76 17.13 7.25
N THR A 287 18.08 17.30 6.12
CA THR A 287 18.18 16.31 5.05
C THR A 287 19.58 16.25 4.44
N LYS A 288 20.36 17.33 4.52
CA LYS A 288 21.74 17.27 4.07
C LYS A 288 22.56 16.28 4.90
N VAL A 289 22.50 16.40 6.23
CA VAL A 289 23.26 15.49 7.08
C VAL A 289 22.78 14.05 6.93
N THR A 290 21.46 13.85 6.89
CA THR A 290 20.95 12.48 6.73
C THR A 290 21.30 11.91 5.37
N LYS A 291 21.20 12.71 4.31
CA LYS A 291 21.64 12.27 2.99
C LYS A 291 23.14 12.01 2.97
N MET A 292 23.92 12.91 3.60
CA MET A 292 25.36 12.70 3.69
C MET A 292 25.71 11.46 4.50
N GLU A 293 25.04 11.24 5.63
CA GLU A 293 25.27 10.03 6.40
C GLU A 293 24.90 8.78 5.62
N ASP A 294 23.79 8.82 4.88
CA ASP A 294 23.39 7.68 4.07
C ASP A 294 24.40 7.33 2.97
N ASP A 295 24.96 8.34 2.30
CA ASP A 295 26.03 8.05 1.33
C ASP A 295 27.23 7.38 1.98
N ILE A 296 27.59 7.79 3.20
CA ILE A 296 28.72 7.18 3.88
C ILE A 296 28.49 5.68 4.08
N LYS A 297 27.34 5.30 4.64
CA LYS A 297 27.10 3.89 4.88
C LYS A 297 26.89 3.12 3.58
N LYS A 298 26.29 3.74 2.56
CA LYS A 298 26.19 3.08 1.26
C LYS A 298 27.54 2.96 0.58
N LEU A 299 28.42 3.96 0.75
CA LEU A 299 29.77 3.86 0.20
C LEU A 299 30.54 2.71 0.84
N LEU A 300 30.46 2.61 2.17
CA LEU A 300 31.06 1.45 2.84
C LEU A 300 30.42 0.16 2.36
N GLY A 301 29.09 0.16 2.17
CA GLY A 301 28.43 -1.03 1.64
C GLY A 301 28.95 -1.47 0.28
N ARG A 302 29.18 -0.51 -0.61
CA ARG A 302 29.64 -0.85 -1.96
C ARG A 302 30.98 -1.58 -1.94
N TYR A 303 31.87 -1.24 -1.01
CA TYR A 303 33.12 -1.97 -0.86
C TYR A 303 32.98 -3.25 -0.04
N GLY A 304 31.77 -3.60 0.38
CA GLY A 304 31.51 -4.86 1.05
C GLY A 304 31.41 -4.81 2.56
N TYR A 305 31.47 -3.63 3.18
CA TYR A 305 31.23 -3.49 4.61
C TYR A 305 29.72 -3.36 4.83
N ALA A 306 29.04 -4.50 4.69
CA ALA A 306 27.58 -4.51 4.56
C ALA A 306 26.88 -3.98 5.81
N TYR A 307 27.50 -4.09 6.99
CA TYR A 307 26.90 -3.60 8.23
C TYR A 307 27.83 -2.60 8.91
N PRO A 308 27.99 -1.41 8.35
CA PRO A 308 28.77 -0.37 9.03
C PRO A 308 27.99 0.25 10.18
N ARG A 309 28.74 0.84 11.11
CA ARG A 309 28.17 1.66 12.18
C ARG A 309 28.56 3.11 11.91
N VAL A 310 27.55 3.98 11.83
CA VAL A 310 27.78 5.42 11.64
C VAL A 310 26.83 6.21 12.51
N GLN A 311 27.34 7.29 13.12
CA GLN A 311 26.54 8.24 13.88
C GLN A 311 26.97 9.66 13.56
N SER A 312 26.01 10.57 13.43
CA SER A 312 26.26 12.00 13.29
C SER A 312 25.76 12.76 14.51
N MET A 313 26.65 13.49 15.16
CA MET A 313 26.33 14.28 16.35
C MET A 313 26.54 15.77 16.06
N PRO A 314 25.50 16.62 16.18
CA PRO A 314 25.69 18.07 16.03
C PRO A 314 26.21 18.72 17.30
N GLU A 315 27.38 19.36 17.20
CA GLU A 315 27.90 20.24 18.26
C GLU A 315 27.36 21.66 18.07
N ILE A 316 26.15 21.88 18.57
CA ILE A 316 25.53 23.20 18.45
C ILE A 316 26.19 24.17 19.41
N ASN A 317 26.62 25.32 18.89
CA ASN A 317 27.09 26.42 19.72
C ASN A 317 25.92 27.32 20.13
N ASP A 318 26.11 28.02 21.25
CA ASP A 318 25.17 29.05 21.70
C ASP A 318 25.75 30.46 21.62
N ALA A 319 27.07 30.63 21.79
CA ALA A 319 27.65 31.96 21.78
C ALA A 319 27.61 32.59 20.39
N ASP A 320 27.59 31.77 19.35
CA ASP A 320 27.25 32.22 18.02
C ASP A 320 26.42 31.15 17.32
N LYS A 321 25.77 31.55 16.23
CA LYS A 321 24.81 30.68 15.55
C LYS A 321 25.49 29.67 14.65
N THR A 322 26.50 28.96 15.16
CA THR A 322 27.24 27.98 14.38
C THR A 322 27.07 26.60 15.00
N VAL A 323 27.11 25.57 14.15
CA VAL A 323 27.06 24.18 14.58
C VAL A 323 28.09 23.38 13.78
N LYS A 324 28.80 22.49 14.46
CA LYS A 324 29.74 21.58 13.82
C LYS A 324 29.24 20.15 13.98
N LEU A 325 29.13 19.44 12.86
CA LEU A 325 28.82 18.01 12.85
C LEU A 325 30.06 17.16 13.17
N ARG A 326 29.92 16.29 14.16
CA ARG A 326 30.87 15.21 14.41
C ARG A 326 30.28 13.89 13.87
N VAL A 327 30.98 13.26 12.94
CA VAL A 327 30.55 11.98 12.36
C VAL A 327 31.53 10.88 12.79
N ASN A 328 31.02 9.87 13.47
CA ASN A 328 31.81 8.73 13.93
C ASN A 328 31.44 7.49 13.14
N VAL A 329 32.45 6.81 12.58
CA VAL A 329 32.25 5.66 11.70
C VAL A 329 33.19 4.54 12.13
N ASP A 330 32.69 3.29 12.10
CA ASP A 330 33.54 2.12 12.01
C ASP A 330 32.98 1.14 11.00
N ALA A 331 33.88 0.55 10.19
CA ALA A 331 33.48 -0.27 9.06
C ALA A 331 32.99 -1.67 9.46
N GLY A 332 33.53 -2.24 10.53
CA GLY A 332 33.22 -3.62 10.90
C GLY A 332 33.77 -4.68 9.95
N ASN A 333 33.15 -5.86 10.00
CA ASN A 333 33.56 -7.01 9.20
C ASN A 333 33.06 -6.93 7.76
N ARG A 334 33.78 -7.60 6.87
CA ARG A 334 33.55 -7.53 5.42
C ARG A 334 32.73 -8.73 4.94
N PHE A 335 31.46 -8.74 5.31
CA PHE A 335 30.60 -9.92 5.18
C PHE A 335 30.60 -10.50 3.77
N TYR A 336 30.67 -11.83 3.70
CA TYR A 336 30.59 -12.61 2.46
C TYR A 336 29.26 -13.34 2.36
N VAL A 337 28.65 -13.31 1.17
CA VAL A 337 27.41 -14.03 0.89
C VAL A 337 27.75 -15.51 0.66
N ARG A 338 27.52 -16.33 1.69
CA ARG A 338 27.79 -17.76 1.61
C ARG A 338 26.64 -18.56 1.00
N LYS A 339 25.43 -17.99 0.93
CA LYS A 339 24.31 -18.63 0.26
C LYS A 339 23.38 -17.57 -0.29
N ILE A 340 22.75 -17.86 -1.44
CA ILE A 340 21.52 -17.21 -1.85
C ILE A 340 20.41 -18.27 -1.89
N ARG A 341 19.26 -17.95 -1.32
CA ARG A 341 18.08 -18.81 -1.41
C ARG A 341 16.90 -18.04 -1.98
N PHE A 342 16.06 -18.76 -2.72
CA PHE A 342 14.77 -18.26 -3.19
C PHE A 342 13.67 -19.13 -2.58
N GLU A 343 12.70 -18.49 -1.93
CA GLU A 343 11.65 -19.20 -1.23
C GLU A 343 10.30 -18.69 -1.70
N GLY A 344 9.34 -19.60 -1.83
CA GLY A 344 8.12 -19.32 -2.54
C GLY A 344 8.24 -19.40 -4.04
N ASN A 345 9.42 -19.75 -4.54
CA ASN A 345 9.66 -19.91 -5.97
C ASN A 345 9.07 -21.22 -6.47
N ASP A 346 7.79 -21.44 -6.20
CA ASP A 346 7.02 -22.46 -6.91
C ASP A 346 6.79 -22.01 -8.36
N THR A 347 6.62 -23.01 -9.24
CA THR A 347 6.20 -22.86 -10.63
C THR A 347 7.16 -22.02 -11.46
N SER A 348 8.33 -21.65 -10.93
CA SER A 348 9.33 -20.91 -11.68
C SER A 348 10.67 -21.63 -11.53
N LYS A 349 11.35 -21.83 -12.65
CA LYS A 349 12.72 -22.30 -12.62
C LYS A 349 13.58 -21.37 -11.77
N ASP A 350 14.47 -21.95 -10.96
CA ASP A 350 15.35 -21.14 -10.13
C ASP A 350 16.33 -20.33 -10.98
N ALA A 351 16.89 -20.94 -12.02
CA ALA A 351 17.74 -20.19 -12.94
C ALA A 351 17.02 -18.97 -13.51
N VAL A 352 15.69 -19.04 -13.64
CA VAL A 352 14.92 -17.90 -14.11
C VAL A 352 14.99 -16.72 -13.15
N LEU A 353 15.23 -16.96 -11.87
CA LEU A 353 15.52 -15.88 -10.95
C LEU A 353 17.02 -15.58 -10.83
N ARG A 354 17.85 -16.61 -10.61
CA ARG A 354 19.27 -16.37 -10.41
C ARG A 354 19.90 -15.64 -11.58
N ARG A 355 19.46 -15.92 -12.80
CA ARG A 355 20.01 -15.27 -13.97
C ARG A 355 19.76 -13.77 -14.00
N GLU A 356 18.72 -13.30 -13.32
CA GLU A 356 18.29 -11.90 -13.40
C GLU A 356 18.50 -11.15 -12.11
N MET A 357 18.59 -11.84 -10.98
CA MET A 357 19.12 -11.26 -9.76
C MET A 357 20.63 -11.04 -9.91
N ARG A 358 21.11 -9.93 -9.33
CA ARG A 358 22.39 -9.35 -9.70
C ARG A 358 23.53 -9.66 -8.73
N GLN A 359 23.26 -9.78 -7.44
CA GLN A 359 24.34 -10.02 -6.49
C GLN A 359 24.87 -11.44 -6.67
N MET A 360 26.17 -11.62 -6.49
CA MET A 360 26.84 -12.88 -6.78
C MET A 360 27.07 -13.68 -5.51
N GLU A 361 26.61 -14.92 -5.52
CA GLU A 361 26.88 -15.86 -4.43
C GLU A 361 28.37 -16.16 -4.33
N GLY A 362 28.85 -16.38 -3.11
CA GLY A 362 30.25 -16.63 -2.89
C GLY A 362 31.15 -15.43 -3.02
N ALA A 363 30.65 -14.24 -2.70
CA ALA A 363 31.41 -13.01 -2.85
C ALA A 363 31.00 -12.03 -1.77
N TRP A 364 31.74 -10.94 -1.68
CA TRP A 364 31.47 -9.92 -0.67
C TRP A 364 30.11 -9.27 -0.91
N LEU A 365 29.40 -9.00 0.19
CA LEU A 365 28.02 -8.54 0.19
C LEU A 365 27.95 -7.05 -0.14
N GLY A 366 27.77 -6.73 -1.41
CA GLY A 366 27.34 -5.40 -1.80
C GLY A 366 25.85 -5.21 -1.56
N SER A 367 25.49 -4.48 -0.50
CA SER A 367 24.08 -4.34 -0.16
C SER A 367 23.30 -3.56 -1.21
N ASP A 368 23.97 -2.69 -1.97
CA ASP A 368 23.32 -2.09 -3.13
C ASP A 368 23.06 -3.12 -4.23
N LEU A 369 23.94 -4.09 -4.38
CA LEU A 369 23.71 -5.16 -5.36
C LEU A 369 22.55 -6.06 -4.96
N VAL A 370 22.39 -6.33 -3.66
CA VAL A 370 21.21 -7.06 -3.21
C VAL A 370 19.93 -6.30 -3.53
N ASP A 371 19.93 -4.99 -3.26
CA ASP A 371 18.75 -4.19 -3.56
C ASP A 371 18.53 -4.02 -5.06
N GLN A 372 19.61 -3.94 -5.85
CA GLN A 372 19.46 -3.95 -7.29
C GLN A 372 18.89 -5.27 -7.80
N GLY A 373 19.22 -6.38 -7.14
CA GLY A 373 18.49 -7.62 -7.40
C GLY A 373 17.01 -7.49 -7.14
N LYS A 374 16.63 -6.96 -5.97
CA LYS A 374 15.22 -6.81 -5.64
C LYS A 374 14.47 -5.99 -6.68
N GLU A 375 15.11 -4.94 -7.21
CA GLU A 375 14.51 -4.17 -8.30
C GLU A 375 14.35 -5.02 -9.56
N ARG A 376 15.42 -5.70 -9.98
CA ARG A 376 15.36 -6.46 -11.23
C ARG A 376 14.36 -7.61 -11.17
N LEU A 377 14.17 -8.22 -10.00
CA LEU A 377 13.13 -9.24 -9.88
C LEU A 377 11.73 -8.65 -10.05
N ASN A 378 11.48 -7.47 -9.49
CA ASN A 378 10.21 -6.79 -9.74
C ASN A 378 10.01 -6.47 -11.22
N ARG A 379 11.06 -6.06 -11.91
CA ARG A 379 10.94 -5.78 -13.34
C ARG A 379 10.61 -7.01 -14.19
N LEU A 380 10.67 -8.22 -13.62
CA LEU A 380 10.09 -9.38 -14.30
C LEU A 380 8.58 -9.24 -14.37
N GLY A 381 7.96 -8.66 -13.34
CA GLY A 381 6.54 -8.72 -13.14
C GLY A 381 5.96 -10.05 -12.73
N PHE A 382 6.78 -11.10 -12.58
CA PHE A 382 6.24 -12.41 -12.24
C PHE A 382 5.70 -12.45 -10.81
N PHE A 383 6.11 -11.53 -9.95
CA PHE A 383 5.87 -11.62 -8.52
C PHE A 383 5.04 -10.43 -8.03
N GLU A 384 4.07 -10.75 -7.18
CA GLU A 384 3.28 -9.73 -6.49
C GLU A 384 4.17 -8.83 -5.65
N THR A 385 5.09 -9.42 -4.88
CA THR A 385 6.06 -8.66 -4.12
C THR A 385 7.36 -9.47 -4.08
N VAL A 386 8.48 -8.75 -4.01
CA VAL A 386 9.77 -9.37 -3.76
C VAL A 386 10.31 -8.93 -2.41
N ASP A 387 9.97 -9.66 -1.35
CA ASP A 387 10.55 -9.41 -0.05
C ASP A 387 11.99 -9.93 -0.02
N THR A 388 12.75 -9.47 0.97
CA THR A 388 14.16 -9.82 1.06
C THR A 388 14.57 -9.86 2.51
N ASP A 389 15.54 -10.71 2.81
CA ASP A 389 16.21 -10.73 4.11
C ASP A 389 17.66 -11.13 3.89
N THR A 390 18.53 -10.70 4.81
CA THR A 390 19.88 -11.20 4.91
C THR A 390 20.16 -11.60 6.35
N GLN A 391 20.62 -12.85 6.54
CA GLN A 391 20.73 -13.43 7.86
C GLN A 391 22.07 -14.13 8.01
N ARG A 392 22.70 -13.91 9.15
CA ARG A 392 24.02 -14.45 9.43
C ARG A 392 23.94 -15.91 9.84
N VAL A 393 24.85 -16.73 9.32
CA VAL A 393 24.82 -18.17 9.60
C VAL A 393 25.22 -18.40 11.06
N PRO A 394 24.51 -19.25 11.80
CA PRO A 394 24.82 -19.46 13.23
C PRO A 394 26.16 -20.13 13.45
N GLY A 395 26.93 -19.59 14.41
CA GLY A 395 28.29 -20.00 14.67
C GLY A 395 29.35 -19.42 13.78
N SER A 396 29.04 -18.44 12.93
CA SER A 396 30.05 -17.74 12.17
C SER A 396 29.90 -16.24 12.42
N PRO A 397 31.00 -15.51 12.60
CA PRO A 397 30.90 -14.05 12.71
C PRO A 397 30.76 -13.35 11.37
N ASP A 398 31.07 -14.02 10.26
CA ASP A 398 31.55 -13.34 9.06
C ASP A 398 30.72 -13.60 7.81
N GLN A 399 29.81 -14.56 7.82
CA GLN A 399 29.17 -15.05 6.59
C GLN A 399 27.66 -14.92 6.66
N VAL A 400 27.06 -14.59 5.53
CA VAL A 400 25.65 -14.23 5.45
C VAL A 400 24.97 -15.12 4.41
N ASP A 401 23.73 -15.51 4.70
CA ASP A 401 22.81 -16.04 3.68
C ASP A 401 21.86 -14.93 3.25
N VAL A 402 21.81 -14.67 1.95
CA VAL A 402 20.78 -13.82 1.35
C VAL A 402 19.60 -14.69 0.98
N VAL A 403 18.39 -14.24 1.27
CA VAL A 403 17.17 -14.93 0.84
C VAL A 403 16.22 -13.93 0.21
N TYR A 404 15.64 -14.29 -0.92
CA TYR A 404 14.55 -13.57 -1.56
C TYR A 404 13.27 -14.38 -1.39
N LYS A 405 12.20 -13.73 -0.91
CA LYS A 405 10.91 -14.37 -0.73
C LYS A 405 9.90 -13.74 -1.68
N VAL A 406 9.31 -14.56 -2.55
CA VAL A 406 8.45 -14.06 -3.63
C VAL A 406 7.06 -14.68 -3.53
N LYS A 407 6.06 -13.90 -3.90
CA LYS A 407 4.71 -14.39 -4.19
C LYS A 407 4.54 -14.49 -5.71
N GLU A 408 4.37 -15.70 -6.22
CA GLU A 408 4.04 -15.88 -7.63
C GLU A 408 2.78 -15.13 -8.04
N ARG A 409 2.92 -14.11 -8.87
CA ARG A 409 1.79 -13.50 -9.54
C ARG A 409 1.25 -14.44 -10.62
N ASN A 410 -0.07 -14.44 -10.80
CA ASN A 410 -0.70 -15.25 -11.85
C ASN A 410 -0.45 -14.59 -13.20
N THR A 411 0.67 -14.98 -13.82
CA THR A 411 1.26 -14.21 -14.91
C THR A 411 0.44 -14.28 -16.20
N GLY A 412 -0.17 -15.43 -16.49
CA GLY A 412 -0.88 -15.56 -17.75
C GLY A 412 -2.20 -14.84 -17.84
N SER A 413 -2.73 -14.80 -19.07
CA SER A 413 -4.09 -14.35 -19.35
C SER A 413 -4.67 -15.15 -20.51
N PHE A 414 -5.98 -15.38 -20.47
CA PHE A 414 -6.70 -16.10 -21.51
C PHE A 414 -7.99 -15.34 -21.80
N ASN A 415 -8.32 -15.21 -23.10
CA ASN A 415 -9.46 -14.37 -23.48
C ASN A 415 -10.13 -14.97 -24.71
N PHE A 416 -11.45 -14.79 -24.77
CA PHE A 416 -12.25 -15.18 -25.93
C PHE A 416 -13.42 -14.19 -26.02
N GLY A 417 -13.94 -13.95 -27.22
CA GLY A 417 -15.05 -13.03 -27.35
C GLY A 417 -15.73 -13.09 -28.70
N ILE A 418 -16.94 -12.53 -28.74
CA ILE A 418 -17.81 -12.54 -29.91
C ILE A 418 -18.49 -11.18 -30.03
N GLY A 419 -18.86 -10.81 -31.26
CA GLY A 419 -19.62 -9.60 -31.50
C GLY A 419 -20.65 -9.80 -32.59
N TYR A 420 -21.58 -8.85 -32.67
CA TYR A 420 -22.70 -8.93 -33.60
C TYR A 420 -23.19 -7.55 -34.00
N GLY A 421 -24.09 -7.56 -35.00
CA GLY A 421 -24.78 -6.39 -35.49
C GLY A 421 -24.93 -6.40 -36.99
N THR A 422 -26.17 -6.22 -37.46
CA THR A 422 -26.45 -6.36 -38.89
C THR A 422 -25.66 -5.37 -39.73
N GLU A 423 -25.38 -4.18 -39.19
CA GLU A 423 -24.60 -3.19 -39.90
C GLU A 423 -23.10 -3.44 -39.83
N SER A 424 -22.69 -4.53 -39.18
CA SER A 424 -21.26 -4.83 -39.00
C SER A 424 -20.91 -6.29 -39.22
N GLY A 425 -21.85 -7.21 -39.06
CA GLY A 425 -21.60 -8.62 -39.26
C GLY A 425 -21.05 -9.31 -38.03
N VAL A 426 -20.83 -10.62 -38.20
CA VAL A 426 -20.22 -11.42 -37.17
C VAL A 426 -18.82 -10.92 -36.83
N SER A 427 -18.47 -11.01 -35.55
CA SER A 427 -17.11 -10.77 -35.08
C SER A 427 -16.69 -11.89 -34.14
N PHE A 428 -15.43 -12.31 -34.25
CA PHE A 428 -14.89 -13.39 -33.45
C PHE A 428 -13.48 -13.01 -33.02
N GLN A 429 -13.15 -13.27 -31.76
CA GLN A 429 -11.84 -12.90 -31.22
C GLN A 429 -11.37 -13.92 -30.21
N ALA A 430 -10.05 -14.12 -30.15
CA ALA A 430 -9.45 -15.05 -29.19
C ALA A 430 -8.06 -14.55 -28.82
N GLY A 431 -7.49 -15.15 -27.78
CA GLY A 431 -6.18 -14.75 -27.28
C GLY A 431 -5.68 -15.58 -26.12
N VAL A 432 -4.37 -15.83 -26.05
CA VAL A 432 -3.77 -16.52 -24.90
C VAL A 432 -2.34 -16.03 -24.73
N GLN A 433 -2.03 -15.55 -23.52
CA GLN A 433 -0.72 -15.00 -23.18
C GLN A 433 -0.19 -15.68 -21.93
N GLN A 434 1.09 -16.07 -21.94
CA GLN A 434 1.70 -16.53 -20.69
C GLN A 434 3.18 -16.19 -20.69
N ASP A 435 3.50 -14.98 -20.24
CA ASP A 435 4.81 -14.70 -19.65
C ASP A 435 5.14 -15.74 -18.58
N ASN A 436 6.38 -16.24 -18.61
CA ASN A 436 6.82 -17.30 -17.70
C ASN A 436 6.17 -18.66 -18.01
N TRP A 437 6.16 -19.03 -19.28
CA TRP A 437 5.57 -20.27 -19.75
C TRP A 437 6.11 -21.49 -18.99
N LEU A 438 5.23 -22.15 -18.23
CA LEU A 438 5.60 -23.27 -17.35
C LEU A 438 6.76 -22.96 -16.42
N GLY A 439 7.03 -21.68 -16.18
CA GLY A 439 8.20 -21.28 -15.43
C GLY A 439 9.51 -21.27 -16.18
N THR A 440 9.50 -21.50 -17.50
CA THR A 440 10.75 -21.47 -18.23
C THR A 440 11.26 -20.05 -18.46
N GLY A 441 10.45 -19.06 -18.08
CA GLY A 441 10.68 -17.66 -18.41
C GLY A 441 10.52 -17.27 -19.86
N TYR A 442 10.24 -18.22 -20.76
CA TYR A 442 9.77 -17.83 -22.08
C TYR A 442 8.46 -17.07 -21.96
N ALA A 443 8.23 -16.14 -22.88
CA ALA A 443 6.95 -15.45 -23.01
C ALA A 443 6.32 -15.86 -24.33
N VAL A 444 5.29 -16.70 -24.27
CA VAL A 444 4.51 -17.09 -25.44
C VAL A 444 3.26 -16.22 -25.51
N GLY A 445 2.82 -15.90 -26.73
CA GLY A 445 1.60 -15.16 -26.93
C GLY A 445 0.93 -15.40 -28.27
N ILE A 446 -0.32 -15.84 -28.25
CA ILE A 446 -1.10 -16.10 -29.46
C ILE A 446 -2.30 -15.16 -29.47
N ASN A 447 -2.59 -14.62 -30.65
CA ASN A 447 -3.75 -13.76 -30.90
C ASN A 447 -4.42 -14.21 -32.18
N GLY A 448 -5.71 -13.88 -32.29
CA GLY A 448 -6.47 -14.24 -33.48
C GLY A 448 -7.81 -13.56 -33.51
N THR A 449 -8.15 -12.99 -34.67
CA THR A 449 -9.33 -12.17 -34.81
C THR A 449 -9.93 -12.38 -36.19
N LYS A 450 -11.26 -12.39 -36.26
CA LYS A 450 -11.97 -12.41 -37.53
C LYS A 450 -13.19 -11.51 -37.45
N ASN A 451 -13.44 -10.79 -38.54
CA ASN A 451 -14.70 -10.09 -38.75
C ASN A 451 -15.32 -10.58 -40.04
N ASP A 452 -16.17 -9.78 -40.67
CA ASP A 452 -16.74 -10.22 -41.94
C ASP A 452 -15.69 -10.25 -43.04
N TYR A 453 -14.53 -9.62 -42.82
CA TYR A 453 -13.66 -9.23 -43.90
C TYR A 453 -12.20 -9.51 -43.53
N GLN A 454 -11.74 -8.98 -42.40
CA GLN A 454 -10.36 -9.16 -41.96
C GLN A 454 -10.17 -10.49 -41.24
N THR A 455 -9.04 -11.15 -41.53
CA THR A 455 -8.54 -12.27 -40.74
C THR A 455 -7.14 -11.95 -40.22
N TYR A 456 -6.89 -12.26 -38.95
CA TYR A 456 -5.61 -12.03 -38.31
C TYR A 456 -5.26 -13.18 -37.38
N ALA A 457 -3.99 -13.56 -37.37
CA ALA A 457 -3.45 -14.52 -36.41
C ALA A 457 -2.02 -14.14 -36.10
N GLU A 458 -1.59 -14.31 -34.85
CA GLU A 458 -0.22 -14.03 -34.46
C GLU A 458 0.25 -15.07 -33.44
N LEU A 459 1.47 -15.56 -33.63
CA LEU A 459 2.13 -16.43 -32.66
C LEU A 459 3.53 -15.87 -32.40
N SER A 460 3.89 -15.69 -31.13
CA SER A 460 5.15 -15.07 -30.79
C SER A 460 5.79 -15.74 -29.58
N VAL A 461 7.11 -15.79 -29.58
CA VAL A 461 7.92 -16.38 -28.53
C VAL A 461 9.11 -15.46 -28.30
N THR A 462 9.39 -15.12 -27.05
CA THR A 462 10.67 -14.54 -26.68
C THR A 462 11.33 -15.34 -25.57
N ASN A 463 12.64 -15.53 -25.71
CA ASN A 463 13.50 -16.21 -24.73
C ASN A 463 14.52 -15.18 -24.26
N PRO A 464 14.22 -14.44 -23.19
CA PRO A 464 15.07 -13.29 -22.84
C PRO A 464 16.49 -13.66 -22.43
N TYR A 465 16.85 -14.94 -22.34
CA TYR A 465 18.21 -15.35 -22.02
C TYR A 465 18.65 -16.50 -22.93
N PHE A 466 18.73 -16.19 -24.23
CA PHE A 466 19.30 -17.13 -25.19
C PHE A 466 20.76 -17.37 -24.91
N THR A 467 21.46 -16.37 -24.37
CA THR A 467 22.81 -16.51 -23.86
C THR A 467 22.83 -15.95 -22.44
N VAL A 468 23.54 -16.62 -21.54
CA VAL A 468 23.41 -16.34 -20.11
C VAL A 468 23.71 -14.88 -19.77
N ASP A 469 24.37 -14.15 -20.67
CA ASP A 469 24.62 -12.73 -20.46
C ASP A 469 23.40 -11.84 -20.73
N GLY A 470 22.26 -12.43 -21.10
CA GLY A 470 21.04 -11.66 -21.31
C GLY A 470 20.74 -11.31 -22.74
N VAL A 471 21.40 -11.93 -23.71
CA VAL A 471 21.00 -11.85 -25.10
C VAL A 471 19.61 -12.44 -25.25
N SER A 472 18.60 -11.60 -25.39
CA SER A 472 17.26 -12.10 -25.69
C SER A 472 17.20 -12.58 -27.13
N LEU A 473 16.43 -13.64 -27.36
CA LEU A 473 16.07 -14.07 -28.70
C LEU A 473 14.55 -14.13 -28.81
N GLY A 474 14.01 -13.51 -29.86
CA GLY A 474 12.59 -13.54 -30.10
C GLY A 474 12.23 -14.25 -31.40
N GLY A 475 10.98 -14.69 -31.50
CA GLY A 475 10.47 -15.25 -32.74
C GLY A 475 9.01 -14.91 -32.87
N ARG A 476 8.58 -14.56 -34.08
CA ARG A 476 7.20 -14.16 -34.31
C ARG A 476 6.70 -14.67 -35.65
N LEU A 477 5.44 -15.10 -35.68
CA LEU A 477 4.74 -15.40 -36.92
C LEU A 477 3.49 -14.53 -36.97
N PHE A 478 3.09 -14.14 -38.18
CA PHE A 478 1.85 -13.39 -38.34
C PHE A 478 1.16 -13.77 -39.64
N TYR A 479 -0.18 -13.65 -39.62
CA TYR A 479 -1.04 -13.71 -40.79
C TYR A 479 -2.03 -12.57 -40.69
N ASN A 480 -2.13 -11.77 -41.74
CA ASN A 480 -2.80 -10.46 -41.65
C ASN A 480 -3.46 -10.18 -43.00
N ASP A 481 -4.77 -10.39 -43.06
CA ASP A 481 -5.48 -10.59 -44.33
C ASP A 481 -6.71 -9.70 -44.36
N PHE A 482 -6.75 -8.77 -45.32
CA PHE A 482 -7.64 -7.62 -45.26
C PHE A 482 -8.21 -7.36 -46.64
N GLN A 483 -9.43 -6.84 -46.67
CA GLN A 483 -10.09 -6.44 -47.91
C GLN A 483 -11.16 -5.41 -47.60
N TYR A 492 -7.64 -1.15 -50.38
CA TYR A 492 -7.24 -2.23 -51.27
C TYR A 492 -7.07 -3.57 -50.54
N THR A 493 -7.47 -4.64 -51.22
CA THR A 493 -7.31 -5.99 -50.72
C THR A 493 -5.83 -6.32 -50.52
N ASN A 494 -5.52 -6.97 -49.39
CA ASN A 494 -4.14 -7.31 -49.07
C ASN A 494 -4.16 -8.53 -48.16
N LYS A 495 -3.65 -9.66 -48.66
CA LYS A 495 -3.28 -10.79 -47.83
C LYS A 495 -1.77 -10.75 -47.61
N SER A 496 -1.35 -10.71 -46.35
CA SER A 496 0.06 -10.79 -46.02
C SER A 496 0.29 -11.79 -44.89
N TYR A 497 1.46 -12.42 -44.92
CA TYR A 497 1.89 -13.31 -43.87
C TYR A 497 3.42 -13.35 -43.86
N GLY A 498 3.99 -13.72 -42.73
CA GLY A 498 5.43 -13.61 -42.61
C GLY A 498 5.95 -14.11 -41.28
N THR A 499 7.24 -13.86 -41.06
CA THR A 499 7.99 -14.38 -39.94
C THR A 499 9.11 -13.39 -39.63
N CYS A 500 9.49 -13.29 -38.37
CA CYS A 500 10.81 -12.75 -38.07
C CYS A 500 11.36 -13.36 -36.79
N VAL A 501 12.68 -13.35 -36.70
CA VAL A 501 13.43 -13.80 -35.52
C VAL A 501 14.45 -12.72 -35.21
N THR A 502 14.66 -12.43 -33.92
CA THR A 502 15.44 -11.27 -33.53
C THR A 502 16.33 -11.61 -32.35
N LEU A 503 17.46 -10.92 -32.26
CA LEU A 503 18.33 -10.94 -31.10
C LEU A 503 18.44 -9.52 -30.56
N GLY A 504 18.21 -9.35 -29.26
CA GLY A 504 18.33 -8.07 -28.62
C GLY A 504 19.18 -8.14 -27.37
N PHE A 505 20.32 -7.45 -27.37
CA PHE A 505 21.29 -7.63 -26.30
C PHE A 505 21.89 -6.29 -25.89
N PRO A 506 21.89 -5.95 -24.60
CA PRO A 506 22.40 -4.64 -24.17
C PRO A 506 23.91 -4.58 -24.28
N ILE A 507 24.42 -3.44 -24.77
CA ILE A 507 25.84 -3.20 -24.87
C ILE A 507 26.35 -2.33 -23.72
N ASN A 508 25.45 -1.65 -23.02
CA ASN A 508 25.80 -0.87 -21.83
C ASN A 508 24.53 -0.68 -21.02
N GLU A 509 24.66 -0.08 -19.85
CA GLU A 509 23.49 0.21 -19.04
C GLU A 509 22.51 1.11 -19.79
N TYR A 510 23.02 2.09 -20.54
CA TYR A 510 22.19 3.07 -21.22
C TYR A 510 21.86 2.70 -22.67
N ASN A 511 22.41 1.60 -23.22
CA ASN A 511 22.63 1.53 -24.67
C ASN A 511 22.29 0.13 -25.19
N SER A 512 20.99 -0.12 -25.38
CA SER A 512 20.53 -1.37 -25.98
C SER A 512 20.77 -1.41 -27.48
N LEU A 513 20.92 -2.63 -28.00
CA LEU A 513 21.11 -2.85 -29.43
C LEU A 513 20.39 -4.13 -29.82
N ARG A 514 19.90 -4.19 -31.06
CA ARG A 514 19.16 -5.38 -31.50
C ARG A 514 19.26 -5.54 -33.01
N ALA A 515 19.02 -6.77 -33.45
CA ALA A 515 19.16 -7.17 -34.85
C ALA A 515 18.20 -8.32 -35.10
N GLY A 516 17.89 -8.56 -36.38
CA GLY A 516 16.97 -9.63 -36.70
C GLY A 516 16.80 -9.79 -38.19
N LEU A 517 16.22 -10.95 -38.56
CA LEU A 517 15.85 -11.27 -39.93
C LEU A 517 14.35 -11.47 -40.02
N GLY A 518 13.78 -11.09 -41.16
CA GLY A 518 12.36 -11.26 -41.38
C GLY A 518 12.07 -11.82 -42.76
N TYR A 519 10.87 -12.37 -42.90
CA TYR A 519 10.29 -12.73 -44.18
C TYR A 519 8.84 -12.26 -44.18
N VAL A 520 8.41 -11.63 -45.27
CA VAL A 520 7.02 -11.24 -45.44
C VAL A 520 6.57 -11.46 -46.87
N HIS A 521 5.37 -12.02 -47.03
CA HIS A 521 4.70 -12.19 -48.31
C HIS A 521 3.54 -11.20 -48.39
N ASN A 522 3.34 -10.61 -49.57
CA ASN A 522 2.22 -9.69 -49.81
C ASN A 522 1.50 -10.03 -51.11
N SER A 523 0.17 -10.00 -51.08
CA SER A 523 -0.65 -10.28 -52.26
C SER A 523 -1.67 -9.15 -52.44
N LEU A 524 -1.17 -7.98 -52.85
CA LEU A 524 -2.02 -6.84 -53.15
C LEU A 524 -2.99 -7.14 -54.29
N SER A 525 -4.23 -6.67 -54.18
CA SER A 525 -5.19 -6.84 -55.25
C SER A 525 -6.20 -5.70 -55.28
N ASN A 526 -6.76 -5.48 -56.48
CA ASN A 526 -7.86 -4.53 -56.71
C ASN A 526 -7.60 -3.15 -56.12
N MET A 527 -6.34 -2.72 -56.15
CA MET A 527 -5.95 -1.38 -55.70
C MET A 527 -6.26 -0.32 -56.76
N GLN A 528 -6.74 0.83 -56.30
CA GLN A 528 -7.17 1.90 -57.21
C GLN A 528 -5.99 2.49 -57.97
N PRO A 529 -6.08 2.68 -59.28
CA PRO A 529 -4.93 3.18 -60.06
C PRO A 529 -4.57 4.61 -59.70
N GLN A 530 -3.32 4.80 -59.27
CA GLN A 530 -2.86 6.11 -58.82
C GLN A 530 -1.34 6.17 -59.03
N VAL A 531 -0.84 7.38 -59.30
CA VAL A 531 0.52 7.54 -59.79
C VAL A 531 1.53 7.02 -58.75
N ALA A 532 1.38 7.46 -57.50
CA ALA A 532 2.38 7.12 -56.50
C ALA A 532 2.48 5.63 -56.28
N MET A 533 1.42 4.87 -56.59
CA MET A 533 1.49 3.42 -56.50
C MET A 533 1.94 2.80 -57.81
N TRP A 534 1.39 3.27 -58.93
CA TRP A 534 1.75 2.71 -60.22
C TRP A 534 3.22 2.92 -60.56
N ARG A 535 3.79 4.07 -60.17
CA ARG A 535 5.23 4.28 -60.37
C ARG A 535 6.05 3.14 -59.78
N TYR A 536 5.66 2.68 -58.59
CA TYR A 536 6.34 1.54 -57.98
C TYR A 536 6.15 0.27 -58.79
N LEU A 537 4.91 -0.03 -59.17
CA LEU A 537 4.63 -1.24 -59.95
C LEU A 537 5.40 -1.26 -61.26
N TYR A 538 5.41 -0.14 -61.98
CA TYR A 538 6.25 -0.06 -63.18
C TYR A 538 7.72 -0.30 -62.85
N SER A 539 8.19 0.25 -61.73
CA SER A 539 9.57 0.02 -61.32
C SER A 539 9.81 -1.45 -60.96
N MET A 540 8.80 -2.15 -60.46
CA MET A 540 8.91 -3.57 -60.17
C MET A 540 8.84 -4.44 -61.41
N GLY A 541 8.65 -3.87 -62.59
CA GLY A 541 8.53 -4.64 -63.80
C GLY A 541 7.16 -5.24 -64.01
N GLU A 542 6.14 -4.74 -63.31
CA GLU A 542 4.76 -5.09 -63.57
C GLU A 542 4.09 -3.94 -64.31
N HIS A 543 3.32 -4.27 -65.34
CA HIS A 543 2.66 -3.27 -66.18
C HIS A 543 1.15 -3.46 -66.07
N PRO A 544 0.55 -3.02 -64.97
CA PRO A 544 -0.90 -3.22 -64.80
C PRO A 544 -1.70 -2.27 -65.67
N SER A 545 -2.96 -2.62 -65.86
CA SER A 545 -3.92 -1.65 -66.40
C SER A 545 -3.92 -0.40 -65.55
N THR A 546 -4.13 0.75 -66.21
CA THR A 546 -4.43 2.00 -65.54
C THR A 546 -5.91 2.34 -65.56
N SER A 547 -6.71 1.60 -66.33
CA SER A 547 -8.06 2.04 -66.70
C SER A 547 -9.15 1.42 -65.85
N ASP A 548 -8.88 0.30 -65.18
CA ASP A 548 -9.91 -0.38 -64.42
C ASP A 548 -9.30 -1.02 -63.18
N GLN A 549 -10.13 -1.17 -62.15
CA GLN A 549 -9.70 -1.63 -60.82
C GLN A 549 -9.61 -3.15 -60.74
N ASP A 550 -8.85 -3.78 -61.64
CA ASP A 550 -8.65 -5.22 -61.63
C ASP A 550 -7.16 -5.51 -61.79
N ASN A 551 -6.50 -5.88 -60.69
CA ASN A 551 -5.05 -6.03 -60.66
C ASN A 551 -4.65 -6.90 -59.48
N SER A 552 -3.44 -7.44 -59.53
CA SER A 552 -2.82 -8.06 -58.38
C SER A 552 -1.30 -8.03 -58.53
N PHE A 553 -0.59 -8.08 -57.39
CA PHE A 553 0.88 -8.06 -57.42
C PHE A 553 1.46 -8.85 -56.24
N LYS A 554 1.59 -10.16 -56.43
CA LYS A 554 2.18 -11.02 -55.42
C LYS A 554 3.68 -10.80 -55.32
N THR A 555 4.22 -10.74 -54.10
CA THR A 555 5.66 -10.71 -53.91
C THR A 555 6.04 -11.47 -52.65
N ASP A 556 7.25 -12.03 -52.68
CA ASP A 556 7.94 -12.54 -51.49
C ASP A 556 9.12 -11.64 -51.15
N ASP A 557 9.33 -11.38 -49.87
CA ASP A 557 10.36 -10.47 -49.41
C ASP A 557 11.10 -11.02 -48.21
N PHE A 558 12.42 -10.77 -48.18
CA PHE A 558 13.30 -11.18 -47.10
C PHE A 558 14.08 -9.96 -46.65
N THR A 559 14.19 -9.75 -45.34
CA THR A 559 14.71 -8.50 -44.81
C THR A 559 15.69 -8.78 -43.68
N PHE A 560 16.64 -7.86 -43.52
CA PHE A 560 17.48 -7.81 -42.33
C PHE A 560 17.10 -6.55 -41.55
N ASN A 561 16.66 -6.74 -40.31
CA ASN A 561 16.19 -5.65 -39.47
C ASN A 561 17.22 -5.40 -38.38
N TYR A 562 17.45 -4.12 -38.07
CA TYR A 562 18.39 -3.75 -37.03
C TYR A 562 17.81 -2.55 -36.28
N GLY A 563 18.40 -2.28 -35.12
CA GLY A 563 18.01 -1.10 -34.38
C GLY A 563 18.96 -0.85 -33.24
N TRP A 564 18.83 0.34 -32.65
CA TRP A 564 19.71 0.80 -31.59
C TRP A 564 18.90 1.73 -30.71
N THR A 565 19.21 1.74 -29.41
CA THR A 565 18.40 2.50 -28.47
C THR A 565 19.29 3.03 -27.35
N TYR A 566 19.59 4.33 -27.38
CA TYR A 566 20.30 5.00 -26.30
C TYR A 566 19.28 5.73 -25.44
N ASN A 567 19.36 5.53 -24.13
CA ASN A 567 18.31 6.02 -23.23
C ASN A 567 18.90 6.18 -21.84
N LYS A 568 19.28 7.41 -21.48
CA LYS A 568 19.72 7.73 -20.13
C LYS A 568 18.82 8.79 -19.48
N LEU A 569 17.53 8.78 -19.82
CA LEU A 569 16.59 9.73 -19.25
C LEU A 569 16.50 9.56 -17.74
N ASP A 570 16.65 10.68 -17.01
CA ASP A 570 16.83 10.62 -15.56
C ASP A 570 15.57 10.14 -14.84
N ARG A 571 14.46 10.87 -14.97
CA ARG A 571 13.32 10.65 -14.08
C ARG A 571 12.42 9.49 -14.50
N GLY A 572 12.53 9.04 -15.74
CA GLY A 572 11.68 8.01 -16.29
C GLY A 572 10.22 8.36 -16.56
N TYR A 573 9.48 8.83 -15.56
CA TYR A 573 8.10 9.26 -15.79
C TYR A 573 8.05 10.57 -16.58
N PHE A 574 8.45 11.68 -15.95
CA PHE A 574 8.56 12.98 -16.62
C PHE A 574 10.02 13.41 -16.59
N PRO A 575 10.86 12.88 -17.48
CA PRO A 575 12.28 13.21 -17.44
C PRO A 575 12.48 14.72 -17.37
N THR A 576 13.50 15.12 -16.63
CA THR A 576 13.95 16.51 -16.58
C THR A 576 15.22 16.75 -17.35
N ASP A 577 16.10 15.75 -17.47
CA ASP A 577 17.40 15.92 -18.08
C ASP A 577 17.83 14.60 -18.68
N GLY A 578 18.75 14.68 -19.64
CA GLY A 578 19.17 13.52 -20.41
C GLY A 578 18.58 13.52 -21.80
N SER A 579 18.80 12.41 -22.50
CA SER A 579 18.40 12.29 -23.89
C SER A 579 18.05 10.85 -24.22
N ARG A 580 17.28 10.68 -25.29
CA ARG A 580 16.91 9.36 -25.81
C ARG A 580 17.04 9.38 -27.32
N VAL A 581 17.57 8.29 -27.88
CA VAL A 581 17.84 8.20 -29.32
C VAL A 581 17.52 6.78 -29.76
N ASN A 582 16.41 6.60 -30.46
CA ASN A 582 16.06 5.31 -31.04
C ASN A 582 16.36 5.31 -32.53
N LEU A 583 16.87 4.20 -33.03
CA LEU A 583 17.18 4.04 -34.44
C LEU A 583 16.72 2.66 -34.90
N THR A 584 16.08 2.59 -36.05
CA THR A 584 15.70 1.33 -36.67
C THR A 584 15.91 1.42 -38.17
N GLY A 585 16.07 0.26 -38.80
CA GLY A 585 16.30 0.23 -40.24
C GLY A 585 16.07 -1.13 -40.83
N LYS A 586 15.82 -1.16 -42.13
CA LYS A 586 15.59 -2.38 -42.89
C LYS A 586 16.39 -2.33 -44.19
N VAL A 587 16.99 -3.46 -44.55
CA VAL A 587 17.36 -3.73 -45.94
C VAL A 587 16.76 -5.07 -46.34
N THR A 588 16.32 -5.18 -47.59
CA THR A 588 16.06 -6.50 -48.13
C THR A 588 17.38 -7.15 -48.51
N ILE A 589 17.39 -8.48 -48.54
CA ILE A 589 18.59 -9.24 -48.86
C ILE A 589 18.43 -9.98 -50.19
N PRO A 590 19.49 -10.12 -50.99
CA PRO A 590 19.30 -10.52 -52.38
C PRO A 590 18.63 -11.88 -52.49
N GLY A 591 17.53 -11.92 -53.26
CA GLY A 591 16.56 -12.99 -53.22
C GLY A 591 15.15 -12.50 -52.98
N SER A 592 14.98 -11.31 -52.43
CA SER A 592 13.68 -10.69 -52.29
C SER A 592 13.19 -10.18 -53.65
N ASP A 593 11.87 -10.12 -53.80
CA ASP A 593 11.32 -9.43 -54.97
C ASP A 593 11.50 -7.93 -54.83
N ASN A 594 11.16 -7.37 -53.67
CA ASN A 594 11.45 -5.98 -53.38
C ASN A 594 12.93 -5.82 -53.08
N GLU A 595 13.51 -4.71 -53.54
CA GLU A 595 14.87 -4.32 -53.14
C GLU A 595 14.86 -2.86 -52.75
N TYR A 596 14.96 -2.60 -51.44
CA TYR A 596 14.88 -1.26 -50.89
C TYR A 596 15.55 -1.27 -49.53
N TYR A 597 15.79 -0.07 -49.01
CA TYR A 597 16.19 0.10 -47.62
C TYR A 597 15.38 1.24 -47.01
N LYS A 598 15.26 1.22 -45.69
CA LYS A 598 14.70 2.34 -44.96
C LYS A 598 15.43 2.51 -43.63
N VAL A 599 15.43 3.74 -43.12
CA VAL A 599 16.09 4.07 -41.86
C VAL A 599 15.20 5.03 -41.08
N THR A 600 15.18 4.86 -39.75
CA THR A 600 14.51 5.79 -38.86
C THR A 600 15.48 6.27 -37.80
N LEU A 601 15.43 7.56 -37.49
CA LEU A 601 16.09 8.14 -36.32
C LEU A 601 15.07 8.95 -35.52
N ASP A 602 15.05 8.74 -34.21
CA ASP A 602 13.91 9.17 -33.39
C ASP A 602 14.45 9.57 -32.02
N THR A 603 14.51 10.87 -31.75
CA THR A 603 15.34 11.39 -30.67
C THR A 603 14.50 12.31 -29.79
N ALA A 604 14.90 12.42 -28.53
CA ALA A 604 14.27 13.33 -27.57
C ALA A 604 15.35 13.79 -26.59
N THR A 605 15.76 15.06 -26.66
CA THR A 605 16.67 15.61 -25.66
C THR A 605 15.97 16.56 -24.71
N TYR A 606 16.28 16.40 -23.42
CA TYR A 606 15.85 17.27 -22.33
C TYR A 606 17.04 18.05 -21.78
N VAL A 607 16.90 19.36 -21.66
CA VAL A 607 17.91 20.15 -20.95
C VAL A 607 17.21 21.11 -19.99
N PRO A 608 17.65 21.17 -18.73
CA PRO A 608 17.03 22.09 -17.77
C PRO A 608 17.52 23.52 -17.95
N ILE A 609 16.60 24.46 -17.74
CA ILE A 609 16.89 25.88 -17.91
C ILE A 609 16.68 26.65 -16.61
N ASP A 610 16.68 25.94 -15.48
CA ASP A 610 16.90 26.52 -14.17
C ASP A 610 17.79 25.55 -13.39
N ASP A 611 18.42 26.03 -12.32
CA ASP A 611 19.36 25.18 -11.60
C ASP A 611 18.62 24.08 -10.85
N ASP A 612 17.55 24.43 -10.15
CA ASP A 612 16.52 23.45 -9.82
C ASP A 612 15.79 23.06 -11.09
N HIS A 613 15.41 21.78 -11.19
CA HIS A 613 14.80 21.30 -12.42
C HIS A 613 13.34 21.70 -12.56
N LYS A 614 13.04 22.99 -12.39
CA LYS A 614 11.66 23.53 -12.51
C LYS A 614 11.37 23.77 -13.99
N TRP A 615 12.29 24.44 -14.71
CA TRP A 615 12.05 24.80 -16.10
C TRP A 615 12.94 23.95 -17.01
N VAL A 616 12.35 23.41 -18.08
CA VAL A 616 13.02 22.50 -18.99
C VAL A 616 12.57 22.84 -20.40
N VAL A 617 13.42 22.52 -21.38
CA VAL A 617 13.02 22.56 -22.78
C VAL A 617 13.42 21.27 -23.48
N LEU A 618 12.52 20.76 -24.32
CA LEU A 618 12.73 19.58 -25.14
C LEU A 618 13.14 19.94 -26.57
N GLY A 619 13.96 19.10 -27.18
CA GLY A 619 13.96 19.02 -28.63
C GLY A 619 13.80 17.58 -29.09
N ARG A 620 12.63 17.28 -29.65
CA ARG A 620 12.34 16.00 -30.28
C ARG A 620 12.50 16.09 -31.79
N THR A 621 13.01 15.03 -32.41
CA THR A 621 13.03 14.98 -33.86
C THR A 621 12.79 13.53 -34.31
N ARG A 622 12.24 13.41 -35.51
CA ARG A 622 12.18 12.20 -36.30
C ARG A 622 12.71 12.43 -37.70
N TRP A 623 13.50 11.50 -38.20
CA TRP A 623 13.95 11.49 -39.59
C TRP A 623 13.74 10.10 -40.15
N GLY A 624 13.15 10.04 -41.34
CA GLY A 624 13.05 8.79 -42.08
C GLY A 624 13.54 8.95 -43.50
N TYR A 625 13.84 7.81 -44.10
CA TYR A 625 14.32 7.76 -45.47
C TYR A 625 14.24 6.34 -45.98
N GLY A 626 13.91 6.19 -47.26
CA GLY A 626 14.07 4.92 -47.95
C GLY A 626 14.15 5.16 -49.43
N ASP A 627 14.72 4.18 -50.14
CA ASP A 627 14.84 4.25 -51.58
C ASP A 627 14.89 2.84 -52.13
N GLY A 628 14.65 2.74 -53.44
CA GLY A 628 14.93 1.50 -54.13
C GLY A 628 16.42 1.22 -54.20
N LEU A 629 16.73 -0.02 -54.57
CA LEU A 629 18.08 -0.42 -54.90
C LEU A 629 18.07 -1.13 -56.24
N GLY A 630 19.17 -0.98 -56.98
CA GLY A 630 19.31 -1.66 -58.26
C GLY A 630 18.24 -1.29 -59.26
N GLY A 631 17.69 -0.07 -59.16
CA GLY A 631 16.70 0.42 -60.09
C GLY A 631 15.28 -0.01 -59.83
N LYS A 632 15.04 -0.85 -58.82
CA LYS A 632 13.70 -1.06 -58.31
C LYS A 632 13.28 0.11 -57.42
N GLU A 633 12.24 -0.04 -56.62
CA GLU A 633 11.69 1.09 -55.88
C GLU A 633 11.16 0.62 -54.53
N MET A 634 11.16 1.52 -53.56
CA MET A 634 10.64 1.22 -52.23
C MET A 634 9.14 0.98 -52.27
N PRO A 635 8.63 -0.11 -51.68
CA PRO A 635 7.20 -0.39 -51.78
C PRO A 635 6.37 0.63 -51.02
N PHE A 636 5.30 1.09 -51.66
CA PHE A 636 4.47 2.18 -51.14
C PHE A 636 3.87 1.88 -49.77
N TYR A 637 3.62 0.61 -49.45
CA TYR A 637 3.06 0.29 -48.14
C TYR A 637 4.02 0.52 -46.98
N GLU A 638 5.32 0.69 -47.22
CA GLU A 638 6.26 1.07 -46.18
C GLU A 638 6.43 2.58 -46.03
N ASN A 639 5.72 3.38 -46.84
CA ASN A 639 5.95 4.82 -46.86
C ASN A 639 5.67 5.44 -45.50
N PHE A 640 6.39 6.52 -45.19
CA PHE A 640 6.26 7.24 -43.92
C PHE A 640 5.06 8.16 -43.87
N TYR A 641 4.52 8.31 -42.65
CA TYR A 641 3.40 9.21 -42.38
C TYR A 641 3.76 10.11 -41.22
N ALA A 642 3.11 11.27 -41.15
CA ALA A 642 3.35 12.22 -40.08
C ALA A 642 2.03 12.88 -39.70
N GLY A 643 2.06 13.67 -38.62
CA GLY A 643 0.85 14.30 -38.13
C GLY A 643 0.05 13.56 -37.08
N GLY A 644 -0.54 14.32 -36.16
CA GLY A 644 -1.13 13.79 -34.96
C GLY A 644 -0.18 13.72 -33.78
N SER A 645 -0.78 13.41 -32.62
CA SER A 645 -0.12 13.61 -31.33
C SER A 645 1.32 13.12 -31.32
N SER A 646 1.59 11.99 -31.97
CA SER A 646 2.94 11.43 -31.96
C SER A 646 3.96 12.36 -32.61
N THR A 647 3.57 13.16 -33.60
CA THR A 647 4.59 13.73 -34.47
C THR A 647 4.55 15.26 -34.51
N VAL A 648 3.62 15.85 -35.26
CA VAL A 648 3.29 17.26 -35.12
C VAL A 648 1.81 17.42 -34.82
N ARG A 649 1.52 18.20 -33.78
CA ARG A 649 0.19 18.44 -33.24
C ARG A 649 -0.55 19.54 -33.99
N GLY A 650 -1.87 19.44 -34.00
CA GLY A 650 -2.76 20.30 -34.76
C GLY A 650 -3.18 19.79 -36.11
N PHE A 651 -2.68 18.65 -36.55
CA PHE A 651 -3.08 18.06 -37.83
C PHE A 651 -3.72 16.72 -37.53
N GLN A 652 -4.70 16.33 -38.35
CA GLN A 652 -5.26 14.99 -38.24
C GLN A 652 -4.16 13.95 -38.40
N SER A 653 -4.24 12.91 -37.57
CA SER A 653 -3.25 11.83 -37.58
C SER A 653 -2.97 11.30 -38.97
N ASN A 654 -1.68 11.26 -39.32
CA ASN A 654 -1.07 10.77 -40.58
C ASN A 654 -1.37 11.60 -41.82
N THR A 655 -2.20 12.63 -41.75
CA THR A 655 -2.68 13.26 -42.97
C THR A 655 -1.69 14.26 -43.59
N ILE A 656 -0.49 14.41 -43.04
CA ILE A 656 0.45 15.48 -43.47
C ILE A 656 1.17 15.16 -44.78
N GLY A 657 1.23 13.90 -45.24
CA GLY A 657 2.05 13.58 -46.39
C GLY A 657 1.52 14.14 -47.70
N PRO A 658 2.19 13.77 -48.80
CA PRO A 658 1.62 14.07 -50.13
C PRO A 658 0.33 13.31 -50.38
N LYS A 659 -0.66 14.00 -50.92
CA LYS A 659 -1.95 13.40 -51.20
C LYS A 659 -1.93 12.68 -52.54
N ALA A 660 -2.68 11.59 -52.62
CA ALA A 660 -2.77 10.84 -53.88
C ALA A 660 -3.30 11.73 -55.00
N VAL A 661 -2.97 11.36 -56.23
CA VAL A 661 -3.75 11.74 -57.41
C VAL A 661 -4.10 10.47 -58.17
N TYR A 662 -5.40 10.15 -58.24
CA TYR A 662 -5.88 8.96 -58.93
C TYR A 662 -5.95 9.18 -60.44
N PHE A 663 -5.69 8.11 -61.19
CA PHE A 663 -6.09 8.07 -62.58
C PHE A 663 -7.60 7.86 -62.70
N PRO A 664 -8.22 8.40 -63.76
CA PRO A 664 -9.65 8.15 -63.97
C PRO A 664 -9.90 6.74 -64.48
N HIS A 665 -10.77 6.01 -63.75
CA HIS A 665 -10.96 4.57 -63.94
C HIS A 665 -12.44 4.23 -63.83
N GLN A 666 -13.27 4.89 -64.65
CA GLN A 666 -14.72 4.85 -64.49
C GLN A 666 -15.30 3.44 -64.42
N ALA A 667 -14.59 2.43 -64.93
CA ALA A 667 -14.84 1.04 -64.53
C ALA A 667 -14.31 0.84 -63.12
N SER A 668 -15.06 1.36 -62.14
CA SER A 668 -14.67 1.33 -60.74
C SER A 668 -15.44 0.26 -59.96
N ASN A 669 -15.37 0.36 -58.64
CA ASN A 669 -16.17 -0.41 -57.69
C ASN A 669 -17.67 -0.35 -57.96
N TYR A 670 -18.40 -1.31 -57.40
CA TYR A 670 -19.70 -1.73 -57.95
C TYR A 670 -20.75 -0.63 -57.94
N ASP A 671 -20.87 0.12 -56.83
CA ASP A 671 -22.07 0.91 -56.63
C ASP A 671 -21.81 2.41 -56.70
N PRO A 672 -22.54 3.15 -57.55
CA PRO A 672 -22.43 4.61 -57.56
C PRO A 672 -23.19 5.31 -56.44
N ASP A 673 -24.04 4.60 -55.70
CA ASP A 673 -24.80 5.20 -54.61
C ASP A 673 -23.95 5.40 -53.36
N TYR A 674 -22.77 4.81 -53.32
CA TYR A 674 -21.83 4.99 -52.22
C TYR A 674 -21.24 6.39 -52.26
N ASP A 675 -20.44 6.71 -51.24
CA ASP A 675 -19.70 7.97 -51.22
C ASP A 675 -18.87 8.13 -52.49
N TYR A 676 -19.09 9.24 -53.18
CA TYR A 676 -18.71 9.35 -54.59
C TYR A 676 -17.21 9.21 -54.78
N GLU A 677 -16.80 8.21 -55.55
CA GLU A 677 -15.41 7.94 -55.86
C GLU A 677 -14.90 8.94 -56.91
N CYS A 678 -13.59 8.99 -57.07
CA CYS A 678 -13.02 9.46 -58.32
C CYS A 678 -13.39 8.53 -59.46
N ALA A 679 -13.98 9.09 -60.51
CA ALA A 679 -14.41 8.33 -61.68
C ALA A 679 -15.28 7.15 -61.27
N THR A 680 -16.44 7.49 -60.70
CA THR A 680 -17.57 6.56 -60.66
C THR A 680 -18.06 6.27 -62.07
N GLN A 681 -19.08 5.41 -62.18
CA GLN A 681 -19.60 5.06 -63.50
C GLN A 681 -20.00 6.30 -64.30
N ASP A 682 -20.35 7.39 -63.62
CA ASP A 682 -20.70 8.65 -64.27
C ASP A 682 -19.75 9.77 -63.88
N GLY A 683 -18.56 9.45 -63.35
CA GLY A 683 -17.71 10.42 -62.70
C GLY A 683 -16.69 11.11 -63.59
N ALA A 684 -15.58 11.51 -62.98
CA ALA A 684 -14.54 12.30 -63.60
C ALA A 684 -13.84 11.54 -64.72
N LYS A 685 -13.01 12.30 -65.47
CA LYS A 685 -12.28 11.78 -66.62
C LYS A 685 -10.83 12.24 -66.67
N ASP A 686 -10.39 13.10 -65.76
CA ASP A 686 -8.99 13.51 -65.65
C ASP A 686 -8.37 12.89 -64.39
N LEU A 687 -7.08 13.15 -64.21
CA LEU A 687 -6.39 12.79 -62.97
C LEU A 687 -7.02 13.52 -61.79
N CYS A 688 -7.54 12.75 -60.83
CA CYS A 688 -8.18 13.31 -59.64
C CYS A 688 -7.13 13.66 -58.60
N LYS A 689 -6.85 14.95 -58.43
CA LYS A 689 -6.01 15.37 -57.31
C LYS A 689 -6.75 15.06 -56.02
N SER A 690 -6.25 14.09 -55.26
CA SER A 690 -7.00 13.58 -54.12
C SER A 690 -6.91 14.52 -52.91
N ASP A 691 -7.90 14.37 -52.03
CA ASP A 691 -7.85 14.89 -50.67
C ASP A 691 -7.30 13.89 -49.67
N ASP A 692 -7.01 12.66 -50.09
CA ASP A 692 -6.63 11.59 -49.20
C ASP A 692 -5.11 11.44 -49.21
N ALA A 693 -4.52 11.38 -48.02
CA ALA A 693 -3.08 11.42 -47.86
C ALA A 693 -2.42 10.09 -48.19
N VAL A 694 -1.19 10.18 -48.69
CA VAL A 694 -0.32 9.03 -48.89
C VAL A 694 1.01 9.42 -48.27
N GLY A 695 1.72 8.44 -47.74
CA GLY A 695 3.01 8.73 -47.16
C GLY A 695 4.04 9.05 -48.19
N GLY A 696 5.17 9.60 -47.72
CA GLY A 696 6.36 9.76 -48.53
C GLY A 696 7.43 8.78 -48.09
N ASN A 697 8.44 8.66 -48.94
CA ASN A 697 9.63 7.89 -48.57
C ASN A 697 10.60 8.71 -47.73
N ALA A 698 10.31 9.97 -47.47
CA ALA A 698 11.17 10.85 -46.70
C ALA A 698 10.35 11.56 -45.63
N MET A 699 10.99 11.83 -44.50
CA MET A 699 10.30 12.39 -43.34
C MET A 699 11.27 13.19 -42.49
N ALA A 700 10.81 14.35 -41.99
CA ALA A 700 11.66 15.18 -41.13
C ALA A 700 10.73 15.99 -40.22
N VAL A 701 10.58 15.53 -38.99
CA VAL A 701 9.79 16.18 -37.96
C VAL A 701 10.69 16.71 -36.86
N ALA A 702 10.43 17.93 -36.40
CA ALA A 702 11.04 18.43 -35.18
C ALA A 702 9.97 19.12 -34.35
N SER A 703 10.15 19.12 -33.04
CA SER A 703 9.43 20.01 -32.14
C SER A 703 10.34 20.51 -31.00
N LEU A 704 10.24 21.80 -30.69
CA LEU A 704 10.92 22.39 -29.54
C LEU A 704 9.83 22.80 -28.55
N GLU A 705 10.00 22.40 -27.28
CA GLU A 705 8.91 22.40 -26.31
C GLU A 705 9.39 22.87 -24.94
N PHE A 706 8.88 24.02 -24.47
CA PHE A 706 9.31 24.64 -23.21
C PHE A 706 8.36 24.21 -22.10
N ILE A 707 8.93 23.76 -20.99
CA ILE A 707 8.20 23.25 -19.82
C ILE A 707 8.23 24.27 -18.71
N THR A 708 7.05 24.70 -18.25
CA THR A 708 6.94 25.69 -17.19
C THR A 708 5.76 25.36 -16.29
N PRO A 709 5.90 25.47 -14.97
CA PRO A 709 4.83 25.05 -14.06
C PRO A 709 3.61 25.97 -14.14
N THR A 710 2.46 25.40 -13.75
CA THR A 710 1.18 26.10 -13.87
C THR A 710 1.10 27.27 -12.88
N PRO A 711 0.20 28.24 -13.15
CA PRO A 711 -0.10 29.28 -12.14
C PRO A 711 -0.70 28.79 -10.84
N PHE A 712 -0.95 27.49 -10.71
CA PHE A 712 -1.75 26.93 -9.62
C PHE A 712 -1.05 25.76 -8.94
N ILE A 713 0.29 25.71 -9.04
CA ILE A 713 1.04 24.59 -8.48
C ILE A 713 1.00 24.61 -6.95
N SER A 714 1.11 23.42 -6.37
CA SER A 714 1.65 23.21 -5.04
C SER A 714 2.40 21.89 -5.06
N ASP A 715 3.47 21.81 -4.27
CA ASP A 715 4.46 20.76 -4.50
C ASP A 715 3.91 19.36 -4.29
N LYS A 716 2.73 19.25 -3.67
CA LYS A 716 2.03 17.96 -3.47
C LYS A 716 1.65 17.38 -4.83
N TYR A 717 1.53 18.22 -5.88
CA TYR A 717 1.13 17.76 -7.21
C TYR A 717 1.90 18.37 -8.37
N ALA A 718 2.70 19.42 -8.14
CA ALA A 718 3.42 20.04 -9.24
C ALA A 718 4.33 19.06 -9.97
N ASN A 719 4.73 17.96 -9.33
CA ASN A 719 5.49 16.92 -10.00
C ASN A 719 4.67 16.09 -10.97
N SER A 720 3.34 16.27 -10.99
CA SER A 720 2.42 15.37 -11.66
C SER A 720 1.57 16.03 -12.72
N VAL A 721 1.78 17.32 -13.00
CA VAL A 721 1.00 18.03 -14.01
C VAL A 721 1.97 18.80 -14.90
N ARG A 722 2.69 18.05 -15.72
CA ARG A 722 3.72 18.54 -16.63
C ARG A 722 3.09 19.34 -17.77
N THR A 723 3.14 20.68 -17.68
CA THR A 723 2.58 21.57 -18.69
C THR A 723 3.71 22.20 -19.49
N SER A 724 3.48 22.38 -20.80
CA SER A 724 4.53 22.85 -21.69
C SER A 724 3.96 23.71 -22.81
N PHE A 725 4.84 24.51 -23.42
CA PHE A 725 4.52 25.25 -24.64
C PHE A 725 5.46 24.75 -25.73
N PHE A 726 4.91 24.46 -26.91
CA PHE A 726 5.63 23.73 -27.94
C PHE A 726 5.54 24.40 -29.30
N TRP A 727 6.61 24.24 -30.08
CA TRP A 727 6.67 24.59 -31.49
C TRP A 727 7.03 23.34 -32.29
N ASP A 728 6.14 22.97 -33.21
CA ASP A 728 6.26 21.79 -34.08
C ASP A 728 6.60 22.15 -35.52
N MET A 729 7.38 21.28 -36.18
CA MET A 729 7.83 21.52 -37.55
C MET A 729 7.94 20.17 -38.25
N GLY A 730 7.03 19.92 -39.21
CA GLY A 730 6.94 18.64 -39.87
C GLY A 730 7.03 18.78 -41.38
N THR A 731 7.56 17.74 -42.04
CA THR A 731 7.32 17.54 -43.46
C THR A 731 7.42 16.07 -43.82
N VAL A 732 6.69 15.69 -44.87
CA VAL A 732 6.89 14.41 -45.56
C VAL A 732 6.89 14.67 -47.06
N TRP A 733 7.81 14.03 -47.79
CA TRP A 733 7.93 14.25 -49.22
C TRP A 733 8.30 12.95 -49.93
N ASP A 734 8.04 12.92 -51.24
CA ASP A 734 8.14 11.73 -52.08
C ASP A 734 9.29 11.93 -53.08
N THR A 735 10.48 11.51 -52.68
CA THR A 735 11.72 12.01 -53.27
C THR A 735 11.85 11.77 -54.77
N ASN A 736 11.09 10.83 -55.36
CA ASN A 736 11.17 10.59 -56.79
C ASN A 736 9.86 10.84 -57.52
N TRP A 737 8.95 11.63 -56.95
CA TRP A 737 7.78 12.11 -57.67
C TRP A 737 8.23 13.11 -58.73
N ASP A 738 8.15 12.70 -60.02
CA ASP A 738 8.79 13.42 -61.11
C ASP A 738 7.95 14.64 -61.51
N SER A 739 8.03 15.67 -60.67
CA SER A 739 7.21 16.87 -60.81
C SER A 739 7.18 17.43 -62.23
N SER A 740 8.29 17.35 -62.95
CA SER A 740 8.31 17.84 -64.33
C SER A 740 7.15 17.30 -65.16
N GLN A 741 6.97 15.97 -65.17
CA GLN A 741 6.00 15.40 -66.08
C GLN A 741 4.56 15.77 -65.68
N TYR A 742 4.30 15.99 -64.39
CA TYR A 742 2.96 16.35 -63.90
C TYR A 742 2.93 17.85 -63.62
N SER A 743 2.88 18.64 -64.70
CA SER A 743 2.93 20.09 -64.58
C SER A 743 1.81 20.64 -63.68
N GLY A 744 0.62 20.03 -63.71
CA GLY A 744 -0.54 20.65 -63.11
C GLY A 744 -0.76 20.44 -61.63
N TYR A 745 0.04 19.58 -60.97
CA TYR A 745 -0.26 19.15 -59.62
C TYR A 745 0.88 19.50 -58.66
N PRO A 746 0.57 19.83 -57.39
CA PRO A 746 1.55 20.43 -56.50
C PRO A 746 2.71 19.50 -56.22
N ASP A 747 3.91 20.07 -56.16
CA ASP A 747 5.15 19.31 -56.17
C ASP A 747 5.33 18.60 -54.84
N TYR A 748 5.18 17.28 -54.84
CA TYR A 748 5.42 16.47 -53.65
C TYR A 748 6.88 16.12 -53.45
N SER A 749 7.72 16.30 -54.47
CA SER A 749 9.14 16.05 -54.34
C SER A 749 9.87 17.20 -53.68
N ASP A 750 9.22 18.34 -53.48
CA ASP A 750 9.81 19.50 -52.84
C ASP A 750 9.82 19.31 -51.33
N PRO A 751 11.00 19.15 -50.71
CA PRO A 751 11.05 19.03 -49.24
C PRO A 751 10.66 20.30 -48.51
N SER A 752 10.61 21.44 -49.20
CA SER A 752 10.46 22.74 -48.56
C SER A 752 9.04 23.03 -48.12
N ASN A 753 8.10 22.11 -48.31
CA ASN A 753 6.72 22.34 -47.87
C ASN A 753 6.55 22.18 -46.36
N ILE A 754 7.49 22.72 -45.58
CA ILE A 754 7.43 22.59 -44.13
C ILE A 754 6.15 23.24 -43.60
N ARG A 755 5.40 22.47 -42.82
CA ARG A 755 4.18 22.95 -42.18
C ARG A 755 4.35 22.86 -40.66
N MET A 756 4.07 23.97 -39.98
CA MET A 756 4.39 24.14 -38.57
C MET A 756 3.14 24.41 -37.74
N SER A 757 3.24 24.15 -36.44
CA SER A 757 2.19 24.54 -35.50
C SER A 757 2.79 24.84 -34.14
N ALA A 758 2.03 25.58 -33.33
CA ALA A 758 2.32 25.83 -31.92
C ALA A 758 1.07 25.57 -31.10
N GLY A 759 1.23 25.54 -29.77
CA GLY A 759 0.12 25.25 -28.90
C GLY A 759 0.57 25.04 -27.46
N ILE A 760 -0.35 24.49 -26.66
CA ILE A 760 -0.07 24.14 -25.27
C ILE A 760 -0.31 22.65 -25.08
N ALA A 761 0.42 22.06 -24.13
CA ALA A 761 0.23 20.67 -23.73
C ALA A 761 0.23 20.53 -22.21
N LEU A 762 -0.57 19.58 -21.71
CA LEU A 762 -0.73 19.37 -20.27
C LEU A 762 -0.76 17.86 -20.01
N GLN A 763 0.35 17.33 -19.47
CA GLN A 763 0.50 15.90 -19.20
C GLN A 763 0.20 15.62 -17.72
N TRP A 764 -0.78 14.74 -17.48
CA TRP A 764 -1.39 14.55 -16.16
C TRP A 764 -1.39 13.07 -15.80
N MET A 765 -0.81 12.75 -14.64
CA MET A 765 -0.59 11.39 -14.16
C MET A 765 -1.71 10.88 -13.25
N SER A 766 -2.84 11.57 -13.17
CA SER A 766 -3.85 11.23 -12.17
C SER A 766 -4.29 9.77 -12.33
N PRO A 767 -4.84 9.18 -11.27
CA PRO A 767 -5.03 7.71 -11.23
C PRO A 767 -5.62 7.09 -12.49
N LEU A 768 -6.61 7.71 -13.11
CA LEU A 768 -7.22 7.08 -14.28
C LEU A 768 -6.29 7.00 -15.48
N GLY A 769 -5.10 7.58 -15.42
CA GLY A 769 -4.07 7.27 -16.40
C GLY A 769 -3.13 8.42 -16.69
N PRO A 770 -2.04 8.12 -17.40
CA PRO A 770 -1.16 9.20 -17.88
C PRO A 770 -1.76 9.98 -19.04
N LEU A 771 -2.82 10.73 -18.74
CA LEU A 771 -3.50 11.51 -19.76
C LEU A 771 -2.55 12.54 -20.38
N VAL A 772 -2.81 12.89 -21.65
CA VAL A 772 -2.23 14.07 -22.28
C VAL A 772 -3.35 14.93 -22.88
N PHE A 773 -3.38 16.20 -22.50
CA PHE A 773 -4.22 17.23 -23.12
C PHE A 773 -3.37 18.12 -24.01
N SER A 774 -3.90 18.49 -25.18
CA SER A 774 -3.22 19.49 -25.99
C SER A 774 -4.22 20.30 -26.80
N TYR A 775 -3.83 21.54 -27.09
CA TYR A 775 -4.43 22.42 -28.10
C TYR A 775 -3.33 23.04 -28.94
N ALA A 776 -3.45 22.96 -30.27
CA ALA A 776 -2.41 23.43 -31.19
C ALA A 776 -3.02 24.20 -32.35
N GLN A 777 -2.34 25.28 -32.74
CA GLN A 777 -2.75 26.13 -33.86
C GLN A 777 -1.79 25.94 -35.03
N PRO A 778 -2.25 25.49 -36.22
CA PRO A 778 -1.35 25.36 -37.39
C PRO A 778 -1.07 26.68 -38.11
N PHE A 779 -0.16 27.48 -37.54
CA PHE A 779 0.17 28.77 -38.13
C PHE A 779 0.84 28.65 -39.51
N LYS A 780 1.14 27.44 -39.97
CA LYS A 780 1.77 27.24 -41.28
C LYS A 780 1.38 25.88 -41.84
N LYS A 781 0.57 25.89 -42.88
CA LYS A 781 0.04 24.67 -43.46
C LYS A 781 -0.30 24.92 -44.92
N TYR A 782 -0.54 23.82 -45.64
CA TYR A 782 -0.86 23.81 -47.06
C TYR A 782 -2.21 23.16 -47.30
N ASP A 783 -2.69 23.28 -48.52
CA ASP A 783 -4.00 22.74 -48.88
C ASP A 783 -4.08 21.25 -48.59
N GLY A 784 -5.23 20.83 -48.06
CA GLY A 784 -5.52 19.44 -47.76
C GLY A 784 -5.05 18.94 -46.41
N ASP A 785 -4.32 19.73 -45.64
CA ASP A 785 -3.93 19.32 -44.28
C ASP A 785 -5.12 19.49 -43.34
N LYS A 786 -5.87 18.41 -43.15
CA LYS A 786 -6.98 18.40 -42.20
C LYS A 786 -6.48 18.78 -40.82
N ALA A 787 -6.99 19.89 -40.28
CA ALA A 787 -6.59 20.34 -38.95
C ALA A 787 -7.41 19.67 -37.86
N GLU A 788 -6.74 19.31 -36.76
CA GLU A 788 -7.38 18.83 -35.52
C GLU A 788 -6.69 19.56 -34.36
N GLN A 789 -7.15 20.76 -34.05
CA GLN A 789 -6.41 21.60 -33.08
C GLN A 789 -6.38 20.97 -31.69
N PHE A 790 -7.55 20.71 -31.11
CA PHE A 790 -7.61 20.00 -29.84
C PHE A 790 -7.33 18.51 -30.04
N GLN A 791 -6.40 17.99 -29.23
CA GLN A 791 -5.98 16.60 -29.29
C GLN A 791 -5.88 16.02 -27.89
N PHE A 792 -6.09 14.71 -27.80
CA PHE A 792 -6.07 13.94 -26.56
C PHE A 792 -5.31 12.65 -26.79
N ASN A 793 -4.53 12.25 -25.79
CA ASN A 793 -3.71 11.05 -25.88
C ASN A 793 -3.44 10.53 -24.47
N ILE A 794 -2.96 9.30 -24.39
CA ILE A 794 -2.55 8.69 -23.13
C ILE A 794 -1.22 7.97 -23.31
N GLY A 795 -0.34 8.13 -22.33
CA GLY A 795 0.80 7.26 -22.18
C GLY A 795 1.86 7.42 -23.23
N LYS A 796 2.04 8.64 -23.74
CA LYS A 796 3.00 8.90 -24.80
C LYS A 796 4.41 8.85 -24.23
N PHE B 23 -19.81 9.22 -6.06
CA PHE B 23 -18.50 9.68 -5.62
C PHE B 23 -18.53 10.17 -4.17
N ASN B 24 -19.71 10.15 -3.55
CA ASN B 24 -19.87 10.63 -2.19
C ASN B 24 -20.99 9.86 -1.50
N SER B 25 -20.97 9.91 -0.17
CA SER B 25 -22.02 9.31 0.64
C SER B 25 -22.01 9.97 2.02
N GLU B 26 -23.10 9.80 2.75
CA GLU B 26 -23.25 10.40 4.07
C GLU B 26 -24.14 9.53 4.93
N GLU B 27 -23.99 9.69 6.25
CA GLU B 27 -24.66 8.86 7.24
C GLU B 27 -24.93 9.68 8.49
N ASP B 28 -25.84 9.18 9.33
CA ASP B 28 -26.27 9.90 10.51
C ASP B 28 -26.69 8.90 11.59
N VAL B 29 -26.69 9.36 12.85
CA VAL B 29 -27.04 8.50 13.97
C VAL B 29 -28.15 9.09 14.84
N VAL B 30 -27.94 10.28 15.38
CA VAL B 30 -28.67 10.69 16.59
C VAL B 30 -30.13 11.04 16.28
N LYS B 31 -30.45 11.43 15.06
CA LYS B 31 -31.81 11.81 14.66
C LYS B 31 -32.44 12.76 15.69
N MET B 32 -31.89 13.96 15.72
CA MET B 32 -32.30 15.01 16.65
C MET B 32 -33.80 15.30 16.56
N SER B 33 -34.31 15.87 17.66
CA SER B 33 -35.74 16.10 17.83
C SER B 33 -36.29 16.97 16.69
N PRO B 34 -37.55 16.70 16.23
CA PRO B 34 -38.13 17.42 15.07
C PRO B 34 -38.70 18.80 15.40
N LEU B 35 -37.90 19.62 16.08
CA LEU B 35 -38.29 20.98 16.46
C LEU B 35 -39.65 21.09 17.14
N PRO B 36 -39.78 20.67 18.40
CA PRO B 36 -41.04 20.90 19.14
C PRO B 36 -41.31 22.39 19.32
N THR B 37 -42.58 22.79 19.19
CA THR B 37 -42.93 24.20 19.03
C THR B 37 -44.25 24.49 19.73
N VAL B 38 -44.44 25.77 20.05
CA VAL B 38 -45.57 26.22 20.85
C VAL B 38 -45.82 27.69 20.52
N GLU B 39 -47.05 28.15 20.77
CA GLU B 39 -47.38 29.56 20.55
C GLU B 39 -46.49 30.50 21.37
N ASN B 40 -46.02 31.56 20.70
CA ASN B 40 -45.07 32.53 21.24
C ASN B 40 -45.73 33.51 22.22
N GLN B 41 -46.36 32.95 23.26
CA GLN B 41 -47.30 33.70 24.10
C GLN B 41 -46.85 35.12 24.42
N PHE B 42 -45.61 35.32 24.90
CA PHE B 42 -45.21 36.65 25.35
C PHE B 42 -44.66 37.52 24.21
N THR B 43 -44.84 37.10 22.95
CA THR B 43 -44.29 37.82 21.80
C THR B 43 -42.83 38.26 21.92
N PRO B 44 -41.90 37.45 22.45
CA PRO B 44 -40.51 37.91 22.53
C PRO B 44 -39.92 38.11 21.15
N THR B 45 -39.29 39.26 20.93
CA THR B 45 -38.80 39.58 19.61
C THR B 45 -37.61 40.52 19.73
N THR B 46 -36.78 40.51 18.69
CA THR B 46 -35.68 41.44 18.53
C THR B 46 -36.14 42.88 18.71
N ALA B 47 -35.47 43.59 19.63
CA ALA B 47 -35.63 45.04 19.72
C ALA B 47 -34.73 45.75 18.73
N TRP B 48 -33.46 45.35 18.66
CA TRP B 48 -32.56 45.80 17.62
C TRP B 48 -31.51 44.73 17.36
N SER B 49 -30.92 44.78 16.17
CA SER B 49 -29.87 43.87 15.77
C SER B 49 -28.82 44.59 14.94
N THR B 50 -27.55 44.21 15.11
CA THR B 50 -26.46 44.82 14.37
C THR B 50 -25.54 43.72 13.86
N SER B 51 -25.00 43.92 12.67
CA SER B 51 -23.98 43.05 12.09
C SER B 51 -22.58 43.62 12.33
N VAL B 52 -21.76 42.90 13.09
CA VAL B 52 -20.41 43.37 13.38
C VAL B 52 -19.47 43.01 12.23
N GLY B 53 -19.77 41.94 11.49
CA GLY B 53 -18.89 41.48 10.43
C GLY B 53 -19.18 40.07 9.96
N SER B 54 -18.14 39.28 9.71
CA SER B 54 -18.24 37.83 9.77
C SER B 54 -18.40 37.37 11.21
N GLY B 55 -18.59 36.07 11.38
CA GLY B 55 -18.58 35.48 12.71
C GLY B 55 -17.74 34.23 12.86
N ILE B 56 -17.93 33.55 13.99
CA ILE B 56 -17.27 32.28 14.25
C ILE B 56 -17.61 31.25 13.17
N GLY B 57 -18.75 31.39 12.52
CA GLY B 57 -19.13 30.45 11.49
C GLY B 57 -19.20 29.03 12.03
N ASN B 58 -18.59 28.10 11.29
CA ASN B 58 -18.50 26.70 11.72
C ASN B 58 -17.50 26.45 12.84
N PHE B 59 -16.63 27.40 13.15
CA PHE B 59 -15.55 27.20 14.12
C PHE B 59 -16.03 27.41 15.55
N TYR B 60 -16.38 26.31 16.23
CA TYR B 60 -16.71 26.35 17.64
C TYR B 60 -15.61 27.04 18.43
N SER B 61 -15.95 28.15 19.06
CA SER B 61 -14.99 29.01 19.74
C SER B 61 -15.81 30.00 20.55
N ASN B 62 -15.41 30.20 21.80
CA ASN B 62 -16.29 30.84 22.78
C ASN B 62 -16.19 32.36 22.64
N LEU B 63 -16.30 32.84 21.41
CA LEU B 63 -16.37 34.28 21.16
C LEU B 63 -17.79 34.74 21.46
N HIS B 64 -17.96 35.57 22.49
CA HIS B 64 -19.28 36.07 22.83
C HIS B 64 -19.20 37.52 23.30
N PRO B 65 -20.25 38.31 23.09
CA PRO B 65 -20.24 39.72 23.49
C PRO B 65 -20.45 39.90 24.98
N ALA B 66 -20.10 41.10 25.45
CA ALA B 66 -20.18 41.41 26.87
C ALA B 66 -20.57 42.87 27.03
N LEU B 67 -20.91 43.24 28.26
CA LEU B 67 -21.51 44.52 28.59
C LEU B 67 -20.67 45.22 29.65
N ALA B 68 -20.52 46.54 29.52
CA ALA B 68 -20.22 47.37 30.67
C ALA B 68 -20.84 48.75 30.45
N ASP B 69 -21.31 49.34 31.55
CA ASP B 69 -21.81 50.72 31.63
C ASP B 69 -22.67 51.09 30.42
N ASN B 70 -23.63 50.20 30.11
CA ASN B 70 -24.59 50.36 29.02
C ASN B 70 -23.97 50.28 27.63
N VAL B 71 -22.69 49.92 27.54
CA VAL B 71 -22.02 49.70 26.27
C VAL B 71 -21.80 48.20 26.12
N VAL B 72 -22.21 47.64 24.99
CA VAL B 72 -22.00 46.23 24.68
C VAL B 72 -20.90 46.10 23.65
N TYR B 73 -19.96 45.20 23.90
CA TYR B 73 -18.76 45.04 23.09
C TYR B 73 -18.78 43.66 22.44
N ALA B 74 -18.41 43.62 21.15
CA ALA B 74 -18.53 42.42 20.35
C ALA B 74 -17.42 42.43 19.31
N ALA B 75 -17.10 41.25 18.79
CA ALA B 75 -15.99 41.14 17.85
C ALA B 75 -16.23 40.03 16.85
N ASP B 76 -15.50 40.13 15.74
CA ASP B 76 -15.50 39.15 14.66
C ASP B 76 -14.24 38.31 14.77
N ARG B 77 -14.38 37.00 14.62
CA ARG B 77 -13.24 36.11 14.78
C ARG B 77 -12.10 36.45 13.82
N ALA B 78 -12.38 37.15 12.73
CA ALA B 78 -11.29 37.65 11.89
C ALA B 78 -10.41 38.65 12.63
N GLY B 79 -11.00 39.37 13.60
CA GLY B 79 -10.22 40.26 14.45
C GLY B 79 -10.94 41.54 14.79
N LEU B 80 -11.87 41.95 13.92
CA LEU B 80 -12.52 43.24 14.05
C LEU B 80 -13.42 43.27 15.28
N VAL B 81 -13.32 44.37 16.05
CA VAL B 81 -14.05 44.52 17.31
C VAL B 81 -14.80 45.86 17.32
N LYS B 82 -16.01 45.85 17.89
CA LYS B 82 -16.88 47.02 17.96
C LYS B 82 -17.44 47.18 19.37
N ALA B 83 -17.74 48.42 19.73
CA ALA B 83 -18.52 48.75 20.91
C ALA B 83 -19.81 49.44 20.50
N LEU B 84 -20.93 48.97 21.05
CA LEU B 84 -22.27 49.39 20.64
C LEU B 84 -23.04 49.94 21.84
N ASN B 85 -23.92 50.90 21.58
CA ASN B 85 -24.87 51.32 22.60
C ASN B 85 -26.00 50.30 22.73
N ALA B 86 -26.27 49.88 23.96
CA ALA B 86 -27.22 48.80 24.22
C ALA B 86 -28.66 49.18 23.88
N ASP B 87 -29.01 50.47 23.88
CA ASP B 87 -30.38 50.85 23.59
C ASP B 87 -30.74 50.87 22.11
N ASP B 88 -29.78 50.95 21.20
CA ASP B 88 -30.15 51.26 19.82
C ASP B 88 -29.20 50.54 18.85
N GLY B 89 -28.06 50.07 19.35
CA GLY B 89 -27.16 49.22 18.60
C GLY B 89 -26.19 49.86 17.62
N LYS B 90 -26.05 51.19 17.64
CA LYS B 90 -25.07 51.92 16.78
C LYS B 90 -23.68 51.83 17.41
N GLU B 91 -22.67 51.49 16.62
CA GLU B 91 -21.30 51.27 17.15
C GLU B 91 -20.53 52.59 17.25
N ILE B 92 -19.55 52.67 18.15
CA ILE B 92 -18.67 53.81 18.35
C ILE B 92 -17.21 53.53 18.02
N TRP B 93 -16.83 52.28 17.69
CA TRP B 93 -15.44 51.93 17.45
C TRP B 93 -15.31 51.12 16.17
N SER B 94 -14.07 51.04 15.67
CA SER B 94 -13.65 49.94 14.81
C SER B 94 -12.14 49.87 14.80
N VAL B 95 -11.57 48.76 15.27
CA VAL B 95 -10.14 48.51 15.16
C VAL B 95 -9.91 47.07 14.71
N SER B 96 -8.78 46.84 14.05
CA SER B 96 -8.55 45.59 13.33
C SER B 96 -7.88 44.52 14.19
N LEU B 97 -7.05 44.93 15.15
CA LEU B 97 -6.24 44.00 15.96
C LEU B 97 -5.42 43.03 15.11
N ALA B 98 -5.17 43.33 13.84
CA ALA B 98 -4.63 42.34 12.92
C ALA B 98 -3.49 42.96 12.11
N GLU B 99 -2.65 42.08 11.57
CA GLU B 99 -1.61 42.49 10.63
C GLU B 99 -2.22 42.89 9.28
N LYS B 100 -1.44 43.64 8.51
CA LYS B 100 -1.85 44.04 7.18
C LYS B 100 -1.99 42.83 6.27
N PRO B 108 -5.73 36.75 9.16
CA PRO B 108 -6.59 37.10 10.28
C PRO B 108 -5.93 36.91 11.64
N ALA B 109 -6.42 37.62 12.65
CA ALA B 109 -5.91 37.48 14.00
C ALA B 109 -6.43 36.22 14.70
N LEU B 110 -7.51 35.62 14.21
CA LEU B 110 -8.18 34.53 14.90
C LEU B 110 -8.55 34.95 16.32
N LEU B 111 -9.06 36.17 16.45
CA LEU B 111 -9.49 36.69 17.74
C LEU B 111 -10.65 35.86 18.27
N SER B 112 -10.48 35.32 19.48
CA SER B 112 -11.30 34.18 19.90
C SER B 112 -11.24 33.95 21.41
N GLY B 113 -12.39 33.79 22.02
CA GLY B 113 -12.55 33.87 23.46
C GLY B 113 -13.44 35.02 23.85
N GLY B 114 -14.10 34.90 24.99
CA GLY B 114 -15.11 35.89 25.36
C GLY B 114 -14.50 37.27 25.53
N VAL B 115 -15.24 38.28 25.08
CA VAL B 115 -14.92 39.65 25.43
C VAL B 115 -15.23 39.86 26.91
N THR B 116 -14.27 40.43 27.64
CA THR B 116 -14.44 40.75 29.05
C THR B 116 -14.13 42.22 29.25
N VAL B 117 -14.86 42.87 30.15
CA VAL B 117 -14.78 44.31 30.34
C VAL B 117 -14.75 44.60 31.83
N SER B 118 -13.90 45.55 32.21
CA SER B 118 -13.87 46.04 33.59
C SER B 118 -13.25 47.43 33.59
N GLY B 119 -14.03 48.41 34.01
CA GLY B 119 -13.54 49.77 34.17
C GLY B 119 -12.95 50.36 32.90
N GLY B 120 -11.64 50.64 32.94
CA GLY B 120 -10.94 51.23 31.81
C GLY B 120 -10.63 50.30 30.65
N HIS B 121 -10.83 48.98 30.80
CA HIS B 121 -10.21 48.03 29.88
C HIS B 121 -11.20 46.97 29.43
N VAL B 122 -11.11 46.62 28.14
CA VAL B 122 -11.69 45.41 27.59
C VAL B 122 -10.55 44.42 27.33
N TYR B 123 -10.77 43.15 27.66
CA TYR B 123 -9.77 42.11 27.43
C TYR B 123 -10.32 41.02 26.51
N ILE B 124 -9.51 40.60 25.54
CA ILE B 124 -9.92 39.59 24.56
C ILE B 124 -8.76 38.64 24.30
N GLY B 125 -9.08 37.35 24.20
CA GLY B 125 -8.10 36.33 23.89
C GLY B 125 -8.00 36.09 22.39
N SER B 126 -7.12 35.16 22.01
CA SER B 126 -7.02 34.76 20.62
C SER B 126 -6.56 33.31 20.52
N GLU B 127 -6.85 32.71 19.36
CA GLU B 127 -6.29 31.40 19.01
C GLU B 127 -4.88 31.50 18.47
N LYS B 128 -4.20 32.64 18.66
CA LYS B 128 -2.85 32.86 18.18
C LYS B 128 -1.94 33.32 19.32
N ALA B 129 -2.25 32.87 20.53
CA ALA B 129 -1.49 33.14 21.75
C ALA B 129 -1.40 34.63 22.12
N GLN B 130 -2.16 35.50 21.47
CA GLN B 130 -2.22 36.89 21.88
C GLN B 130 -3.37 37.09 22.86
N VAL B 131 -3.14 37.90 23.88
CA VAL B 131 -4.19 38.56 24.65
C VAL B 131 -4.12 40.06 24.36
N TYR B 132 -5.27 40.64 24.01
CA TYR B 132 -5.36 42.07 23.70
C TYR B 132 -6.10 42.79 24.83
N ALA B 133 -5.59 43.95 25.21
CA ALA B 133 -6.31 44.89 26.06
C ALA B 133 -6.67 46.14 25.25
N LEU B 134 -7.90 46.63 25.42
CA LEU B 134 -8.38 47.81 24.71
C LEU B 134 -8.93 48.83 25.71
N ASN B 135 -8.75 50.10 25.37
CA ASN B 135 -9.26 51.20 26.18
C ASN B 135 -10.76 51.35 25.98
N THR B 136 -11.53 51.27 27.07
CA THR B 136 -12.98 51.46 26.98
C THR B 136 -13.38 52.89 26.63
N SER B 137 -12.47 53.85 26.73
CA SER B 137 -12.83 55.22 26.38
C SER B 137 -12.84 55.48 24.88
N ASP B 138 -12.04 54.74 24.10
CA ASP B 138 -11.94 55.02 22.68
C ASP B 138 -11.63 53.80 21.82
N GLY B 139 -11.46 52.62 22.39
CA GLY B 139 -11.20 51.43 21.61
C GLY B 139 -9.80 51.29 21.09
N THR B 140 -8.88 52.17 21.46
CA THR B 140 -7.48 52.01 21.07
C THR B 140 -6.87 50.80 21.77
N VAL B 141 -5.91 50.17 21.08
CA VAL B 141 -5.19 49.03 21.62
C VAL B 141 -4.30 49.50 22.77
N ALA B 142 -4.52 48.96 23.96
CA ALA B 142 -3.73 49.34 25.13
C ALA B 142 -2.40 48.61 25.16
N TRP B 143 -2.44 47.28 25.21
CA TRP B 143 -1.20 46.51 25.19
C TRP B 143 -1.52 45.11 24.69
N GLN B 144 -0.49 44.41 24.20
CA GLN B 144 -0.63 43.06 23.69
C GLN B 144 0.54 42.23 24.19
N THR B 145 0.25 41.05 24.72
CA THR B 145 1.26 40.16 25.28
C THR B 145 0.98 38.73 24.88
N LYS B 146 2.05 38.01 24.52
CA LYS B 146 1.94 36.58 24.26
C LYS B 146 1.64 35.82 25.54
N VAL B 147 0.65 34.94 25.49
CA VAL B 147 0.43 33.93 26.51
C VAL B 147 0.83 32.56 25.96
N ALA B 148 1.00 31.61 26.87
CA ALA B 148 1.44 30.27 26.51
C ALA B 148 0.36 29.48 25.79
N GLY B 149 0.29 29.63 24.47
CA GLY B 149 -0.72 28.97 23.67
C GLY B 149 -2.01 29.74 23.54
N GLU B 150 -2.92 29.18 22.75
CA GLU B 150 -4.18 29.84 22.46
C GLU B 150 -5.06 29.96 23.71
N ALA B 151 -5.70 31.12 23.84
CA ALA B 151 -6.47 31.49 25.03
C ALA B 151 -7.97 31.27 24.79
N LEU B 152 -8.35 30.01 24.63
CA LEU B 152 -9.76 29.73 24.36
C LEU B 152 -10.68 30.17 25.50
N SER B 153 -10.17 30.22 26.72
CA SER B 153 -10.96 30.78 27.82
C SER B 153 -11.22 32.27 27.58
N ARG B 154 -12.41 32.72 27.98
CA ARG B 154 -12.58 34.15 28.22
C ARG B 154 -11.60 34.62 29.29
N PRO B 155 -11.01 35.81 29.15
CA PRO B 155 -10.32 36.42 30.29
C PRO B 155 -11.26 36.70 31.46
N VAL B 156 -10.70 36.65 32.66
CA VAL B 156 -11.44 36.94 33.89
C VAL B 156 -10.58 37.88 34.74
N VAL B 157 -11.20 38.93 35.27
CA VAL B 157 -10.49 39.96 36.03
C VAL B 157 -10.87 39.82 37.49
N SER B 158 -9.86 39.75 38.36
CA SER B 158 -10.08 39.76 39.81
C SER B 158 -8.85 40.28 40.51
N ASP B 159 -9.07 40.95 41.64
CA ASP B 159 -7.98 41.38 42.53
C ASP B 159 -6.97 42.25 41.81
N GLY B 160 -7.40 42.93 40.75
CA GLY B 160 -6.48 43.72 39.95
C GLY B 160 -5.64 42.93 38.98
N LEU B 161 -5.98 41.66 38.73
CA LEU B 161 -5.25 40.83 37.79
C LEU B 161 -6.22 40.25 36.78
N VAL B 162 -5.71 39.97 35.58
CA VAL B 162 -6.44 39.22 34.56
C VAL B 162 -5.90 37.80 34.56
N LEU B 163 -6.82 36.83 34.65
CA LEU B 163 -6.46 35.42 34.55
C LEU B 163 -6.92 34.90 33.19
N ILE B 164 -6.06 34.12 32.54
CA ILE B 164 -6.38 33.47 31.28
C ILE B 164 -6.00 32.00 31.40
N HIS B 165 -6.86 31.12 30.89
CA HIS B 165 -6.57 29.69 30.79
C HIS B 165 -6.36 29.34 29.32
N THR B 166 -5.20 28.79 29.00
CA THR B 166 -4.83 28.47 27.63
C THR B 166 -5.00 26.98 27.34
N SER B 167 -5.04 26.66 26.05
CA SER B 167 -5.19 25.26 25.63
C SER B 167 -4.01 24.39 26.04
N ASN B 168 -2.84 24.97 26.29
CA ASN B 168 -1.72 24.19 26.81
C ASN B 168 -1.86 23.87 28.29
N GLY B 169 -3.02 24.14 28.89
CA GLY B 169 -3.26 23.79 30.27
C GLY B 169 -2.61 24.69 31.28
N GLN B 170 -2.31 25.93 30.92
CA GLN B 170 -1.63 26.87 31.80
C GLN B 170 -2.56 28.00 32.17
N LEU B 171 -2.81 28.18 33.46
CA LEU B 171 -3.32 29.45 33.97
C LEU B 171 -2.19 30.47 33.99
N GLN B 172 -2.46 31.67 33.47
CA GLN B 172 -1.53 32.79 33.55
C GLN B 172 -2.24 34.02 34.09
N ALA B 173 -1.62 34.66 35.08
CA ALA B 173 -2.13 35.88 35.70
C ALA B 173 -1.32 37.07 35.23
N LEU B 174 -2.00 38.12 34.77
CA LEU B 174 -1.37 39.24 34.09
C LEU B 174 -1.66 40.55 34.80
N ASN B 175 -0.67 41.44 34.83
CA ASN B 175 -0.88 42.81 35.29
C ASN B 175 -1.83 43.55 34.37
N GLU B 176 -2.96 44.03 34.90
CA GLU B 176 -4.05 44.63 34.08
C GLU B 176 -3.59 45.85 33.30
N ALA B 177 -2.60 46.64 33.76
CA ALA B 177 -2.07 47.77 33.00
C ALA B 177 -0.95 47.40 32.04
N ASP B 178 -0.51 46.14 31.98
CA ASP B 178 0.65 45.82 31.17
C ASP B 178 0.58 44.43 30.54
N GLY B 179 -0.30 43.57 31.05
CA GLY B 179 -0.28 42.18 30.64
C GLY B 179 0.92 41.39 31.11
N ALA B 180 1.78 41.99 31.93
CA ALA B 180 2.97 41.29 32.41
C ALA B 180 2.57 40.13 33.31
N VAL B 181 3.13 38.96 33.04
CA VAL B 181 2.82 37.76 33.81
C VAL B 181 3.31 37.91 35.24
N LYS B 182 2.39 37.74 36.20
CA LYS B 182 2.75 37.68 37.62
C LYS B 182 3.02 36.27 38.10
N TRP B 183 2.22 35.30 37.69
CA TRP B 183 2.48 33.90 37.99
C TRP B 183 1.76 33.02 36.99
N THR B 184 2.18 31.76 36.92
CA THR B 184 1.65 30.80 35.96
C THR B 184 1.61 29.40 36.58
N VAL B 185 0.58 28.63 36.22
CA VAL B 185 0.31 27.33 36.83
C VAL B 185 -0.04 26.34 35.73
N ASN B 186 0.47 25.12 35.82
CA ASN B 186 0.36 24.11 34.78
C ASN B 186 -0.57 22.96 35.18
N LEU B 187 -1.41 22.53 34.23
CA LEU B 187 -2.35 21.45 34.43
C LEU B 187 -2.14 20.32 33.42
N ASP B 188 -2.54 19.11 33.82
CA ASP B 188 -2.37 17.91 32.99
C ASP B 188 -3.28 17.91 31.76
N MET B 189 -2.70 17.60 30.60
CA MET B 189 -3.41 17.58 29.32
C MET B 189 -3.62 16.16 28.82
N PRO B 190 -4.85 15.76 28.54
CA PRO B 190 -5.10 14.48 27.84
C PRO B 190 -4.48 14.45 26.46
N SER B 191 -4.42 13.23 25.90
CA SER B 191 -4.09 13.03 24.50
C SER B 191 -5.24 13.36 23.56
N LEU B 192 -6.46 13.54 24.09
CA LEU B 192 -7.61 13.97 23.31
C LEU B 192 -8.61 14.62 24.26
N SER B 193 -9.04 15.83 23.94
CA SER B 193 -9.87 16.62 24.84
C SER B 193 -11.02 17.27 24.08
N LEU B 194 -12.05 17.64 24.83
CA LEU B 194 -12.93 18.74 24.43
C LEU B 194 -12.17 20.06 24.58
N ARG B 195 -12.70 21.12 23.96
CA ARG B 195 -12.00 22.40 24.00
C ARG B 195 -11.82 22.88 25.44
N GLY B 196 -10.57 23.16 25.81
CA GLY B 196 -10.20 23.50 27.17
C GLY B 196 -10.48 24.91 27.65
N GLU B 197 -11.74 25.36 27.65
CA GLU B 197 -12.04 26.70 28.10
C GLU B 197 -11.94 26.81 29.63
N SER B 198 -12.90 26.22 30.35
CA SER B 198 -12.82 26.04 31.80
C SER B 198 -12.39 27.34 32.51
N ALA B 199 -13.01 28.45 32.12
CA ALA B 199 -12.59 29.75 32.62
C ALA B 199 -12.63 29.78 34.14
N PRO B 200 -11.67 30.43 34.79
CA PRO B 200 -11.60 30.39 36.26
C PRO B 200 -12.59 31.33 36.93
N THR B 201 -12.80 31.07 38.22
CA THR B 201 -13.64 31.91 39.08
C THR B 201 -12.90 32.13 40.41
N THR B 202 -13.31 33.16 41.15
CA THR B 202 -12.60 33.58 42.34
C THR B 202 -13.56 33.80 43.51
N ALA B 203 -13.11 33.43 44.70
CA ALA B 203 -13.83 33.72 45.94
C ALA B 203 -12.82 33.86 47.07
N PHE B 204 -13.10 34.79 47.99
CA PHE B 204 -12.28 34.99 49.18
C PHE B 204 -10.82 35.29 48.83
N GLY B 205 -10.58 35.85 47.65
CA GLY B 205 -9.22 36.08 47.20
C GLY B 205 -8.49 34.85 46.68
N ALA B 206 -9.18 33.74 46.44
CA ALA B 206 -8.59 32.56 45.84
C ALA B 206 -9.32 32.21 44.56
N ALA B 207 -8.57 31.71 43.57
CA ALA B 207 -9.15 31.25 42.32
C ALA B 207 -9.50 29.78 42.36
N VAL B 208 -10.50 29.43 41.56
CA VAL B 208 -10.90 28.06 41.30
C VAL B 208 -11.00 27.91 39.79
N VAL B 209 -10.57 26.76 39.28
CA VAL B 209 -10.51 26.56 37.84
C VAL B 209 -10.81 25.09 37.54
N GLY B 210 -11.35 24.85 36.35
CA GLY B 210 -11.51 23.51 35.84
C GLY B 210 -10.26 23.01 35.14
N GLY B 211 -10.48 22.19 34.12
CA GLY B 211 -9.39 21.70 33.30
C GLY B 211 -9.76 20.41 32.64
N ASP B 212 -8.90 19.99 31.72
CA ASP B 212 -9.04 18.70 31.08
C ASP B 212 -8.65 17.57 32.04
N ASN B 213 -8.91 16.34 31.61
CA ASN B 213 -8.69 15.13 32.41
C ASN B 213 -9.42 15.17 33.75
N GLY B 214 -10.50 15.95 33.82
CA GLY B 214 -11.38 15.89 34.98
C GLY B 214 -10.86 16.54 36.24
N ARG B 215 -9.88 17.43 36.16
CA ARG B 215 -9.30 18.04 37.35
C ARG B 215 -10.01 19.36 37.66
N VAL B 216 -10.48 19.48 38.91
CA VAL B 216 -10.75 20.77 39.54
C VAL B 216 -9.52 21.20 40.32
N SER B 217 -9.29 22.51 40.40
CA SER B 217 -8.12 23.03 41.09
C SER B 217 -8.40 24.46 41.55
N ALA B 218 -7.56 24.93 42.47
CA ALA B 218 -7.67 26.27 43.04
C ALA B 218 -6.28 26.78 43.36
N VAL B 219 -6.13 28.12 43.35
CA VAL B 219 -4.82 28.73 43.58
C VAL B 219 -5.01 30.09 44.26
N LEU B 220 -3.98 30.51 44.98
CA LEU B 220 -3.95 31.83 45.63
C LEU B 220 -3.68 32.92 44.60
N MET B 221 -4.58 33.92 44.57
CA MET B 221 -4.57 34.95 43.53
C MET B 221 -3.29 35.79 43.50
N GLU B 222 -2.67 36.06 44.65
CA GLU B 222 -1.51 36.95 44.66
C GLU B 222 -0.24 36.30 44.13
N GLN B 223 -0.12 34.97 44.19
CA GLN B 223 1.17 34.31 44.04
C GLN B 223 1.12 32.99 43.28
N GLY B 224 -0.05 32.44 42.99
CA GLY B 224 -0.17 31.17 42.31
C GLY B 224 0.14 29.92 43.11
N GLN B 225 0.16 30.00 44.44
CA GLN B 225 0.29 28.80 45.26
C GLN B 225 -0.89 27.85 45.04
N MET B 226 -0.57 26.56 44.98
CA MET B 226 -1.57 25.52 44.79
C MET B 226 -2.45 25.34 46.03
N ILE B 227 -3.73 25.10 45.78
CA ILE B 227 -4.72 24.74 46.83
C ILE B 227 -5.20 23.34 46.41
N TRP B 228 -6.03 22.66 47.18
CA TRP B 228 -6.49 21.29 46.90
C TRP B 228 -6.98 21.12 45.46
N GLN B 229 -6.84 19.89 44.96
CA GLN B 229 -7.31 19.46 43.65
C GLN B 229 -8.12 18.17 43.78
N GLN B 230 -9.07 17.97 42.86
CA GLN B 230 -10.00 16.86 42.94
C GLN B 230 -10.27 16.28 41.56
N ARG B 231 -10.33 14.94 41.49
CA ARG B 231 -10.61 14.20 40.26
C ARG B 231 -12.12 13.99 40.13
N ILE B 232 -12.73 14.60 39.11
CA ILE B 232 -14.18 14.62 38.99
C ILE B 232 -14.76 13.23 38.75
N SER B 233 -14.06 12.38 38.00
CA SER B 233 -14.65 11.09 37.65
C SER B 233 -13.58 10.16 37.09
N GLN B 234 -14.01 8.93 36.79
CA GLN B 234 -13.27 8.03 35.91
C GLN B 234 -13.02 8.69 34.56
N ALA B 235 -11.94 8.26 33.91
CA ALA B 235 -11.52 8.83 32.63
C ALA B 235 -10.80 7.77 31.81
N ARG B 243 -14.67 8.20 27.75
CA ARG B 243 -13.44 8.16 28.53
C ARG B 243 -12.86 9.58 28.71
N LEU B 244 -13.55 10.56 28.13
CA LEU B 244 -12.97 11.89 27.91
C LEU B 244 -13.05 12.74 29.19
N SER B 245 -14.27 12.99 29.67
CA SER B 245 -14.53 13.53 31.01
C SER B 245 -13.65 14.74 31.35
N ASP B 246 -13.60 15.71 30.45
CA ASP B 246 -13.02 17.01 30.76
C ASP B 246 -13.99 17.85 31.59
N VAL B 247 -13.47 18.59 32.57
CA VAL B 247 -14.28 19.59 33.33
C VAL B 247 -14.13 20.88 32.53
N ASP B 248 -14.60 20.90 31.27
CA ASP B 248 -14.44 22.05 30.37
C ASP B 248 -15.23 23.28 30.80
N THR B 249 -16.04 23.20 31.85
CA THR B 249 -17.04 24.22 32.15
C THR B 249 -16.67 25.01 33.40
N THR B 250 -16.87 26.32 33.33
CA THR B 250 -16.54 27.23 34.43
C THR B 250 -17.24 26.83 35.72
N PRO B 251 -16.49 26.56 36.81
CA PRO B 251 -17.12 26.20 38.09
C PRO B 251 -17.56 27.43 38.87
N VAL B 252 -18.87 27.59 39.05
CA VAL B 252 -19.41 28.64 39.91
C VAL B 252 -19.22 28.25 41.37
N VAL B 253 -19.07 29.27 42.22
CA VAL B 253 -18.89 29.10 43.65
C VAL B 253 -19.85 30.03 44.37
N VAL B 254 -20.67 29.48 45.26
CA VAL B 254 -21.61 30.26 46.05
C VAL B 254 -21.56 29.80 47.50
N ASN B 255 -21.54 30.77 48.42
CA ASN B 255 -21.52 30.56 49.87
C ASN B 255 -20.38 29.65 50.31
N GLY B 256 -19.37 29.46 49.47
CA GLY B 256 -18.33 28.49 49.70
C GLY B 256 -18.54 27.10 49.13
N VAL B 257 -19.61 26.88 48.36
CA VAL B 257 -19.82 25.61 47.66
C VAL B 257 -19.43 25.79 46.20
N VAL B 258 -18.44 25.01 45.76
CA VAL B 258 -18.06 24.97 44.35
C VAL B 258 -18.83 23.86 43.67
N PHE B 259 -19.45 24.17 42.53
CA PHE B 259 -20.11 23.21 41.68
C PHE B 259 -19.28 22.98 40.42
N ALA B 260 -19.11 21.71 40.05
CA ALA B 260 -18.29 21.36 38.90
C ALA B 260 -18.84 20.09 38.26
N LEU B 261 -18.56 19.93 36.97
CA LEU B 261 -19.27 18.96 36.15
C LEU B 261 -18.45 18.70 34.90
N ALA B 262 -18.75 17.61 34.19
CA ALA B 262 -17.88 17.20 33.10
C ALA B 262 -18.63 16.36 32.07
N TYR B 263 -18.04 16.29 30.88
CA TYR B 263 -18.58 15.55 29.74
C TYR B 263 -18.54 14.04 30.00
N ASN B 264 -19.71 13.42 30.03
CA ASN B 264 -19.89 12.04 30.52
C ASN B 264 -19.37 11.84 31.94
N GLY B 265 -19.13 12.91 32.67
CA GLY B 265 -18.71 12.83 34.06
C GLY B 265 -19.88 12.89 35.01
N ASN B 266 -19.65 13.48 36.16
CA ASN B 266 -20.68 13.69 37.17
C ASN B 266 -20.68 15.17 37.54
N LEU B 267 -21.87 15.73 37.74
CA LEU B 267 -21.97 16.95 38.51
C LEU B 267 -21.60 16.68 39.97
N THR B 268 -20.90 17.61 40.57
CA THR B 268 -20.45 17.49 41.95
C THR B 268 -20.58 18.85 42.63
N ALA B 269 -20.67 18.82 43.95
CA ALA B 269 -20.56 20.00 44.79
C ALA B 269 -19.40 19.82 45.75
N LEU B 270 -18.62 20.89 45.93
CA LEU B 270 -17.34 20.80 46.60
C LEU B 270 -17.22 21.88 47.66
N ASP B 271 -16.70 21.50 48.83
CA ASP B 271 -16.32 22.48 49.84
C ASP B 271 -15.10 23.24 49.35
N LEU B 272 -15.24 24.55 49.19
CA LEU B 272 -14.10 25.38 48.80
C LEU B 272 -12.92 25.21 49.77
N ARG B 273 -13.19 24.90 51.04
CA ARG B 273 -12.11 24.75 52.02
C ARG B 273 -11.38 23.41 51.98
N SER B 274 -11.96 22.38 51.37
CA SER B 274 -11.37 21.05 51.54
C SER B 274 -11.53 20.16 50.31
N GLY B 275 -12.47 20.48 49.44
CA GLY B 275 -12.70 19.65 48.28
C GLY B 275 -13.37 18.34 48.60
N GLN B 276 -13.98 18.24 49.78
CA GLN B 276 -14.83 17.10 50.12
C GLN B 276 -16.05 17.08 49.21
N ILE B 277 -16.31 15.91 48.60
CA ILE B 277 -17.48 15.72 47.74
C ILE B 277 -18.75 15.78 48.56
N MET B 278 -19.48 16.89 48.46
CA MET B 278 -20.72 17.01 49.21
C MET B 278 -21.78 16.06 48.67
N TRP B 279 -21.94 16.02 47.35
CA TRP B 279 -22.84 15.07 46.70
C TRP B 279 -22.47 14.97 45.22
N LYS B 280 -22.98 13.94 44.55
CA LYS B 280 -22.84 13.79 43.11
C LYS B 280 -24.17 13.42 42.46
N ARG B 281 -24.23 13.65 41.15
CA ARG B 281 -25.22 13.02 40.28
C ARG B 281 -24.51 12.42 39.07
N GLU B 282 -25.04 11.30 38.59
CA GLU B 282 -24.53 10.68 37.36
C GLU B 282 -24.90 11.50 36.12
N LEU B 283 -25.64 12.59 36.29
CA LEU B 283 -25.90 13.51 35.19
C LEU B 283 -24.62 14.25 34.78
N GLY B 284 -24.21 14.04 33.52
CA GLY B 284 -23.16 14.82 32.92
C GLY B 284 -23.67 16.13 32.35
N SER B 285 -22.73 16.90 31.78
CA SER B 285 -23.05 18.18 31.18
C SER B 285 -21.96 18.54 30.18
N VAL B 286 -22.26 19.54 29.33
CA VAL B 286 -21.54 19.66 28.07
C VAL B 286 -21.09 21.09 27.79
N ASN B 287 -21.81 22.13 28.25
CA ASN B 287 -21.47 23.54 27.87
C ASN B 287 -21.38 24.46 29.09
N ASP B 288 -22.43 24.63 29.88
CA ASP B 288 -22.44 25.62 30.95
C ASP B 288 -23.56 25.32 31.93
N PHE B 289 -23.51 25.98 33.09
CA PHE B 289 -24.58 25.93 34.07
C PHE B 289 -24.61 27.23 34.86
N ILE B 290 -25.74 27.49 35.53
CA ILE B 290 -25.92 28.69 36.34
C ILE B 290 -26.54 28.29 37.68
N VAL B 291 -26.14 29.01 38.74
CA VAL B 291 -26.81 28.97 40.03
C VAL B 291 -27.48 30.33 40.26
N ASP B 292 -28.78 30.30 40.55
CA ASP B 292 -29.56 31.52 40.91
C ASP B 292 -30.69 31.03 41.79
N GLY B 293 -31.06 31.78 42.83
CA GLY B 293 -31.98 31.27 43.84
C GLY B 293 -31.50 29.98 44.46
N ASN B 294 -30.19 29.85 44.65
CA ASN B 294 -29.56 28.62 45.15
C ASN B 294 -30.10 27.35 44.47
N ARG B 295 -30.58 27.48 43.24
CA ARG B 295 -31.04 26.35 42.43
C ARG B 295 -30.17 26.18 41.18
N ILE B 296 -29.99 24.92 40.77
CA ILE B 296 -29.06 24.54 39.71
C ILE B 296 -29.82 24.29 38.41
N TYR B 297 -29.35 24.90 37.33
CA TYR B 297 -29.94 24.79 35.99
C TYR B 297 -28.86 24.30 35.02
N LEU B 298 -29.19 23.24 34.27
CA LEU B 298 -28.20 22.44 33.55
C LEU B 298 -28.57 22.27 32.09
N VAL B 299 -27.58 21.92 31.27
CA VAL B 299 -27.80 21.35 29.94
C VAL B 299 -27.08 20.01 29.87
N ASP B 300 -27.80 18.93 29.60
CA ASP B 300 -27.20 17.58 29.55
C ASP B 300 -26.49 17.40 28.20
N GLN B 301 -25.62 16.41 28.08
CA GLN B 301 -24.94 16.07 26.79
C GLN B 301 -26.01 15.75 25.74
N ASN B 302 -27.22 15.33 26.16
CA ASN B 302 -28.35 15.02 25.23
C ASN B 302 -29.17 16.29 24.98
N ASP B 303 -28.59 17.48 25.12
CA ASP B 303 -29.28 18.77 24.87
C ASP B 303 -30.66 18.78 25.53
N ARG B 304 -30.83 18.19 26.73
CA ARG B 304 -32.05 18.38 27.51
C ARG B 304 -31.76 19.22 28.74
N VAL B 305 -32.75 20.02 29.14
CA VAL B 305 -32.61 21.01 30.20
C VAL B 305 -33.32 20.51 31.44
N MET B 306 -32.68 20.71 32.60
CA MET B 306 -33.29 20.36 33.88
C MET B 306 -32.82 21.31 34.96
N ALA B 307 -33.64 21.43 36.00
CA ALA B 307 -33.31 22.14 37.24
C ALA B 307 -33.16 21.13 38.38
N LEU B 308 -32.07 21.24 39.14
CA LEU B 308 -31.84 20.40 40.31
C LEU B 308 -32.03 21.18 41.60
N THR B 309 -32.46 20.46 42.63
CA THR B 309 -32.75 21.06 43.94
C THR B 309 -31.47 21.56 44.61
N ILE B 310 -31.67 22.19 45.76
CA ILE B 310 -30.61 22.94 46.42
C ILE B 310 -29.38 22.07 46.63
N ASP B 311 -29.58 20.84 47.10
CA ASP B 311 -28.51 19.89 47.26
C ASP B 311 -29.02 18.49 46.99
N GLY B 312 -28.12 17.63 46.52
CA GLY B 312 -28.47 16.31 46.05
C GLY B 312 -28.95 16.30 44.62
N GLY B 313 -28.56 15.24 43.88
CA GLY B 313 -28.83 15.14 42.47
C GLY B 313 -30.24 14.69 42.13
N VAL B 314 -31.24 15.52 42.40
CA VAL B 314 -32.62 15.19 42.11
C VAL B 314 -33.26 16.37 41.38
N THR B 315 -34.05 16.07 40.34
CA THR B 315 -34.59 17.08 39.44
C THR B 315 -35.93 17.59 39.93
N LEU B 316 -36.08 18.91 39.98
CA LEU B 316 -37.41 19.51 40.00
C LEU B 316 -38.16 19.19 38.71
N TRP B 317 -37.55 19.50 37.57
CA TRP B 317 -38.18 19.25 36.28
C TRP B 317 -37.11 19.01 35.22
N THR B 318 -37.50 18.30 34.16
CA THR B 318 -36.69 18.08 32.98
C THR B 318 -37.46 18.43 31.71
N GLN B 319 -36.86 19.26 30.86
CA GLN B 319 -37.39 19.52 29.51
C GLN B 319 -36.57 18.72 28.52
N SER B 320 -37.02 17.48 28.26
CA SER B 320 -36.40 16.55 27.32
C SER B 320 -36.67 16.86 25.85
N ASP B 321 -37.11 18.08 25.53
CA ASP B 321 -37.69 18.37 24.22
C ASP B 321 -36.62 18.52 23.14
N LEU B 322 -35.58 19.30 23.41
CA LEU B 322 -34.67 19.82 22.39
C LEU B 322 -33.55 18.84 22.06
N LEU B 323 -33.79 17.55 22.30
CA LEU B 323 -32.73 16.54 22.35
C LEU B 323 -31.81 16.55 21.13
N HIS B 324 -30.51 16.48 21.41
CA HIS B 324 -29.43 16.51 20.41
C HIS B 324 -29.47 17.71 19.46
N ARG B 325 -30.06 18.82 19.88
CA ARG B 325 -29.98 20.08 19.13
C ARG B 325 -29.12 21.03 19.97
N LEU B 326 -27.92 21.37 19.50
CA LEU B 326 -26.97 22.09 20.36
C LEU B 326 -27.63 23.30 21.01
N LEU B 327 -27.60 23.31 22.34
CA LEU B 327 -28.13 24.39 23.17
C LEU B 327 -27.00 25.27 23.71
N THR B 328 -27.18 26.58 23.61
CA THR B 328 -26.27 27.53 24.27
C THR B 328 -26.43 27.45 25.79
N SER B 329 -25.56 28.19 26.49
CA SER B 329 -25.73 28.40 27.92
C SER B 329 -27.12 28.94 28.23
N PRO B 330 -27.83 28.37 29.21
CA PRO B 330 -29.12 28.95 29.61
C PRO B 330 -28.92 30.20 30.47
N VAL B 331 -29.65 31.25 30.13
CA VAL B 331 -29.60 32.53 30.84
C VAL B 331 -30.97 32.77 31.48
N LEU B 332 -30.95 33.08 32.78
CA LEU B 332 -32.15 33.48 33.50
C LEU B 332 -32.39 34.96 33.26
N TYR B 333 -33.47 35.29 32.55
CA TYR B 333 -33.82 36.68 32.29
C TYR B 333 -35.25 36.91 32.77
N ASN B 334 -35.41 37.87 33.68
CA ASN B 334 -36.71 38.34 34.15
C ASN B 334 -37.66 37.17 34.45
N GLY B 335 -37.17 36.22 35.23
CA GLY B 335 -37.98 35.09 35.63
C GLY B 335 -38.17 34.00 34.60
N ASN B 336 -37.45 34.05 33.48
CA ASN B 336 -37.56 33.01 32.46
C ASN B 336 -36.15 32.55 32.06
N LEU B 337 -35.98 31.23 31.96
CA LEU B 337 -34.75 30.64 31.47
C LEU B 337 -34.76 30.60 29.94
N VAL B 338 -33.82 31.30 29.33
CA VAL B 338 -33.73 31.44 27.88
C VAL B 338 -32.51 30.64 27.41
N VAL B 339 -32.71 29.83 26.38
CA VAL B 339 -31.62 29.05 25.77
C VAL B 339 -31.76 29.16 24.25
N GLY B 340 -30.63 29.36 23.58
CA GLY B 340 -30.61 29.45 22.13
C GLY B 340 -30.32 28.11 21.47
N ASP B 341 -30.94 27.89 20.32
CA ASP B 341 -30.74 26.69 19.53
C ASP B 341 -29.46 26.77 18.71
N SER B 342 -29.09 25.63 18.14
CA SER B 342 -28.10 25.61 17.07
C SER B 342 -28.60 26.37 15.85
N GLU B 343 -29.90 26.25 15.56
CA GLU B 343 -30.54 27.08 14.57
C GLU B 343 -31.19 28.30 15.23
N GLY B 344 -32.00 29.04 14.46
CA GLY B 344 -32.30 30.43 14.72
C GLY B 344 -33.09 30.73 15.99
N TYR B 345 -33.68 29.73 16.64
CA TYR B 345 -34.69 30.01 17.65
C TYR B 345 -34.06 30.29 19.02
N LEU B 346 -34.79 31.09 19.81
CA LEU B 346 -34.60 31.18 21.25
C LEU B 346 -35.80 30.55 21.96
N HIS B 347 -35.53 29.59 22.84
CA HIS B 347 -36.57 28.90 23.59
C HIS B 347 -36.62 29.42 25.03
N TRP B 348 -37.84 29.71 25.50
CA TRP B 348 -38.06 30.30 26.81
C TRP B 348 -38.71 29.27 27.72
N ILE B 349 -38.10 29.06 28.89
CA ILE B 349 -38.50 28.04 29.85
C ILE B 349 -38.76 28.72 31.19
N ASN B 350 -39.74 28.22 31.94
CA ASN B 350 -40.07 28.83 33.23
C ASN B 350 -38.92 28.63 34.22
N VAL B 351 -38.75 29.63 35.11
CA VAL B 351 -37.66 29.57 36.07
C VAL B 351 -37.79 28.42 37.08
N GLU B 352 -39.00 28.06 37.53
CA GLU B 352 -39.17 27.03 38.60
C GLU B 352 -40.13 25.93 38.15
N ASP B 353 -41.12 26.24 37.30
CA ASP B 353 -42.03 25.26 36.73
C ASP B 353 -41.37 24.46 35.62
N GLY B 354 -41.76 23.20 35.50
CA GLY B 354 -41.46 22.38 34.33
C GLY B 354 -42.30 22.69 33.12
N ARG B 355 -42.15 23.89 32.54
CA ARG B 355 -42.91 24.30 31.37
C ARG B 355 -41.98 24.90 30.33
N PHE B 356 -42.16 24.49 29.07
CA PHE B 356 -41.57 25.17 27.92
C PHE B 356 -42.64 26.10 27.37
N VAL B 357 -42.29 27.36 27.11
CA VAL B 357 -43.29 28.42 27.17
C VAL B 357 -43.33 29.30 25.92
N ALA B 358 -42.19 29.58 25.30
CA ALA B 358 -42.20 30.48 24.14
C ALA B 358 -41.01 30.21 23.23
N GLN B 359 -41.13 30.70 21.99
CA GLN B 359 -40.15 30.43 20.93
C GLN B 359 -40.02 31.66 20.01
N GLN B 360 -38.96 32.43 20.19
CA GLN B 360 -38.76 33.68 19.45
C GLN B 360 -38.39 33.39 17.99
N LYS B 361 -38.10 34.48 17.27
CA LYS B 361 -37.83 34.45 15.83
C LYS B 361 -36.68 33.52 15.47
N VAL B 362 -36.73 33.00 14.24
CA VAL B 362 -35.68 32.16 13.66
C VAL B 362 -34.49 33.01 13.21
N ASP B 363 -33.61 33.34 14.15
CA ASP B 363 -32.51 34.26 13.90
C ASP B 363 -31.42 33.62 13.02
N SER B 364 -30.68 34.49 12.32
CA SER B 364 -29.87 34.14 11.16
C SER B 364 -28.77 33.11 11.42
N SER B 365 -28.92 31.91 10.86
CA SER B 365 -27.96 30.81 10.99
C SER B 365 -27.74 30.36 12.43
N GLY B 366 -28.64 30.72 13.33
CA GLY B 366 -28.60 30.19 14.69
C GLY B 366 -27.37 30.61 15.49
N PHE B 367 -27.21 29.91 16.61
CA PHE B 367 -26.26 30.28 17.65
C PHE B 367 -25.31 29.14 17.98
N GLN B 368 -24.13 29.50 18.49
CA GLN B 368 -23.16 28.52 18.94
C GLN B 368 -22.35 29.01 20.14
N THR B 369 -22.68 30.17 20.71
CA THR B 369 -21.97 30.67 21.89
C THR B 369 -22.96 31.35 22.84
N GLU B 370 -22.53 31.36 24.09
CA GLU B 370 -23.38 31.75 25.22
C GLU B 370 -23.92 33.17 25.20
N PRO B 371 -25.25 33.37 25.32
CA PRO B 371 -25.77 34.72 25.58
C PRO B 371 -25.25 35.28 26.89
N VAL B 372 -25.36 36.61 27.02
CA VAL B 372 -24.94 37.31 28.23
C VAL B 372 -26.17 37.60 29.10
N ALA B 373 -26.07 37.23 30.38
CA ALA B 373 -27.12 37.49 31.37
C ALA B 373 -27.13 38.95 31.80
N ALA B 374 -27.25 39.88 30.85
CA ALA B 374 -27.29 41.29 31.19
C ALA B 374 -28.49 41.60 32.10
N ASP B 375 -28.27 42.51 33.04
CA ASP B 375 -29.33 43.01 33.92
C ASP B 375 -30.42 43.72 33.14
N GLY B 376 -31.65 43.18 33.19
CA GLY B 376 -32.83 43.79 32.58
C GLY B 376 -32.81 43.83 31.07
N LYS B 377 -31.88 43.12 30.44
CA LYS B 377 -31.59 43.19 29.02
C LYS B 377 -31.19 41.80 28.54
N LEU B 378 -31.19 41.62 27.22
CA LEU B 378 -30.63 40.42 26.62
C LEU B 378 -29.77 40.82 25.43
N LEU B 379 -28.65 40.12 25.25
CA LEU B 379 -27.82 40.31 24.03
C LEU B 379 -27.28 38.93 23.68
N ILE B 380 -27.47 38.48 22.44
CA ILE B 380 -26.90 37.22 21.98
C ILE B 380 -26.32 37.41 20.58
N GLN B 381 -25.20 36.73 20.31
CA GLN B 381 -24.51 36.79 19.02
C GLN B 381 -24.68 35.49 18.25
N ALA B 382 -25.24 35.60 17.03
CA ALA B 382 -25.39 34.45 16.14
C ALA B 382 -24.06 34.05 15.50
N LYS B 383 -24.06 32.84 14.93
CA LYS B 383 -22.85 32.30 14.29
C LYS B 383 -22.30 33.20 13.20
N ASP B 384 -23.16 33.94 12.51
CA ASP B 384 -22.78 34.61 11.28
C ASP B 384 -22.16 35.99 11.50
N GLY B 385 -22.18 36.50 12.73
CA GLY B 385 -21.81 37.87 13.00
C GLY B 385 -22.96 38.82 13.24
N THR B 386 -24.19 38.33 13.38
CA THR B 386 -25.33 39.16 13.69
C THR B 386 -25.60 39.08 15.18
N VAL B 387 -25.65 40.23 15.82
CA VAL B 387 -25.95 40.34 17.24
C VAL B 387 -27.39 40.83 17.39
N TYR B 388 -28.10 40.31 18.41
CA TYR B 388 -29.52 40.57 18.60
C TYR B 388 -29.83 40.98 20.02
N SER B 389 -30.61 42.06 20.16
CA SER B 389 -31.12 42.53 21.45
C SER B 389 -32.61 42.20 21.55
N ILE B 390 -33.00 41.56 22.64
CA ILE B 390 -34.29 40.87 22.74
C ILE B 390 -35.08 41.48 23.89
N THR B 391 -36.38 41.70 23.67
CA THR B 391 -37.27 42.26 24.67
C THR B 391 -38.63 41.55 24.64
N ARG B 392 -39.38 41.73 25.72
CA ARG B 392 -40.74 41.20 25.81
C ARG B 392 -41.62 42.15 26.63
N SER C 5 -8.43 -28.22 -8.42
CA SER C 5 -7.12 -28.08 -7.73
C SER C 5 -5.99 -28.57 -8.64
N ARG C 6 -4.84 -27.89 -8.57
CA ARG C 6 -3.74 -28.17 -9.49
C ARG C 6 -3.02 -29.46 -9.17
N TYR C 7 -3.02 -29.88 -7.90
CA TYR C 7 -2.30 -31.07 -7.47
C TYR C 7 -3.01 -32.38 -7.81
N LYS C 8 -4.03 -32.35 -8.67
CA LYS C 8 -4.89 -33.52 -8.87
C LYS C 8 -4.12 -34.74 -9.35
N ARG C 9 -3.05 -34.55 -10.11
CA ARG C 9 -2.17 -35.65 -10.50
C ARG C 9 -1.45 -36.28 -9.30
N GLN C 10 -1.19 -35.49 -8.25
CA GLN C 10 -0.38 -35.93 -7.08
C GLN C 10 -1.21 -36.60 -5.98
N VAL C 11 -2.39 -36.07 -5.60
CA VAL C 11 -3.13 -36.64 -4.47
C VAL C 11 -3.86 -37.92 -4.86
N SER C 12 -4.14 -38.13 -6.15
CA SER C 12 -4.64 -39.43 -6.58
C SER C 12 -3.56 -40.51 -6.55
N GLY C 13 -2.32 -40.14 -6.26
CA GLY C 13 -1.25 -41.09 -5.99
C GLY C 13 -0.55 -41.61 -7.23
N ASP C 14 0.60 -41.03 -7.55
CA ASP C 14 1.49 -41.57 -8.57
C ASP C 14 2.37 -42.69 -8.02
N GLU C 15 2.75 -43.62 -8.91
CA GLU C 15 3.74 -44.63 -8.59
C GLU C 15 5.16 -44.11 -8.73
N ALA C 16 5.35 -42.94 -9.34
CA ALA C 16 6.63 -42.53 -9.90
C ALA C 16 7.70 -42.22 -8.87
N TYR C 17 7.36 -42.17 -7.57
CA TYR C 17 8.41 -42.08 -6.57
C TYR C 17 9.12 -43.41 -6.33
N LEU C 18 8.49 -44.53 -6.69
CA LEU C 18 9.19 -45.81 -6.83
C LEU C 18 10.03 -45.85 -8.10
N GLU C 19 11.03 -46.73 -8.09
CA GLU C 19 12.06 -46.80 -9.14
C GLU C 19 12.82 -45.49 -9.29
N ALA C 20 12.83 -44.66 -8.25
CA ALA C 20 13.93 -43.72 -8.09
C ALA C 20 15.24 -44.47 -7.90
N ALA C 21 16.32 -43.91 -8.43
CA ALA C 21 17.60 -44.61 -8.44
C ALA C 21 18.02 -44.98 -7.01
N PRO C 22 18.53 -46.19 -6.78
CA PRO C 22 19.01 -46.54 -5.45
C PRO C 22 20.25 -45.75 -5.06
N LEU C 23 20.37 -45.49 -3.76
CA LEU C 23 21.52 -44.80 -3.22
C LEU C 23 22.76 -45.69 -3.26
N ALA C 24 23.92 -45.08 -3.50
CA ALA C 24 25.20 -45.79 -3.48
C ALA C 24 26.28 -44.84 -2.98
N GLU C 25 26.80 -45.10 -1.78
CA GLU C 25 27.82 -44.22 -1.17
C GLU C 25 29.13 -44.33 -1.95
N LEU C 26 29.78 -43.20 -2.24
CA LEU C 26 31.09 -43.16 -2.87
C LEU C 26 32.13 -43.78 -1.94
N HIS C 27 33.14 -44.42 -2.54
CA HIS C 27 34.32 -44.87 -1.80
C HIS C 27 35.54 -44.05 -2.22
N ALA C 28 36.25 -43.53 -1.22
CA ALA C 28 37.39 -42.65 -1.47
C ALA C 28 38.59 -43.44 -2.00
N PRO C 29 39.36 -42.85 -2.92
CA PRO C 29 40.66 -43.43 -3.25
C PRO C 29 41.66 -43.27 -2.11
N ALA C 30 42.73 -44.05 -2.19
CA ALA C 30 43.78 -43.99 -1.17
C ALA C 30 44.41 -42.60 -1.10
N GLY C 31 44.81 -42.22 0.11
CA GLY C 31 45.43 -40.94 0.35
C GLY C 31 44.48 -39.79 0.61
N MET C 32 43.19 -40.06 0.81
CA MET C 32 42.24 -39.01 1.17
C MET C 32 41.03 -39.67 1.81
N ILE C 33 40.15 -38.84 2.37
CA ILE C 33 38.83 -39.27 2.82
C ILE C 33 37.78 -38.31 2.29
N LEU C 34 36.56 -38.83 2.08
CA LEU C 34 35.44 -38.00 1.72
C LEU C 34 34.94 -37.15 2.88
N PRO C 35 34.30 -36.02 2.58
CA PRO C 35 33.76 -35.15 3.64
C PRO C 35 32.82 -35.89 4.59
N VAL C 36 32.87 -35.49 5.86
CA VAL C 36 31.99 -36.07 6.87
C VAL C 36 30.56 -35.57 6.69
N THR C 37 29.61 -36.50 6.80
CA THR C 37 28.20 -36.20 6.54
C THR C 37 27.64 -35.24 7.58
N SER C 38 26.79 -34.30 7.13
CA SER C 38 26.43 -33.15 7.94
C SER C 38 24.94 -32.82 7.99
N GLY C 39 24.07 -33.63 7.40
CA GLY C 39 22.65 -33.32 7.43
C GLY C 39 21.85 -34.28 6.57
N ASP C 40 20.52 -34.12 6.65
CA ASP C 40 19.58 -34.88 5.83
C ASP C 40 19.97 -36.36 5.79
N TYR C 41 20.36 -36.89 6.94
CA TYR C 41 21.25 -38.04 7.02
C TYR C 41 20.62 -39.31 6.46
N ALA C 42 21.49 -40.25 6.11
CA ALA C 42 21.10 -41.60 5.72
C ALA C 42 20.11 -42.21 6.70
N ILE C 43 18.99 -42.68 6.17
CA ILE C 43 17.84 -43.14 6.94
C ILE C 43 18.11 -44.56 7.42
N PRO C 44 17.83 -44.90 8.68
CA PRO C 44 18.02 -46.29 9.14
C PRO C 44 17.23 -47.30 8.32
N VAL C 45 17.89 -48.42 8.01
CA VAL C 45 17.40 -49.34 6.99
C VAL C 45 15.99 -49.84 7.30
N THR C 46 15.71 -50.20 8.56
CA THR C 46 14.33 -50.42 9.01
C THR C 46 13.48 -51.24 8.02
N ASN C 47 14.10 -52.17 7.32
CA ASN C 47 13.35 -53.02 6.40
C ASN C 47 12.33 -53.86 7.16
N GLY C 48 11.17 -54.08 6.54
CA GLY C 48 10.12 -54.80 7.23
C GLY C 48 8.96 -55.12 6.31
N SER C 49 7.93 -55.71 6.91
CA SER C 49 6.75 -56.22 6.21
C SER C 49 5.79 -55.13 5.73
N GLY C 50 5.98 -53.89 6.13
CA GLY C 50 5.06 -52.83 5.72
C GLY C 50 4.86 -52.71 4.22
N ALA C 51 3.61 -52.42 3.84
CA ALA C 51 3.24 -52.29 2.44
C ALA C 51 3.88 -51.05 1.83
N VAL C 52 3.90 -51.02 0.50
CA VAL C 52 4.57 -49.96 -0.25
C VAL C 52 3.75 -49.62 -1.48
N GLY C 53 3.83 -48.36 -1.90
CA GLY C 53 3.12 -47.90 -3.08
C GLY C 53 1.61 -48.01 -2.93
N LYS C 54 0.95 -48.37 -4.04
CA LYS C 54 -0.50 -48.46 -4.07
C LYS C 54 -1.04 -49.60 -3.21
N ALA C 55 -0.19 -50.52 -2.78
CA ALA C 55 -0.62 -51.55 -1.84
C ALA C 55 -0.92 -50.99 -0.45
N LEU C 56 -0.31 -49.87 -0.09
CA LEU C 56 -0.57 -49.26 1.20
C LEU C 56 -1.95 -48.59 1.24
N ASP C 57 -2.76 -49.00 2.21
CA ASP C 57 -4.11 -48.46 2.45
C ASP C 57 -3.97 -47.12 3.17
N ILE C 58 -4.04 -46.02 2.40
CA ILE C 58 -3.81 -44.69 2.96
C ILE C 58 -4.92 -44.25 3.91
N ARG C 59 -6.08 -44.91 3.89
CA ARG C 59 -7.20 -44.49 4.73
C ARG C 59 -6.82 -44.56 6.21
N PRO C 60 -7.56 -43.85 7.07
CA PRO C 60 -7.30 -43.91 8.52
C PRO C 60 -7.53 -45.29 9.08
N PRO C 61 -7.01 -45.55 10.29
CA PRO C 61 -6.89 -46.94 10.78
C PRO C 61 -8.21 -47.69 10.83
N ALA C 62 -8.08 -49.02 10.91
CA ALA C 62 -9.21 -49.92 10.81
C ALA C 62 -10.30 -49.64 11.86
N GLN C 63 -9.94 -49.07 13.01
CA GLN C 63 -10.89 -48.35 13.83
C GLN C 63 -10.48 -46.89 13.99
N PRO C 64 -11.38 -45.94 13.76
CA PRO C 64 -10.94 -44.53 13.64
C PRO C 64 -10.75 -43.81 14.96
N LEU C 65 -11.39 -44.21 16.04
CA LEU C 65 -11.25 -43.49 17.31
C LEU C 65 -9.87 -43.75 17.92
N VAL D 8 -22.17 -28.14 6.85
CA VAL D 8 -23.09 -27.50 5.86
C VAL D 8 -24.55 -27.83 6.19
N PRO D 9 -24.98 -29.06 6.56
CA PRO D 9 -26.40 -29.38 6.76
C PRO D 9 -26.87 -29.44 8.22
N ASP D 10 -28.18 -29.41 8.46
CA ASP D 10 -28.74 -29.59 9.83
C ASP D 10 -28.59 -31.06 10.19
N ASN D 11 -28.00 -31.40 11.34
CA ASN D 11 -27.75 -32.81 11.73
C ASN D 11 -28.24 -33.07 13.15
N PRO D 12 -29.56 -33.26 13.35
CA PRO D 12 -30.07 -33.65 14.66
C PRO D 12 -29.40 -34.94 15.15
N PRO D 13 -29.20 -35.99 14.31
CA PRO D 13 -28.52 -37.22 14.72
C PRO D 13 -27.02 -37.29 14.36
N ASN D 14 -26.24 -38.09 15.10
CA ASN D 14 -24.80 -38.28 14.82
C ASN D 14 -24.68 -39.17 13.58
N GLU D 15 -25.80 -39.70 13.06
CA GLU D 15 -25.85 -40.51 11.83
C GLU D 15 -25.04 -39.81 10.72
N ILE D 16 -24.85 -38.49 10.80
CA ILE D 16 -23.99 -37.76 9.84
C ILE D 16 -22.67 -38.52 9.66
N TYR D 17 -22.11 -39.18 10.68
CA TYR D 17 -20.80 -39.88 10.59
C TYR D 17 -20.86 -41.15 9.74
N ALA D 18 -21.93 -41.94 9.81
CA ALA D 18 -22.12 -43.22 9.07
C ALA D 18 -22.32 -42.98 7.56
N THR D 19 -23.27 -42.14 7.15
CA THR D 19 -23.51 -41.77 5.76
C THR D 19 -22.34 -40.99 5.18
N ALA D 20 -21.69 -40.15 5.98
CA ALA D 20 -20.50 -39.45 5.50
C ALA D 20 -19.36 -40.42 5.25
N GLN D 21 -19.22 -41.44 6.09
CA GLN D 21 -18.26 -42.51 5.80
C GLN D 21 -18.60 -43.21 4.49
N GLN D 22 -19.90 -43.44 4.23
CA GLN D 22 -20.29 -44.00 2.94
C GLN D 22 -19.90 -43.06 1.79
N LYS D 23 -20.16 -41.76 1.94
CA LYS D 23 -19.71 -40.82 0.93
C LYS D 23 -18.20 -40.84 0.76
N LEU D 24 -17.47 -40.95 1.88
CA LEU D 24 -16.02 -41.06 1.81
C LEU D 24 -15.59 -42.36 1.13
N GLN D 25 -16.27 -43.47 1.46
CA GLN D 25 -15.97 -44.72 0.78
C GLN D 25 -16.28 -44.61 -0.71
N ASP D 26 -17.29 -43.82 -1.07
CA ASP D 26 -17.64 -43.59 -2.46
C ASP D 26 -16.69 -42.60 -3.11
N GLY D 27 -15.85 -41.93 -2.33
CA GLY D 27 -14.96 -40.92 -2.85
C GLY D 27 -15.64 -39.63 -3.24
N ASN D 28 -16.85 -39.38 -2.75
CA ASN D 28 -17.51 -38.07 -2.88
C ASN D 28 -16.87 -37.15 -1.87
N TRP D 29 -15.65 -36.68 -2.19
CA TRP D 29 -14.87 -35.92 -1.23
C TRP D 29 -15.59 -34.64 -0.79
N ARG D 30 -16.28 -34.02 -1.76
CA ARG D 30 -17.10 -32.81 -1.49
C ARG D 30 -18.02 -33.17 -0.32
N GLN D 31 -18.90 -34.16 -0.48
CA GLN D 31 -19.83 -34.55 0.56
C GLN D 31 -19.10 -34.85 1.87
N ALA D 32 -18.03 -35.63 1.81
CA ALA D 32 -17.32 -36.03 3.02
C ALA D 32 -16.83 -34.83 3.86
N ILE D 33 -16.05 -33.92 3.26
CA ILE D 33 -15.52 -32.82 4.05
C ILE D 33 -16.66 -31.97 4.63
N THR D 34 -17.70 -31.71 3.84
CA THR D 34 -18.76 -30.83 4.35
C THR D 34 -19.55 -31.50 5.46
N GLN D 35 -19.83 -32.80 5.35
CA GLN D 35 -20.54 -33.49 6.42
C GLN D 35 -19.63 -33.75 7.62
N LEU D 36 -18.35 -34.05 7.37
CA LEU D 36 -17.41 -34.18 8.48
C LEU D 36 -17.21 -32.84 9.20
N GLU D 37 -17.11 -31.74 8.45
CA GLU D 37 -17.01 -30.44 9.10
C GLU D 37 -18.26 -30.13 9.92
N ALA D 38 -19.44 -30.43 9.38
CA ALA D 38 -20.68 -30.25 10.14
C ALA D 38 -20.68 -31.09 11.41
N LEU D 39 -20.31 -32.37 11.29
CA LEU D 39 -20.23 -33.23 12.45
C LEU D 39 -19.21 -32.71 13.46
N ASP D 40 -18.02 -32.30 12.99
CA ASP D 40 -17.01 -31.74 13.88
C ASP D 40 -17.51 -30.49 14.59
N ASN D 41 -18.19 -29.60 13.87
CA ASN D 41 -18.67 -28.37 14.49
C ASN D 41 -19.82 -28.63 15.47
N ARG D 42 -20.67 -29.62 15.17
CA ARG D 42 -21.84 -29.89 15.99
C ARG D 42 -21.56 -30.81 17.16
N TYR D 43 -20.64 -31.77 17.00
CA TYR D 43 -20.33 -32.74 18.04
C TYR D 43 -18.87 -32.66 18.48
N PRO D 44 -18.35 -31.47 18.79
CA PRO D 44 -16.89 -31.32 18.89
C PRO D 44 -16.24 -32.15 19.98
N PHE D 45 -16.96 -32.51 21.04
CA PHE D 45 -16.38 -33.17 22.21
C PHE D 45 -16.89 -34.59 22.44
N GLY D 46 -17.70 -35.14 21.56
CA GLY D 46 -18.16 -36.50 21.72
C GLY D 46 -17.13 -37.50 21.25
N PRO D 47 -17.50 -38.78 21.29
CA PRO D 47 -16.64 -39.80 20.68
C PRO D 47 -16.30 -39.50 19.23
N TYR D 48 -17.25 -38.90 18.51
CA TYR D 48 -17.04 -38.48 17.09
C TYR D 48 -16.21 -37.19 17.10
N SER D 49 -15.04 -37.18 17.72
CA SER D 49 -14.12 -36.05 17.65
C SER D 49 -12.77 -36.52 17.14
N GLN D 50 -12.06 -37.35 17.90
CA GLN D 50 -10.86 -38.01 17.39
C GLN D 50 -11.20 -38.89 16.19
N GLN D 51 -12.28 -39.65 16.30
CA GLN D 51 -12.82 -40.43 15.21
C GLN D 51 -13.14 -39.59 13.97
N VAL D 52 -13.37 -38.29 14.14
CA VAL D 52 -13.77 -37.41 13.05
C VAL D 52 -12.58 -36.66 12.46
N GLN D 53 -11.66 -36.18 13.30
CA GLN D 53 -10.53 -35.42 12.80
C GLN D 53 -9.69 -36.22 11.80
N LEU D 54 -9.47 -37.51 12.06
CA LEU D 54 -8.69 -38.32 11.13
C LEU D 54 -9.35 -38.39 9.75
N ASP D 55 -10.65 -38.69 9.69
CA ASP D 55 -11.30 -38.77 8.38
C ASP D 55 -11.30 -37.42 7.70
N LEU D 56 -11.51 -36.36 8.48
CA LEU D 56 -11.47 -35.01 7.91
C LEU D 56 -10.10 -34.69 7.32
N ILE D 57 -9.02 -35.06 8.02
CA ILE D 57 -7.67 -34.90 7.45
C ILE D 57 -7.55 -35.66 6.14
N TYR D 58 -7.98 -36.92 6.13
CA TYR D 58 -7.88 -37.73 4.92
C TYR D 58 -8.69 -37.14 3.77
N ALA D 59 -9.91 -36.66 4.07
CA ALA D 59 -10.71 -36.02 3.04
C ALA D 59 -10.06 -34.76 2.49
N TYR D 60 -9.50 -33.90 3.36
CA TYR D 60 -8.79 -32.73 2.85
C TYR D 60 -7.65 -33.12 1.92
N TYR D 61 -6.88 -34.13 2.28
CA TYR D 61 -5.78 -34.54 1.40
C TYR D 61 -6.30 -35.02 0.05
N LYS D 62 -7.28 -35.93 0.04
CA LYS D 62 -7.81 -36.41 -1.21
C LYS D 62 -8.55 -35.32 -1.99
N ASN D 63 -9.09 -34.31 -1.31
CA ASN D 63 -9.64 -33.16 -2.01
C ASN D 63 -8.57 -32.23 -2.57
N ALA D 64 -7.30 -32.53 -2.33
CA ALA D 64 -6.19 -31.64 -2.67
C ALA D 64 -6.38 -30.26 -2.05
N ASP D 65 -6.83 -30.22 -0.80
CA ASP D 65 -7.01 -28.97 -0.07
C ASP D 65 -5.86 -28.77 0.92
N LEU D 66 -4.65 -28.84 0.38
CA LEU D 66 -3.48 -29.12 1.22
C LEU D 66 -3.19 -28.06 2.28
N PRO D 67 -3.36 -26.76 2.04
CA PRO D 67 -3.20 -25.80 3.15
C PRO D 67 -4.10 -26.08 4.34
N LEU D 68 -5.33 -26.50 4.09
CA LEU D 68 -6.22 -26.88 5.19
C LEU D 68 -5.79 -28.21 5.81
N ALA D 69 -5.32 -29.14 4.97
CA ALA D 69 -4.78 -30.39 5.50
C ALA D 69 -3.61 -30.14 6.45
N GLN D 70 -2.69 -29.26 6.08
CA GLN D 70 -1.61 -28.90 7.00
C GLN D 70 -2.15 -28.41 8.33
N ALA D 71 -3.10 -27.47 8.30
CA ALA D 71 -3.63 -26.91 9.54
C ALA D 71 -4.32 -27.98 10.40
N ALA D 72 -5.11 -28.85 9.77
CA ALA D 72 -5.77 -29.90 10.53
C ALA D 72 -4.79 -30.89 11.14
N ILE D 73 -3.76 -31.29 10.39
CA ILE D 73 -2.73 -32.17 10.95
C ILE D 73 -1.96 -31.47 12.07
N ASP D 74 -1.59 -30.21 11.86
CA ASP D 74 -0.91 -29.46 12.91
C ASP D 74 -1.77 -29.36 14.16
N ARG D 75 -3.07 -29.10 14.00
CA ARG D 75 -3.99 -29.09 15.14
C ARG D 75 -4.00 -30.43 15.87
N PHE D 76 -4.07 -31.54 15.13
CA PHE D 76 -4.16 -32.85 15.77
C PHE D 76 -2.92 -33.14 16.62
N ILE D 77 -1.73 -32.97 16.04
CA ILE D 77 -0.50 -33.24 16.78
C ILE D 77 -0.39 -32.35 18.01
N ARG D 78 -0.88 -31.12 17.92
CA ARG D 78 -0.87 -30.23 19.07
C ARG D 78 -1.88 -30.64 20.14
N LEU D 79 -3.08 -31.05 19.74
CA LEU D 79 -4.11 -31.38 20.71
C LEU D 79 -3.95 -32.78 21.32
N ASN D 80 -3.36 -33.74 20.62
CA ASN D 80 -3.22 -35.11 21.13
C ASN D 80 -1.90 -35.72 20.72
N PRO D 81 -0.79 -35.28 21.31
CA PRO D 81 0.54 -35.73 20.86
C PRO D 81 0.83 -37.19 21.14
N THR D 82 -0.03 -37.92 21.85
CA THR D 82 0.24 -39.30 22.22
C THR D 82 -0.85 -40.26 21.73
N HIS D 83 -1.72 -39.83 20.82
CA HIS D 83 -2.74 -40.70 20.28
C HIS D 83 -2.12 -41.99 19.74
N PRO D 84 -2.75 -43.16 19.93
CA PRO D 84 -2.09 -44.43 19.58
C PRO D 84 -1.84 -44.65 18.09
N ASN D 85 -2.38 -43.84 17.20
CA ASN D 85 -2.08 -43.93 15.77
C ASN D 85 -1.49 -42.62 15.25
N ILE D 86 -0.78 -41.91 16.11
CA ILE D 86 -0.15 -40.65 15.75
C ILE D 86 0.90 -40.83 14.66
N ASP D 87 1.45 -42.04 14.51
CA ASP D 87 2.35 -42.31 13.41
C ASP D 87 1.66 -42.19 12.05
N TYR D 88 0.38 -42.54 11.98
CA TYR D 88 -0.40 -42.28 10.79
C TYR D 88 -0.47 -40.77 10.50
N VAL D 89 -0.63 -39.97 11.55
CA VAL D 89 -0.72 -38.52 11.36
C VAL D 89 0.61 -37.95 10.89
N MET D 90 1.72 -38.50 11.39
CA MET D 90 3.03 -38.12 10.86
C MET D 90 3.19 -38.51 9.40
N TYR D 91 2.76 -39.73 9.04
CA TYR D 91 2.86 -40.12 7.64
C TYR D 91 2.09 -39.15 6.75
N MET D 92 0.88 -38.77 7.18
CA MET D 92 0.10 -37.81 6.40
C MET D 92 0.74 -36.43 6.39
N ARG D 93 1.41 -36.03 7.47
CA ARG D 93 2.17 -34.79 7.47
C ARG D 93 3.19 -34.78 6.33
N GLY D 94 3.98 -35.85 6.22
CA GLY D 94 4.96 -35.92 5.15
C GLY D 94 4.32 -35.96 3.77
N LEU D 95 3.27 -36.77 3.61
CA LEU D 95 2.58 -36.87 2.33
C LEU D 95 1.86 -35.59 1.92
N THR D 96 1.34 -34.82 2.87
CA THR D 96 0.74 -33.53 2.52
C THR D 96 1.80 -32.55 2.05
N ASN D 97 2.90 -32.46 2.78
CA ASN D 97 3.99 -31.60 2.39
C ASN D 97 4.59 -32.03 1.05
N MET D 98 4.69 -33.34 0.82
CA MET D 98 5.23 -33.91 -0.44
C MET D 98 4.25 -33.64 -1.57
N ALA D 99 2.94 -33.56 -1.29
CA ALA D 99 1.94 -33.25 -2.30
C ALA D 99 2.00 -31.80 -2.71
N LEU D 100 2.45 -30.91 -1.84
CA LEU D 100 2.68 -29.52 -2.22
C LEU D 100 3.87 -29.38 -3.17
N ASP D 101 4.80 -30.32 -3.19
CA ASP D 101 5.96 -30.20 -4.07
C ASP D 101 5.58 -30.38 -5.54
N ASP D 102 4.78 -31.39 -5.86
CA ASP D 102 4.41 -31.67 -7.25
C ASP D 102 3.29 -30.75 -7.73
N SER D 103 3.47 -29.44 -7.54
CA SER D 103 2.43 -28.48 -7.85
C SER D 103 2.24 -28.26 -9.36
N ALA D 104 1.01 -27.90 -9.73
CA ALA D 104 0.61 -27.46 -11.05
C ALA D 104 0.76 -28.47 -12.19
N LEU D 105 0.49 -28.00 -13.42
CA LEU D 105 0.41 -28.79 -14.66
C LEU D 105 1.72 -29.38 -15.16
N GLN D 106 2.86 -29.09 -14.54
CA GLN D 106 4.10 -29.80 -14.89
C GLN D 106 3.97 -31.31 -14.80
N GLY D 107 4.89 -32.03 -15.43
CA GLY D 107 4.72 -33.41 -15.80
C GLY D 107 3.77 -33.74 -16.93
N PHE D 108 2.64 -33.03 -17.05
CA PHE D 108 1.82 -33.20 -18.24
C PHE D 108 2.60 -32.79 -19.49
N PHE D 109 3.32 -31.68 -19.42
CA PHE D 109 4.24 -31.29 -20.49
C PHE D 109 5.61 -31.96 -20.35
N GLY D 110 5.76 -32.88 -19.39
CA GLY D 110 7.03 -33.48 -19.04
C GLY D 110 8.02 -32.60 -18.30
N VAL D 111 7.62 -31.44 -17.80
CA VAL D 111 8.55 -30.58 -17.07
C VAL D 111 9.04 -31.33 -15.84
N ASP D 112 10.34 -31.66 -15.84
CA ASP D 112 11.04 -32.01 -14.60
C ASP D 112 11.16 -30.77 -13.72
N ARG D 113 10.21 -30.61 -12.81
CA ARG D 113 10.14 -29.46 -11.90
C ARG D 113 11.08 -29.59 -10.71
N SER D 114 12.02 -30.54 -10.73
CA SER D 114 12.92 -30.76 -9.60
C SER D 114 13.73 -29.51 -9.25
N ASP D 115 13.77 -28.49 -10.12
CA ASP D 115 14.50 -27.22 -9.86
C ASP D 115 13.65 -26.24 -9.06
N ARG D 116 12.32 -26.35 -9.08
CA ARG D 116 11.45 -25.47 -8.31
C ARG D 116 11.72 -25.59 -6.81
N ASP D 117 11.38 -24.53 -6.08
CA ASP D 117 11.65 -24.38 -4.64
C ASP D 117 11.54 -25.69 -3.87
N PRO D 118 12.64 -26.15 -3.27
CA PRO D 118 12.66 -27.44 -2.59
C PRO D 118 12.11 -27.45 -1.17
N GLN D 119 11.69 -26.30 -0.62
CA GLN D 119 11.43 -26.26 0.82
C GLN D 119 10.33 -27.24 1.21
N HIS D 120 9.30 -27.38 0.38
CA HIS D 120 8.27 -28.37 0.69
C HIS D 120 8.83 -29.77 0.66
N ALA D 121 9.75 -30.04 -0.27
CA ALA D 121 10.45 -31.33 -0.27
C ALA D 121 11.30 -31.50 0.98
N ARG D 122 12.08 -30.48 1.34
CA ARG D 122 12.95 -30.60 2.51
C ARG D 122 12.17 -30.79 3.80
N ALA D 123 11.05 -30.08 3.94
CA ALA D 123 10.13 -30.33 5.04
C ALA D 123 9.63 -31.77 5.04
N ALA D 124 9.10 -32.22 3.92
CA ALA D 124 8.61 -33.60 3.81
C ALA D 124 9.67 -34.60 4.26
N PHE D 125 10.92 -34.39 3.86
CA PHE D 125 11.98 -35.31 4.28
C PHE D 125 12.15 -35.31 5.79
N SER D 126 12.03 -34.15 6.43
CA SER D 126 12.07 -34.09 7.88
C SER D 126 10.91 -34.88 8.52
N ASP D 127 9.71 -34.76 7.96
CA ASP D 127 8.55 -35.44 8.54
C ASP D 127 8.66 -36.95 8.44
N PHE D 128 8.96 -37.48 7.25
CA PHE D 128 9.09 -38.92 7.09
C PHE D 128 10.25 -39.48 7.89
N SER D 129 11.35 -38.73 7.98
CA SER D 129 12.47 -39.21 8.78
C SER D 129 12.13 -39.21 10.26
N LYS D 130 11.40 -38.21 10.72
CA LYS D 130 10.88 -38.21 12.09
C LYS D 130 9.98 -39.41 12.34
N LEU D 131 9.13 -39.76 11.37
CA LEU D 131 8.28 -40.95 11.51
C LEU D 131 9.10 -42.22 11.70
N VAL D 132 9.97 -42.54 10.73
CA VAL D 132 10.63 -43.84 10.75
C VAL D 132 11.67 -43.94 11.84
N ARG D 133 12.22 -42.82 12.29
CA ARG D 133 13.04 -42.84 13.49
C ARG D 133 12.21 -43.10 14.74
N GLY D 134 10.97 -42.60 14.78
CA GLY D 134 10.12 -42.78 15.94
C GLY D 134 9.40 -44.13 16.04
N TYR D 135 8.99 -44.68 14.90
CA TYR D 135 8.05 -45.82 14.87
C TYR D 135 8.53 -46.87 13.89
N PRO D 136 9.74 -47.39 14.07
CA PRO D 136 10.32 -48.29 13.06
C PRO D 136 9.56 -49.59 12.88
N ASN D 137 8.70 -49.97 13.83
CA ASN D 137 7.87 -51.16 13.69
C ASN D 137 6.60 -50.93 12.89
N SER D 138 6.28 -49.68 12.56
CA SER D 138 5.02 -49.41 11.87
C SER D 138 5.04 -49.94 10.44
N GLN D 139 3.85 -50.25 9.93
CA GLN D 139 3.71 -50.68 8.54
C GLN D 139 4.13 -49.60 7.54
N TYR D 140 4.11 -48.33 7.93
CA TYR D 140 4.38 -47.25 7.00
C TYR D 140 5.86 -47.10 6.67
N THR D 141 6.75 -47.73 7.44
CA THR D 141 8.18 -47.44 7.31
C THR D 141 8.73 -47.82 5.94
N THR D 142 8.17 -48.85 5.30
CA THR D 142 8.63 -49.22 3.96
C THR D 142 8.35 -48.11 2.94
N ASP D 143 7.11 -47.62 2.90
CA ASP D 143 6.79 -46.52 2.01
C ASP D 143 7.54 -45.25 2.39
N ALA D 144 7.58 -44.92 3.67
CA ALA D 144 8.27 -43.71 4.11
C ALA D 144 9.74 -43.71 3.69
N THR D 145 10.41 -44.87 3.77
CA THR D 145 11.78 -44.93 3.28
C THR D 145 11.88 -44.82 1.77
N LYS D 146 10.90 -45.36 1.03
CA LYS D 146 10.85 -45.09 -0.41
C LYS D 146 10.62 -43.62 -0.69
N ARG D 147 9.83 -42.97 0.16
CA ARG D 147 9.52 -41.52 0.03
C ARG D 147 10.79 -40.75 0.34
N LEU D 148 11.58 -41.15 1.33
CA LEU D 148 12.82 -40.49 1.71
C LEU D 148 13.92 -40.59 0.65
N VAL D 149 14.08 -41.77 0.03
CA VAL D 149 15.11 -41.89 -1.00
C VAL D 149 14.77 -41.03 -2.22
N PHE D 150 13.49 -40.93 -2.57
CA PHE D 150 13.12 -40.03 -3.67
C PHE D 150 13.34 -38.58 -3.30
N LEU D 151 12.99 -38.23 -2.06
CA LEU D 151 13.07 -36.83 -1.57
C LEU D 151 14.53 -36.38 -1.46
N LYS D 152 15.48 -37.25 -1.10
CA LYS D 152 16.90 -36.87 -1.06
C LYS D 152 17.47 -36.72 -2.47
N ASP D 153 17.06 -37.61 -3.39
CA ASP D 153 17.50 -37.44 -4.77
C ASP D 153 16.91 -36.18 -5.40
N ARG D 154 15.65 -35.86 -5.08
CA ARG D 154 15.04 -34.64 -5.59
C ARG D 154 15.69 -33.38 -5.02
N LEU D 155 16.11 -33.41 -3.76
CA LEU D 155 16.88 -32.29 -3.21
C LEU D 155 18.24 -32.18 -3.87
N ALA D 156 18.94 -33.30 -4.04
CA ALA D 156 20.25 -33.27 -4.67
C ALA D 156 20.20 -32.81 -6.12
N LYS D 157 19.16 -33.18 -6.86
CA LYS D 157 19.00 -32.63 -8.20
C LYS D 157 18.79 -31.12 -8.18
N TYR D 158 18.12 -30.59 -7.15
CA TYR D 158 18.05 -29.14 -7.02
C TYR D 158 19.44 -28.54 -6.84
N GLU D 159 20.22 -29.09 -5.92
CA GLU D 159 21.53 -28.52 -5.62
C GLU D 159 22.46 -28.60 -6.84
N TYR D 160 22.40 -29.71 -7.57
CA TYR D 160 23.10 -29.79 -8.84
C TYR D 160 22.64 -28.74 -9.83
N SER D 161 21.33 -28.51 -9.92
CA SER D 161 20.81 -27.50 -10.83
C SER D 161 21.42 -26.13 -10.58
N VAL D 162 21.59 -25.73 -9.33
CA VAL D 162 22.27 -24.47 -9.03
C VAL D 162 23.76 -24.55 -9.36
N ALA D 163 24.38 -25.69 -9.05
CA ALA D 163 25.78 -25.88 -9.46
C ALA D 163 25.92 -25.83 -10.98
N GLU D 164 24.94 -26.36 -11.71
CA GLU D 164 24.93 -26.25 -13.16
C GLU D 164 24.83 -24.80 -13.62
N TYR D 165 23.93 -24.02 -13.03
CA TYR D 165 23.79 -22.62 -13.41
C TYR D 165 25.07 -21.82 -13.17
N TYR D 166 25.66 -21.94 -11.98
CA TYR D 166 26.89 -21.20 -11.72
C TYR D 166 28.06 -21.69 -12.56
N THR D 167 28.01 -22.93 -13.04
CA THR D 167 29.00 -23.36 -14.03
C THR D 167 28.86 -22.53 -15.31
N GLU D 168 27.63 -22.29 -15.76
CA GLU D 168 27.43 -21.47 -16.95
C GLU D 168 27.79 -20.01 -16.71
N ARG D 169 27.39 -19.46 -15.56
CA ARG D 169 27.78 -18.11 -15.18
C ARG D 169 29.25 -17.99 -14.83
N GLY D 170 29.96 -19.10 -14.65
CA GLY D 170 31.37 -19.05 -14.33
C GLY D 170 31.70 -18.53 -12.95
N ALA D 171 30.75 -18.56 -12.02
CA ALA D 171 30.99 -18.19 -10.62
C ALA D 171 31.62 -19.40 -9.91
N TRP D 172 32.90 -19.61 -10.19
CA TRP D 172 33.54 -20.88 -9.84
C TRP D 172 33.57 -21.13 -8.33
N VAL D 173 33.62 -20.08 -7.50
CA VAL D 173 33.48 -20.32 -6.07
C VAL D 173 32.07 -20.78 -5.73
N ALA D 174 31.06 -20.21 -6.37
CA ALA D 174 29.69 -20.66 -6.16
C ALA D 174 29.47 -22.11 -6.58
N VAL D 175 30.22 -22.58 -7.59
CA VAL D 175 30.17 -24.00 -7.94
C VAL D 175 30.80 -24.85 -6.84
N VAL D 176 32.09 -24.65 -6.59
CA VAL D 176 32.81 -25.52 -5.66
C VAL D 176 32.14 -25.53 -4.28
N ASN D 177 31.75 -24.36 -3.79
CA ASN D 177 31.16 -24.28 -2.46
C ASN D 177 29.82 -25.01 -2.36
N ARG D 178 29.08 -25.13 -3.46
CA ARG D 178 27.84 -25.90 -3.42
C ARG D 178 28.02 -27.40 -3.68
N VAL D 179 28.87 -27.79 -4.63
CA VAL D 179 29.08 -29.21 -4.85
C VAL D 179 29.79 -29.85 -3.67
N GLU D 180 30.65 -29.10 -2.96
CA GLU D 180 31.12 -29.56 -1.67
C GLU D 180 29.97 -29.76 -0.69
N GLY D 181 29.02 -28.82 -0.67
CA GLY D 181 27.83 -29.00 0.14
C GLY D 181 27.07 -30.28 -0.16
N MET D 182 26.94 -30.62 -1.45
CA MET D 182 26.34 -31.90 -1.80
C MET D 182 27.13 -33.08 -1.27
N LEU D 183 28.46 -33.04 -1.38
CA LEU D 183 29.25 -34.18 -0.90
C LEU D 183 29.13 -34.39 0.61
N ARG D 184 28.91 -33.33 1.38
CA ARG D 184 28.73 -33.52 2.82
C ARG D 184 27.28 -33.72 3.24
N ASP D 185 26.31 -33.17 2.52
CA ASP D 185 24.91 -33.37 2.89
C ASP D 185 24.23 -34.50 2.12
N TYR D 186 24.64 -34.77 0.89
CA TYR D 186 23.90 -35.69 0.02
C TYR D 186 24.84 -36.70 -0.66
N PRO D 187 25.80 -37.29 0.03
CA PRO D 187 26.91 -37.93 -0.70
C PRO D 187 26.47 -39.06 -1.62
N ASP D 188 25.59 -39.95 -1.16
CA ASP D 188 25.30 -41.19 -1.87
C ASP D 188 24.29 -41.07 -3.02
N THR D 189 23.79 -39.89 -3.34
CA THR D 189 22.83 -39.77 -4.44
C THR D 189 23.53 -39.74 -5.79
N GLN D 190 22.78 -40.11 -6.83
CA GLN D 190 23.28 -40.03 -8.21
C GLN D 190 23.59 -38.60 -8.61
N ALA D 191 22.80 -37.63 -8.16
CA ALA D 191 23.06 -36.25 -8.52
C ALA D 191 24.41 -35.75 -8.00
N THR D 192 24.86 -36.24 -6.85
CA THR D 192 26.20 -35.90 -6.39
C THR D 192 27.26 -36.48 -7.31
N ARG D 193 27.06 -37.71 -7.79
CA ARG D 193 28.01 -38.32 -8.72
C ARG D 193 28.03 -37.60 -10.05
N ASP D 194 26.89 -37.04 -10.48
CA ASP D 194 26.86 -36.18 -11.66
C ASP D 194 27.51 -34.82 -11.42
N ALA D 195 27.64 -34.38 -10.18
CA ALA D 195 28.19 -33.06 -9.90
C ALA D 195 29.71 -33.03 -9.86
N LEU D 196 30.37 -34.15 -9.57
CA LEU D 196 31.83 -34.16 -9.47
C LEU D 196 32.55 -33.58 -10.69
N PRO D 197 32.12 -33.81 -11.93
CA PRO D 197 32.73 -33.08 -13.05
C PRO D 197 32.70 -31.56 -12.90
N LEU D 198 31.62 -30.99 -12.35
CA LEU D 198 31.57 -29.54 -12.21
C LEU D 198 32.60 -29.06 -11.18
N MET D 199 32.82 -29.83 -10.13
CA MET D 199 33.88 -29.49 -9.17
C MET D 199 35.25 -29.56 -9.81
N GLU D 200 35.51 -30.62 -10.59
CA GLU D 200 36.78 -30.73 -11.31
C GLU D 200 36.99 -29.56 -12.26
N ASN D 201 36.00 -29.27 -13.10
CA ASN D 201 36.06 -28.10 -13.96
C ASN D 201 36.36 -26.83 -13.17
N ALA D 202 35.62 -26.58 -12.10
CA ALA D 202 35.77 -25.33 -11.37
C ALA D 202 37.17 -25.17 -10.79
N TYR D 203 37.70 -26.22 -10.16
CA TYR D 203 39.09 -26.15 -9.69
C TYR D 203 40.05 -25.89 -10.83
N ARG D 204 39.82 -26.51 -11.99
CA ARG D 204 40.73 -26.34 -13.12
C ARG D 204 40.72 -24.91 -13.66
N GLN D 205 39.54 -24.30 -13.80
CA GLN D 205 39.50 -22.92 -14.27
C GLN D 205 40.17 -21.96 -13.30
N MET D 206 40.11 -22.26 -12.01
CA MET D 206 40.80 -21.47 -10.98
C MET D 206 42.28 -21.79 -10.85
N GLN D 207 42.83 -22.65 -11.71
CA GLN D 207 44.23 -23.06 -11.62
C GLN D 207 44.54 -23.81 -10.34
N MET D 208 43.53 -24.31 -9.64
CA MET D 208 43.71 -25.11 -8.40
C MET D 208 43.86 -26.57 -8.85
N ASN D 209 44.88 -26.88 -9.63
CA ASN D 209 45.05 -28.19 -10.25
C ASN D 209 45.12 -29.32 -9.22
N ALA D 210 45.83 -29.09 -8.11
CA ALA D 210 45.90 -30.11 -7.07
C ALA D 210 44.51 -30.61 -6.65
N GLN D 211 43.58 -29.70 -6.37
CA GLN D 211 42.22 -30.12 -6.06
C GLN D 211 41.55 -30.78 -7.25
N ALA D 212 41.74 -30.21 -8.45
CA ALA D 212 41.21 -30.82 -9.67
C ALA D 212 41.64 -32.28 -9.79
N GLU D 213 42.94 -32.56 -9.64
CA GLU D 213 43.41 -33.94 -9.64
C GLU D 213 42.79 -34.76 -8.52
N LYS D 214 42.63 -34.19 -7.33
CA LYS D 214 42.00 -34.94 -6.24
C LYS D 214 40.58 -35.36 -6.59
N VAL D 215 39.76 -34.41 -7.05
CA VAL D 215 38.39 -34.76 -7.46
C VAL D 215 38.40 -35.70 -8.66
N ALA D 216 39.39 -35.55 -9.55
CA ALA D 216 39.54 -36.51 -10.64
C ALA D 216 39.78 -37.92 -10.11
N LYS D 217 40.66 -38.06 -9.12
CA LYS D 217 40.90 -39.36 -8.51
C LYS D 217 39.63 -39.93 -7.87
N ILE D 218 38.80 -39.07 -7.28
CA ILE D 218 37.53 -39.53 -6.72
C ILE D 218 36.61 -40.05 -7.82
N ILE D 219 36.38 -39.25 -8.85
CA ILE D 219 35.42 -39.65 -9.88
C ILE D 219 35.93 -40.86 -10.65
N ALA D 220 37.21 -40.89 -11.01
CA ALA D 220 37.75 -42.01 -11.76
C ALA D 220 37.68 -43.32 -10.97
N ALA D 221 37.70 -43.25 -9.64
CA ALA D 221 37.51 -44.44 -8.83
C ALA D 221 36.05 -44.87 -8.69
N ASN D 222 35.10 -43.97 -8.94
CA ASN D 222 33.70 -44.23 -8.66
C ASN D 222 32.83 -44.31 -9.91
N SER D 223 33.33 -43.93 -11.07
CA SER D 223 32.58 -44.14 -12.30
C SER D 223 32.37 -45.63 -12.56
N SER D 224 31.23 -45.96 -13.16
CA SER D 224 30.85 -47.35 -13.40
C SER D 224 31.84 -48.04 -14.32
N GLU E 5 33.89 -11.61 -31.99
CA GLU E 5 33.52 -10.51 -31.05
C GLU E 5 32.43 -10.96 -30.07
N ARG E 6 32.54 -10.47 -28.83
CA ARG E 6 31.42 -10.46 -27.90
C ARG E 6 31.43 -9.12 -27.20
N VAL E 7 30.25 -8.52 -27.02
CA VAL E 7 30.16 -7.14 -26.54
C VAL E 7 29.06 -6.98 -25.50
N VAL E 8 28.35 -8.07 -25.18
CA VAL E 8 27.21 -7.98 -24.28
C VAL E 8 27.64 -7.53 -22.89
N TYR E 9 26.79 -6.71 -22.26
CA TYR E 9 27.03 -6.14 -20.95
C TYR E 9 26.84 -7.16 -19.84
N ARG E 10 27.89 -7.91 -19.52
CA ARG E 10 27.93 -8.68 -18.29
C ARG E 10 28.13 -7.76 -17.10
N PRO E 11 27.50 -8.06 -15.95
CA PRO E 11 27.94 -7.43 -14.71
C PRO E 11 29.32 -7.94 -14.32
N ASP E 12 29.95 -7.23 -13.41
CA ASP E 12 31.24 -7.66 -12.87
C ASP E 12 31.10 -8.98 -12.14
N ILE E 13 31.77 -10.03 -12.66
CA ILE E 13 31.97 -11.25 -11.88
C ILE E 13 32.98 -10.98 -10.79
N ASN E 14 32.60 -11.26 -9.54
CA ASN E 14 33.54 -11.26 -8.42
C ASN E 14 33.30 -12.48 -7.55
N GLN E 15 34.38 -13.05 -7.01
CA GLN E 15 34.28 -14.29 -6.25
C GLN E 15 35.31 -14.34 -5.14
N GLY E 16 34.95 -15.00 -4.05
CA GLY E 16 35.87 -15.35 -2.99
C GLY E 16 36.16 -14.26 -1.98
N ASN E 17 37.24 -14.47 -1.23
CA ASN E 17 37.65 -13.52 -0.21
C ASN E 17 38.29 -12.29 -0.82
N TYR E 18 38.07 -11.14 -0.19
CA TYR E 18 38.79 -9.92 -0.57
C TYR E 18 40.24 -9.99 -0.08
N LEU E 19 41.16 -9.57 -0.93
CA LEU E 19 42.58 -9.53 -0.62
C LEU E 19 43.13 -8.12 -0.80
N THR E 20 44.05 -7.71 0.05
CA THR E 20 44.76 -6.42 -0.16
C THR E 20 46.16 -6.67 0.37
N ALA E 21 47.14 -5.88 -0.04
CA ALA E 21 48.54 -6.03 0.33
C ALA E 21 48.76 -5.88 1.83
N ASN E 22 48.04 -4.97 2.47
CA ASN E 22 48.19 -4.80 3.92
C ASN E 22 47.52 -5.90 4.75
N ASP E 23 46.73 -6.78 4.12
CA ASP E 23 46.05 -7.91 4.81
C ASP E 23 46.87 -9.21 4.67
N VAL E 24 47.50 -9.43 3.51
CA VAL E 24 48.32 -10.62 3.29
C VAL E 24 49.65 -10.53 4.04
N SER E 25 50.17 -9.31 4.22
CA SER E 25 51.39 -9.16 5.00
C SER E 25 51.18 -9.46 6.48
N LYS E 26 49.94 -9.62 6.92
CA LYS E 26 49.68 -10.07 8.29
C LYS E 26 50.07 -11.53 8.51
N ILE E 27 49.92 -12.38 7.50
CA ILE E 27 50.16 -13.82 7.66
C ILE E 27 51.65 -14.14 7.66
N ARG E 28 52.08 -14.90 8.65
CA ARG E 28 53.46 -15.38 8.70
C ARG E 28 53.46 -16.76 9.33
N VAL E 29 54.54 -17.51 9.07
CA VAL E 29 54.66 -18.88 9.53
C VAL E 29 54.46 -18.96 11.05
N GLY E 30 53.73 -20.00 11.47
CA GLY E 30 53.55 -20.33 12.86
C GLY E 30 52.37 -19.68 13.56
N MET E 31 51.53 -18.94 12.83
CA MET E 31 50.30 -18.44 13.43
C MET E 31 49.33 -19.59 13.70
N THR E 32 48.48 -19.40 14.71
CA THR E 32 47.39 -20.32 14.97
C THR E 32 46.21 -20.02 14.06
N GLN E 33 45.40 -21.05 13.81
CA GLN E 33 44.40 -20.99 12.76
C GLN E 33 43.34 -19.91 13.01
N GLN E 34 42.96 -19.69 14.28
CA GLN E 34 42.03 -18.60 14.57
C GLN E 34 42.64 -17.23 14.29
N GLN E 35 43.95 -17.08 14.42
CA GLN E 35 44.58 -15.80 14.10
C GLN E 35 44.48 -15.50 12.61
N VAL E 36 44.65 -16.50 11.75
CA VAL E 36 44.50 -16.28 10.32
C VAL E 36 43.08 -15.84 10.00
N ALA E 37 42.08 -16.55 10.53
CA ALA E 37 40.69 -16.17 10.29
C ALA E 37 40.38 -14.78 10.82
N TYR E 38 41.00 -14.37 11.92
CA TYR E 38 40.80 -13.02 12.44
C TYR E 38 41.44 -11.98 11.52
N ALA E 39 42.62 -12.28 10.98
CA ALA E 39 43.32 -11.28 10.16
C ALA E 39 42.66 -11.12 8.79
N LEU E 40 42.32 -12.22 8.13
CA LEU E 40 41.85 -12.19 6.75
C LEU E 40 40.34 -12.34 6.61
N GLY E 41 39.63 -12.66 7.68
CA GLY E 41 38.28 -13.18 7.57
C GLY E 41 38.27 -14.69 7.34
N THR E 42 37.07 -15.25 7.48
CA THR E 42 36.90 -16.69 7.35
C THR E 42 37.21 -17.17 5.94
N PRO E 43 37.77 -18.37 5.81
CA PRO E 43 38.07 -18.93 4.47
C PRO E 43 36.78 -19.30 3.76
N LEU E 44 36.54 -18.68 2.61
CA LEU E 44 35.39 -19.06 1.81
C LEU E 44 35.59 -20.36 1.05
N MET E 45 36.80 -20.91 1.07
CA MET E 45 37.07 -22.23 0.44
C MET E 45 38.04 -23.00 1.34
N SER E 46 37.83 -24.29 1.53
CA SER E 46 38.76 -25.15 2.24
C SER E 46 38.76 -26.51 1.57
N ASP E 47 39.83 -27.26 1.79
CA ASP E 47 39.89 -28.65 1.33
C ASP E 47 38.95 -29.52 2.17
N PRO E 48 37.88 -30.08 1.59
CA PRO E 48 36.99 -30.95 2.37
C PRO E 48 37.48 -32.37 2.52
N PHE E 49 38.45 -32.81 1.73
CA PHE E 49 38.85 -34.21 1.60
C PHE E 49 39.76 -34.69 2.72
N GLY E 50 39.77 -34.02 3.87
CA GLY E 50 40.54 -34.46 5.01
C GLY E 50 41.98 -33.99 5.13
N THR E 51 42.32 -32.85 4.54
CA THR E 51 43.58 -32.18 4.85
C THR E 51 43.28 -30.71 5.10
N ASN E 52 43.91 -30.15 6.13
CA ASN E 52 43.53 -28.84 6.67
C ASN E 52 44.27 -27.74 5.90
N THR E 53 43.70 -27.38 4.74
CA THR E 53 44.26 -26.32 3.91
C THR E 53 43.16 -25.36 3.49
N TRP E 54 43.46 -24.06 3.57
CA TRP E 54 42.51 -23.01 3.23
C TRP E 54 42.92 -22.33 1.93
N PHE E 55 41.96 -22.12 1.03
CA PHE E 55 42.20 -21.50 -0.27
C PHE E 55 41.53 -20.13 -0.32
N TYR E 56 42.24 -19.10 0.15
CA TYR E 56 41.81 -17.72 -0.03
C TYR E 56 42.01 -17.33 -1.49
N VAL E 57 40.93 -17.32 -2.26
CA VAL E 57 40.96 -16.88 -3.66
C VAL E 57 40.23 -15.55 -3.80
N PHE E 58 40.86 -14.63 -4.52
CA PHE E 58 40.29 -13.33 -4.88
C PHE E 58 40.25 -13.24 -6.39
N ARG E 59 39.04 -13.16 -6.97
CA ARG E 59 38.87 -13.22 -8.42
C ARG E 59 37.88 -12.16 -8.89
N GLN E 60 38.22 -11.50 -10.00
CA GLN E 60 37.35 -10.54 -10.67
C GLN E 60 37.49 -10.67 -12.19
N GLN E 61 36.38 -10.42 -12.89
CA GLN E 61 36.38 -10.22 -14.34
C GLN E 61 35.79 -8.84 -14.62
N PRO E 62 36.57 -7.76 -14.47
CA PRO E 62 35.99 -6.42 -14.56
C PRO E 62 35.63 -6.01 -15.97
N GLY E 63 34.46 -5.39 -16.09
CA GLY E 63 34.07 -4.75 -17.34
C GLY E 63 33.87 -5.70 -18.50
N HIS E 64 34.42 -5.33 -19.66
CA HIS E 64 34.13 -6.03 -20.90
C HIS E 64 34.70 -7.44 -20.88
N GLU E 65 36.03 -7.57 -20.77
CA GLU E 65 36.68 -8.88 -20.91
C GLU E 65 37.92 -9.04 -20.04
N GLY E 66 38.27 -8.07 -19.20
CA GLY E 66 39.39 -8.25 -18.31
C GLY E 66 39.16 -9.33 -17.26
N VAL E 67 40.24 -10.01 -16.89
CA VAL E 67 40.22 -11.07 -15.89
C VAL E 67 41.40 -10.87 -14.94
N THR E 68 41.16 -11.05 -13.64
CA THR E 68 42.23 -11.03 -12.65
C THR E 68 41.90 -11.99 -11.52
N GLN E 69 42.94 -12.61 -10.96
CA GLN E 69 42.77 -13.50 -9.82
C GLN E 69 44.06 -13.53 -9.00
N GLN E 70 43.90 -13.45 -7.68
CA GLN E 70 44.95 -13.78 -6.72
C GLN E 70 44.55 -15.03 -5.94
N THR E 71 45.48 -15.95 -5.75
CA THR E 71 45.28 -17.12 -4.91
C THR E 71 46.28 -17.15 -3.76
N LEU E 72 45.77 -17.45 -2.56
CA LEU E 72 46.59 -17.55 -1.35
C LEU E 72 46.21 -18.86 -0.65
N THR E 73 47.08 -19.86 -0.77
CA THR E 73 46.84 -21.19 -0.19
C THR E 73 47.62 -21.35 1.11
N LEU E 74 46.92 -21.69 2.19
CA LEU E 74 47.51 -21.86 3.51
C LEU E 74 47.34 -23.31 3.95
N THR E 75 48.42 -23.89 4.46
CA THR E 75 48.44 -25.28 4.91
C THR E 75 48.69 -25.33 6.41
N PHE E 76 47.81 -26.02 7.13
CA PHE E 76 47.89 -26.13 8.59
C PHE E 76 48.16 -27.58 8.99
N ASN E 77 48.96 -27.76 10.03
CA ASN E 77 49.04 -29.06 10.69
C ASN E 77 47.83 -29.26 11.61
N SER E 78 47.65 -30.51 12.04
CA SER E 78 46.62 -30.81 13.03
C SER E 78 46.78 -29.97 14.29
N SER E 79 45.65 -29.76 14.97
CA SER E 79 45.47 -28.77 16.03
C SER E 79 45.58 -27.34 15.53
N GLY E 80 45.65 -27.11 14.22
CA GLY E 80 45.44 -25.79 13.68
C GLY E 80 46.62 -24.84 13.88
N VAL E 81 47.80 -25.18 13.37
CA VAL E 81 48.93 -24.27 13.34
C VAL E 81 49.46 -24.22 11.92
N LEU E 82 49.74 -23.01 11.44
CA LEU E 82 50.13 -22.80 10.05
C LEU E 82 51.57 -23.23 9.80
N THR E 83 51.78 -23.99 8.73
CA THR E 83 53.10 -24.52 8.40
C THR E 83 53.71 -23.91 7.14
N ASN E 84 52.90 -23.64 6.12
CA ASN E 84 53.47 -23.19 4.83
C ASN E 84 52.53 -22.21 4.14
N ILE E 85 53.09 -21.36 3.28
CA ILE E 85 52.37 -20.37 2.49
C ILE E 85 52.63 -20.63 1.02
N ASP E 86 51.57 -20.51 0.19
CA ASP E 86 51.73 -20.49 -1.26
C ASP E 86 50.87 -19.35 -1.81
N ASN E 87 51.50 -18.20 -2.03
CA ASN E 87 50.83 -17.00 -2.54
C ASN E 87 51.20 -16.82 -4.01
N LYS E 88 50.19 -16.80 -4.89
CA LYS E 88 50.38 -16.40 -6.27
C LYS E 88 49.63 -15.11 -6.54
N PRO E 89 50.31 -13.99 -6.85
CA PRO E 89 49.62 -12.70 -6.91
C PRO E 89 48.79 -12.50 -8.17
N ALA E 90 49.00 -13.30 -9.22
CA ALA E 90 48.27 -13.12 -10.47
C ALA E 90 48.02 -14.48 -11.10
N LEU E 91 46.98 -14.53 -11.94
CA LEU E 91 46.58 -15.78 -12.58
C LEU E 91 47.70 -16.27 -13.49
N SER E 92 48.26 -17.44 -13.19
CA SER E 92 49.42 -17.98 -13.95
C SER E 92 48.95 -18.64 -15.25
N GLY E 93 48.07 -17.99 -16.03
CA GLY E 93 47.61 -18.52 -17.29
C GLY E 93 48.56 -18.24 -18.44
N ALA F 468 -2.49 5.00 -30.49
CA ALA F 468 -2.79 4.44 -29.18
C ALA F 468 -4.31 4.38 -28.96
N MET F 469 -4.74 3.42 -28.14
CA MET F 469 -6.13 3.27 -27.78
C MET F 469 -6.35 3.77 -26.36
N ALA F 470 -7.44 4.50 -26.14
CA ALA F 470 -7.82 4.94 -24.79
C ALA F 470 -9.31 4.77 -24.57
N VAL F 471 -9.67 4.21 -23.41
CA VAL F 471 -11.06 4.06 -23.00
C VAL F 471 -11.20 4.41 -21.52
N ALA F 472 -12.25 5.15 -21.17
CA ALA F 472 -12.62 5.42 -19.79
C ALA F 472 -14.11 5.18 -19.60
N SER F 473 -14.49 4.52 -18.50
CA SER F 473 -15.86 4.08 -18.30
C SER F 473 -16.28 4.23 -16.84
N LEU F 474 -17.57 4.55 -16.64
CA LEU F 474 -18.20 4.66 -15.32
C LEU F 474 -19.54 3.94 -15.37
N GLU F 475 -19.91 3.28 -14.26
CA GLU F 475 -21.08 2.40 -14.26
C GLU F 475 -21.82 2.44 -12.93
N PHE F 476 -23.13 2.14 -13.00
CA PHE F 476 -24.04 2.07 -11.86
C PHE F 476 -24.80 0.74 -11.90
N ILE F 477 -24.93 0.08 -10.75
CA ILE F 477 -25.35 -1.32 -10.64
C ILE F 477 -26.83 -1.41 -10.27
N THR F 478 -27.54 -2.38 -10.85
CA THR F 478 -28.96 -2.67 -10.53
C THR F 478 -29.14 -4.14 -10.96
N PRO F 479 -28.74 -5.14 -10.15
CA PRO F 479 -28.74 -6.55 -10.57
C PRO F 479 -30.11 -7.13 -10.97
N THR F 480 -30.13 -8.06 -11.92
CA THR F 480 -31.37 -8.74 -12.37
C THR F 480 -31.63 -9.95 -11.46
N PRO F 481 -32.83 -10.11 -10.86
CA PRO F 481 -33.14 -11.25 -9.99
C PRO F 481 -33.84 -12.38 -10.77
N PHE F 482 -33.61 -12.48 -12.08
CA PHE F 482 -34.22 -13.53 -12.95
C PHE F 482 -34.10 -14.90 -12.29
N ILE F 483 -32.98 -15.18 -11.61
CA ILE F 483 -32.71 -16.51 -10.98
C ILE F 483 -32.86 -16.39 -9.47
N SER F 484 -33.00 -17.51 -8.76
CA SER F 484 -33.12 -17.53 -7.28
C SER F 484 -31.98 -16.72 -6.67
N ASP F 485 -32.21 -16.04 -5.55
CA ASP F 485 -31.18 -15.21 -4.87
C ASP F 485 -29.87 -15.99 -4.77
N LYS F 486 -29.93 -17.30 -4.49
CA LYS F 486 -28.72 -18.14 -4.29
C LYS F 486 -27.81 -18.05 -5.52
N TYR F 487 -28.37 -18.18 -6.72
CA TYR F 487 -27.60 -18.17 -7.99
C TYR F 487 -27.42 -16.72 -8.44
N ALA F 488 -28.29 -15.81 -8.00
CA ALA F 488 -28.23 -14.38 -8.35
C ALA F 488 -27.14 -13.69 -7.53
N ASN F 489 -26.55 -14.39 -6.55
CA ASN F 489 -25.43 -13.83 -5.74
C ASN F 489 -24.19 -13.84 -6.64
N SER F 490 -24.07 -14.84 -7.52
CA SER F 490 -22.97 -14.92 -8.47
C SER F 490 -23.24 -14.16 -9.77
N VAL F 491 -24.30 -13.34 -9.80
CA VAL F 491 -24.66 -12.60 -11.01
C VAL F 491 -24.68 -11.12 -10.69
N ARG F 492 -24.40 -10.31 -11.71
CA ARG F 492 -24.53 -8.87 -11.63
C ARG F 492 -25.24 -8.36 -12.88
N THR F 493 -25.92 -7.23 -12.74
CA THR F 493 -26.36 -6.42 -13.87
C THR F 493 -26.00 -4.96 -13.66
N SER F 494 -25.49 -4.31 -14.70
CA SER F 494 -24.90 -2.98 -14.56
C SER F 494 -25.21 -2.14 -15.80
N PHE F 495 -25.26 -0.82 -15.59
CA PHE F 495 -25.51 0.15 -16.64
C PHE F 495 -24.40 1.21 -16.60
N PHE F 496 -23.83 1.53 -17.76
CA PHE F 496 -22.55 2.22 -17.79
C PHE F 496 -22.49 3.22 -18.94
N TRP F 497 -21.66 4.25 -18.74
CA TRP F 497 -21.30 5.24 -19.75
C TRP F 497 -19.79 5.25 -19.92
N ASP F 498 -19.34 5.47 -21.15
CA ASP F 498 -17.90 5.48 -21.44
C ASP F 498 -17.58 6.49 -22.54
N MET F 499 -16.34 6.97 -22.52
CA MET F 499 -15.76 7.77 -23.59
C MET F 499 -14.38 7.22 -23.96
N GLY F 500 -14.07 7.29 -25.25
CA GLY F 500 -12.88 6.66 -25.79
C GLY F 500 -12.48 7.30 -27.09
N THR F 501 -11.18 7.22 -27.40
CA THR F 501 -10.64 7.60 -28.71
C THR F 501 -9.89 6.43 -29.33
N VAL F 502 -10.06 6.27 -30.64
CA VAL F 502 -9.75 5.01 -31.30
C VAL F 502 -9.25 5.34 -32.71
N ILE F 524 -12.59 10.45 -31.41
CA ILE F 524 -13.18 10.40 -30.07
C ILE F 524 -14.68 10.13 -30.15
N ARG F 525 -15.16 9.27 -29.25
CA ARG F 525 -16.56 8.82 -29.28
C ARG F 525 -17.05 8.59 -27.86
N MET F 526 -18.37 8.73 -27.67
CA MET F 526 -19.03 8.49 -26.39
C MET F 526 -20.17 7.49 -26.57
N SER F 527 -20.45 6.72 -25.52
CA SER F 527 -21.31 5.54 -25.62
C SER F 527 -21.98 5.27 -24.28
N ALA F 528 -23.15 4.62 -24.33
CA ALA F 528 -23.83 4.06 -23.16
C ALA F 528 -24.20 2.60 -23.41
N GLY F 529 -24.23 1.81 -22.33
CA GLY F 529 -24.24 0.36 -22.46
C GLY F 529 -24.89 -0.36 -21.30
N ILE F 530 -25.41 -1.56 -21.58
CA ILE F 530 -26.01 -2.46 -20.60
C ILE F 530 -25.14 -3.71 -20.50
N ALA F 531 -24.86 -4.17 -19.27
CA ALA F 531 -24.01 -5.33 -19.05
C ALA F 531 -24.58 -6.35 -18.06
N LEU F 532 -24.46 -7.63 -18.42
CA LEU F 532 -24.72 -8.79 -17.56
C LEU F 532 -23.43 -9.56 -17.29
N GLN F 533 -23.18 -9.93 -16.04
CA GLN F 533 -22.00 -10.73 -15.70
C GLN F 533 -22.34 -12.00 -14.93
N TRP F 534 -21.54 -13.03 -15.15
CA TRP F 534 -21.62 -14.30 -14.41
C TRP F 534 -20.21 -14.86 -14.23
N MET F 535 -20.04 -15.66 -13.18
CA MET F 535 -18.79 -16.38 -12.93
C MET F 535 -19.01 -17.88 -12.94
N SER F 536 -17.98 -18.62 -13.37
CA SER F 536 -18.04 -20.09 -13.53
C SER F 536 -16.65 -20.67 -13.26
N PRO F 537 -16.42 -22.00 -13.34
CA PRO F 537 -15.06 -22.54 -13.23
C PRO F 537 -14.31 -22.17 -14.51
N LEU F 538 -15.01 -21.76 -15.58
CA LEU F 538 -14.39 -21.36 -16.83
C LEU F 538 -13.77 -19.97 -16.71
N GLY F 539 -14.04 -19.26 -15.63
CA GLY F 539 -13.69 -17.87 -15.47
C GLY F 539 -14.92 -16.97 -15.47
N PRO F 540 -14.72 -15.67 -15.70
CA PRO F 540 -15.86 -14.75 -15.70
C PRO F 540 -16.39 -14.44 -17.10
N LEU F 541 -17.71 -14.36 -17.22
CA LEU F 541 -18.39 -14.21 -18.51
C LEU F 541 -19.25 -12.95 -18.49
N VAL F 542 -19.25 -12.22 -19.60
CA VAL F 542 -20.01 -10.99 -19.74
C VAL F 542 -20.78 -11.02 -21.05
N PHE F 543 -22.02 -10.53 -21.02
CA PHE F 543 -22.80 -10.25 -22.22
C PHE F 543 -23.31 -8.81 -22.16
N SER F 544 -23.16 -8.06 -23.25
CA SER F 544 -23.26 -6.62 -23.19
C SER F 544 -23.87 -6.07 -24.47
N TYR F 545 -24.64 -4.99 -24.31
CA TYR F 545 -25.32 -4.31 -25.41
C TYR F 545 -25.14 -2.81 -25.25
N ALA F 546 -24.80 -2.12 -26.34
CA ALA F 546 -24.24 -0.78 -26.26
C ALA F 546 -24.62 0.03 -27.50
N GLN F 547 -24.68 1.35 -27.35
CA GLN F 547 -24.91 2.28 -28.46
C GLN F 547 -23.89 3.41 -28.42
N PRO F 548 -23.01 3.53 -29.43
CA PRO F 548 -22.11 4.70 -29.51
C PRO F 548 -22.81 5.91 -30.11
N PHE F 549 -22.89 6.99 -29.33
CA PHE F 549 -23.63 8.18 -29.75
C PHE F 549 -23.03 8.88 -30.96
N LYS F 550 -21.81 8.55 -31.36
CA LYS F 550 -21.23 9.13 -32.58
C LYS F 550 -21.69 8.41 -33.84
N LYS F 551 -22.44 7.33 -33.71
CA LYS F 551 -22.82 6.53 -34.86
C LYS F 551 -23.61 7.39 -35.85
N ALA F 557 -20.42 -0.98 -35.83
CA ALA F 557 -20.40 -0.48 -34.46
C ALA F 557 -20.41 -1.63 -33.45
N GLU F 558 -19.79 -1.42 -32.29
CA GLU F 558 -19.58 -2.47 -31.30
C GLU F 558 -20.84 -2.81 -30.50
N GLN F 559 -21.99 -2.87 -31.16
CA GLN F 559 -23.26 -2.71 -30.48
C GLN F 559 -23.66 -3.93 -29.66
N PHE F 560 -22.96 -5.05 -29.82
CA PHE F 560 -23.37 -6.30 -29.20
C PHE F 560 -22.12 -7.15 -28.98
N GLN F 561 -21.82 -7.43 -27.70
CA GLN F 561 -20.60 -8.14 -27.32
C GLN F 561 -20.84 -9.28 -26.33
N PHE F 562 -20.02 -10.32 -26.47
CA PHE F 562 -19.90 -11.43 -25.54
C PHE F 562 -18.41 -11.62 -25.25
N ASN F 563 -18.03 -11.74 -23.98
CA ASN F 563 -16.63 -11.63 -23.57
C ASN F 563 -16.29 -12.57 -22.42
N ILE F 564 -15.09 -13.15 -22.47
CA ILE F 564 -14.53 -13.95 -21.38
C ILE F 564 -13.09 -13.54 -21.14
N GLY F 565 -12.69 -13.48 -19.87
CA GLY F 565 -11.30 -13.17 -19.55
C GLY F 565 -10.84 -13.67 -18.19
N LYS F 566 -9.89 -14.61 -18.20
CA LYS F 566 -9.38 -15.24 -17.00
C LYS F 566 -7.87 -15.09 -16.92
N THR F 567 -7.35 -14.79 -15.74
CA THR F 567 -6.00 -15.22 -15.43
C THR F 567 -5.97 -16.73 -15.26
N TRP F 568 -4.78 -17.30 -15.34
CA TRP F 568 -4.69 -18.75 -15.48
C TRP F 568 -5.10 -19.40 -14.18
N UNK G 1 -14.97 3.36 -11.24
CA UNK G 1 -14.64 3.67 -12.66
C UNK G 1 -13.43 2.88 -13.12
N UNK G 2 -13.38 2.58 -14.41
CA UNK G 2 -12.30 1.78 -14.99
C UNK G 2 -11.83 2.44 -16.28
N UNK G 3 -10.52 2.61 -16.42
CA UNK G 3 -9.92 3.22 -17.59
C UNK G 3 -8.66 2.46 -17.97
N UNK G 4 -8.42 2.35 -19.27
CA UNK G 4 -7.26 1.61 -19.77
C UNK G 4 -6.81 2.24 -21.08
N UNK G 5 -5.51 2.12 -21.36
CA UNK G 5 -4.94 2.57 -22.61
C UNK G 5 -3.87 1.59 -23.06
N UNK G 6 -3.75 1.43 -24.37
CA UNK G 6 -2.88 0.43 -24.95
C UNK G 6 -2.44 0.88 -26.33
#